data_2RQV
#
_entry.id   2RQV
#
_entity_poly.entity_id   1
_entity_poly.type   'polypeptide(L)'
_entity_poly.pdbx_seq_one_letter_code
;GPLGSLYAIVLYDFKAEKADELTTYVGENLFICAHHNCEWFIAKPIGRLGGPGLVPVGFVSIIDIATGYATGNDVIEDIK
SVNLPTVQEWKSNIARYKASNISLGSVE
;
_entity_poly.pdbx_strand_id   A
#
# COMPACT_ATOMS: atom_id res chain seq x y z
N GLY A 1 -5.64 -15.42 10.17
CA GLY A 1 -4.86 -16.61 9.88
C GLY A 1 -4.37 -16.60 8.42
N PRO A 2 -5.35 -16.61 7.49
CA PRO A 2 -5.03 -16.60 6.07
C PRO A 2 -4.56 -15.22 5.62
N LEU A 3 -3.59 -15.22 4.71
CA LEU A 3 -3.05 -13.98 4.19
C LEU A 3 -3.11 -14.00 2.66
N GLY A 4 -2.56 -12.95 2.06
CA GLY A 4 -2.54 -12.84 0.61
C GLY A 4 -3.22 -11.55 0.16
N SER A 5 -3.87 -10.89 1.11
CA SER A 5 -4.56 -9.65 0.82
C SER A 5 -4.58 -8.77 2.06
N LEU A 6 -3.89 -7.63 1.97
CA LEU A 6 -3.82 -6.69 3.07
C LEU A 6 -4.60 -5.43 2.71
N TYR A 7 -5.09 -4.75 3.74
CA TYR A 7 -5.84 -3.53 3.54
C TYR A 7 -5.62 -2.55 4.70
N ALA A 8 -5.93 -1.29 4.44
CA ALA A 8 -5.77 -0.26 5.45
C ALA A 8 -7.04 0.59 5.50
N ILE A 9 -7.06 1.51 6.46
CA ILE A 9 -8.20 2.39 6.62
C ILE A 9 -7.71 3.82 6.88
N VAL A 10 -8.26 4.75 6.12
CA VAL A 10 -7.89 6.15 6.25
C VAL A 10 -8.65 6.76 7.43
N LEU A 11 -7.88 7.26 8.39
CA LEU A 11 -8.46 7.88 9.57
C LEU A 11 -8.44 9.40 9.41
N TYR A 12 -7.80 9.84 8.34
CA TYR A 12 -7.69 11.27 8.06
C TYR A 12 -7.64 11.53 6.55
N ASP A 13 -8.13 12.70 6.18
CA ASP A 13 -8.14 13.09 4.78
C ASP A 13 -6.74 13.56 4.36
N PHE A 14 -6.12 12.76 3.50
CA PHE A 14 -4.79 13.08 3.01
C PHE A 14 -4.85 14.07 1.84
N LYS A 15 -3.78 14.83 1.71
CA LYS A 15 -3.70 15.82 0.64
C LYS A 15 -2.41 15.58 -0.17
N ALA A 16 -2.61 15.24 -1.42
CA ALA A 16 -1.49 14.99 -2.32
C ALA A 16 -0.64 16.26 -2.44
N GLU A 17 0.62 16.12 -2.06
CA GLU A 17 1.55 17.23 -2.12
C GLU A 17 2.59 17.02 -3.22
N LYS A 18 3.13 15.80 -3.24
CA LYS A 18 4.13 15.46 -4.24
C LYS A 18 3.51 15.52 -5.62
N ALA A 19 4.33 15.22 -6.63
CA ALA A 19 3.88 15.24 -8.00
C ALA A 19 3.26 13.89 -8.35
N ASP A 20 3.53 12.91 -7.50
CA ASP A 20 3.01 11.58 -7.70
C ASP A 20 2.16 11.18 -6.50
N GLU A 21 1.90 12.16 -5.64
CA GLU A 21 1.10 11.92 -4.45
C GLU A 21 -0.38 11.84 -4.82
N LEU A 22 -1.12 11.09 -4.01
CA LEU A 22 -2.54 10.92 -4.24
C LEU A 22 -3.31 11.40 -2.99
N THR A 23 -4.47 11.97 -3.24
CA THR A 23 -5.30 12.47 -2.16
C THR A 23 -6.23 11.37 -1.64
N THR A 24 -6.62 11.52 -0.38
CA THR A 24 -7.49 10.54 0.25
C THR A 24 -8.59 11.25 1.05
N TYR A 25 -9.38 10.45 1.75
CA TYR A 25 -10.46 10.99 2.56
C TYR A 25 -10.47 10.35 3.95
N VAL A 26 -10.72 11.19 4.94
CA VAL A 26 -10.76 10.73 6.32
C VAL A 26 -11.78 9.59 6.44
N GLY A 27 -11.61 8.79 7.48
CA GLY A 27 -12.49 7.67 7.72
C GLY A 27 -12.88 6.98 6.40
N GLU A 28 -11.86 6.54 5.69
CA GLU A 28 -12.08 5.86 4.42
C GLU A 28 -11.48 4.46 4.46
N ASN A 29 -11.85 3.66 3.47
CA ASN A 29 -11.36 2.30 3.38
C ASN A 29 -10.58 2.13 2.07
N LEU A 30 -9.39 1.58 2.20
CA LEU A 30 -8.53 1.36 1.04
C LEU A 30 -7.53 0.25 1.36
N PHE A 31 -6.69 -0.05 0.37
CA PHE A 31 -5.69 -1.08 0.53
C PHE A 31 -4.31 -0.59 0.09
N ILE A 32 -3.29 -1.01 0.82
CA ILE A 32 -1.93 -0.61 0.52
C ILE A 32 -1.42 -1.46 -0.65
N CYS A 33 -0.65 -0.79 -1.51
CA CYS A 33 -0.09 -1.46 -2.68
C CYS A 33 1.39 -1.74 -2.41
N ALA A 34 1.95 -0.92 -1.53
CA ALA A 34 3.36 -1.06 -1.17
C ALA A 34 3.67 -0.17 0.03
N HIS A 35 4.92 -0.22 0.45
CA HIS A 35 5.36 0.57 1.58
C HIS A 35 6.81 1.03 1.37
N HIS A 36 7.08 2.26 1.79
CA HIS A 36 8.41 2.82 1.65
C HIS A 36 8.93 3.26 3.02
N ASN A 37 10.05 2.68 3.41
CA ASN A 37 10.66 3.00 4.68
C ASN A 37 9.62 2.80 5.80
N CYS A 38 8.71 1.88 5.57
CA CYS A 38 7.67 1.59 6.53
C CYS A 38 7.13 2.93 7.06
N GLU A 39 7.21 3.94 6.22
CA GLU A 39 6.75 5.27 6.59
C GLU A 39 5.72 5.77 5.57
N TRP A 40 5.96 5.43 4.31
CA TRP A 40 5.07 5.83 3.24
C TRP A 40 4.35 4.57 2.72
N PHE A 41 3.22 4.80 2.08
CA PHE A 41 2.44 3.71 1.53
C PHE A 41 2.05 3.98 0.08
N ILE A 42 1.93 2.91 -0.68
CA ILE A 42 1.57 3.02 -2.09
C ILE A 42 0.07 2.79 -2.24
N ALA A 43 -0.68 3.88 -2.13
CA ALA A 43 -2.12 3.80 -2.26
C ALA A 43 -2.49 3.53 -3.71
N LYS A 44 -3.74 3.12 -3.90
CA LYS A 44 -4.24 2.81 -5.24
C LYS A 44 -5.76 2.74 -5.21
N PRO A 45 -6.40 3.94 -5.29
CA PRO A 45 -7.85 4.02 -5.27
C PRO A 45 -8.44 3.57 -6.62
N ILE A 46 -9.67 3.08 -6.54
CA ILE A 46 -10.35 2.62 -7.75
C ILE A 46 -11.38 3.66 -8.17
N GLY A 47 -11.78 4.48 -7.21
CA GLY A 47 -12.76 5.52 -7.46
C GLY A 47 -12.42 6.29 -8.73
N ARG A 48 -11.13 6.36 -9.02
CA ARG A 48 -10.66 7.06 -10.20
C ARG A 48 -9.53 6.27 -10.88
N LEU A 49 -9.57 6.27 -12.20
CA LEU A 49 -8.57 5.55 -12.97
C LEU A 49 -7.23 6.30 -12.88
N GLY A 50 -6.39 5.80 -11.98
CA GLY A 50 -5.08 6.41 -11.78
C GLY A 50 -4.22 5.55 -10.84
N GLY A 51 -3.57 6.22 -9.90
CA GLY A 51 -2.72 5.53 -8.95
C GLY A 51 -1.73 4.62 -9.66
N PRO A 52 -0.85 3.97 -8.84
CA PRO A 52 -0.90 4.16 -7.40
C PRO A 52 -0.32 5.50 -7.00
N GLY A 53 -0.30 5.74 -5.69
CA GLY A 53 0.23 6.99 -5.17
C GLY A 53 0.85 6.78 -3.79
N LEU A 54 1.60 7.77 -3.36
CA LEU A 54 2.26 7.72 -2.05
C LEU A 54 1.37 8.39 -1.02
N VAL A 55 1.22 7.71 0.12
CA VAL A 55 0.40 8.23 1.20
C VAL A 55 1.11 7.98 2.53
N PRO A 56 0.78 8.84 3.53
CA PRO A 56 1.37 8.73 4.86
C PRO A 56 0.76 7.55 5.63
N VAL A 57 1.53 7.03 6.57
CA VAL A 57 1.07 5.92 7.39
C VAL A 57 0.17 6.44 8.50
N GLY A 58 0.50 7.64 8.97
CA GLY A 58 -0.28 8.26 10.04
C GLY A 58 -1.70 8.56 9.58
N PHE A 59 -1.91 8.43 8.27
CA PHE A 59 -3.21 8.68 7.69
C PHE A 59 -3.87 7.38 7.22
N VAL A 60 -3.37 6.28 7.76
CA VAL A 60 -3.89 4.97 7.40
C VAL A 60 -3.60 3.98 8.53
N SER A 61 -4.57 3.10 8.77
CA SER A 61 -4.42 2.10 9.81
C SER A 61 -4.78 0.72 9.27
N ILE A 62 -4.13 -0.29 9.83
CA ILE A 62 -4.37 -1.65 9.40
C ILE A 62 -5.23 -2.37 10.45
N ILE A 63 -6.30 -2.98 9.98
CA ILE A 63 -7.21 -3.69 10.86
C ILE A 63 -7.90 -4.81 10.08
N ASP A 64 -8.35 -5.81 10.82
CA ASP A 64 -9.03 -6.95 10.22
C ASP A 64 -10.52 -6.62 10.07
N ILE A 65 -11.19 -7.46 9.29
CA ILE A 65 -12.61 -7.29 9.05
C ILE A 65 -13.35 -7.16 10.40
N ALA A 66 -13.89 -5.97 10.63
CA ALA A 66 -14.61 -5.71 11.86
C ALA A 66 -15.28 -4.34 11.78
N THR A 67 -15.89 -3.95 12.88
CA THR A 67 -16.57 -2.66 12.95
C THR A 67 -15.60 -1.54 12.56
N GLY A 68 -14.40 -1.61 13.12
CA GLY A 68 -13.39 -0.61 12.83
C GLY A 68 -12.71 -0.15 14.13
N TYR A 69 -11.78 -0.96 14.59
CA TYR A 69 -11.04 -0.65 15.81
C TYR A 69 -9.57 -1.02 15.68
N ALA A 70 -8.79 -0.61 16.66
CA ALA A 70 -7.36 -0.89 16.66
C ALA A 70 -7.05 -1.94 17.73
N THR A 71 -6.63 -3.10 17.26
CA THR A 71 -6.29 -4.20 18.15
C THR A 71 -4.99 -3.90 18.90
N GLY A 72 -4.16 -3.09 18.26
CA GLY A 72 -2.88 -2.72 18.85
C GLY A 72 -1.71 -3.24 17.99
N ASN A 73 -2.07 -3.81 16.85
CA ASN A 73 -1.07 -4.35 15.95
C ASN A 73 -0.44 -3.20 15.16
N ASP A 74 0.43 -3.56 14.24
CA ASP A 74 1.11 -2.58 13.41
C ASP A 74 0.99 -2.98 11.93
N VAL A 75 1.38 -2.07 11.07
CA VAL A 75 1.32 -2.30 9.64
C VAL A 75 2.54 -3.13 9.22
N ILE A 76 3.66 -2.87 9.87
CA ILE A 76 4.89 -3.57 9.58
C ILE A 76 4.64 -5.07 9.68
N GLU A 77 4.05 -5.48 10.80
CA GLU A 77 3.75 -6.88 11.03
C GLU A 77 2.83 -7.42 9.94
N ASP A 78 1.93 -6.55 9.49
CA ASP A 78 0.99 -6.92 8.45
C ASP A 78 1.70 -6.88 7.09
N ILE A 79 2.77 -6.11 7.04
CA ILE A 79 3.54 -5.97 5.81
C ILE A 79 4.28 -7.28 5.53
N LYS A 80 4.74 -7.90 6.61
CA LYS A 80 5.47 -9.15 6.49
C LYS A 80 4.48 -10.31 6.33
N SER A 81 3.22 -10.00 6.61
CA SER A 81 2.16 -10.99 6.50
C SER A 81 1.72 -11.12 5.04
N VAL A 82 1.55 -9.97 4.40
CA VAL A 82 1.13 -9.95 3.01
C VAL A 82 2.36 -9.73 2.12
N ASN A 83 3.51 -10.12 2.65
CA ASN A 83 4.75 -9.98 1.92
C ASN A 83 4.77 -8.63 1.19
N LEU A 84 4.07 -7.67 1.78
CA LEU A 84 4.00 -6.34 1.20
C LEU A 84 5.40 -5.90 0.76
N PRO A 85 5.62 -5.96 -0.58
CA PRO A 85 6.90 -5.57 -1.13
C PRO A 85 7.06 -4.05 -1.13
N THR A 86 8.26 -3.61 -0.78
CA THR A 86 8.55 -2.19 -0.74
C THR A 86 8.30 -1.55 -2.10
N VAL A 87 7.90 -0.29 -2.06
CA VAL A 87 7.61 0.45 -3.29
C VAL A 87 8.82 0.36 -4.22
N GLN A 88 9.99 0.17 -3.61
CA GLN A 88 11.22 0.06 -4.37
C GLN A 88 11.33 -1.32 -5.01
N GLU A 89 10.83 -2.31 -4.31
CA GLU A 89 10.87 -3.68 -4.81
C GLU A 89 9.70 -3.93 -5.76
N TRP A 90 8.69 -3.09 -5.65
CA TRP A 90 7.51 -3.20 -6.49
C TRP A 90 7.84 -2.57 -7.85
N LYS A 91 8.30 -1.33 -7.78
CA LYS A 91 8.66 -0.60 -8.98
C LYS A 91 9.60 -1.46 -9.84
N SER A 92 10.34 -2.30 -9.16
CA SER A 92 11.30 -3.18 -9.83
C SER A 92 10.54 -4.29 -10.55
N ASN A 93 9.46 -4.73 -9.94
CA ASN A 93 8.63 -5.80 -10.52
C ASN A 93 7.81 -5.23 -11.66
N ILE A 94 7.58 -3.92 -11.60
CA ILE A 94 6.80 -3.24 -12.62
C ILE A 94 7.59 -3.23 -13.94
N ALA A 95 6.93 -3.67 -15.00
CA ALA A 95 7.55 -3.72 -16.30
C ALA A 95 8.53 -4.88 -16.35
N ARG A 96 8.56 -5.65 -15.27
CA ARG A 96 9.43 -6.80 -15.19
C ARG A 96 8.70 -8.06 -15.62
N TYR A 97 7.63 -8.37 -14.90
CA TYR A 97 6.84 -9.55 -15.20
C TYR A 97 5.67 -9.19 -16.14
N LYS A 98 4.91 -10.22 -16.51
CA LYS A 98 3.78 -10.04 -17.38
C LYS A 98 2.56 -10.74 -16.79
N ALA A 99 1.38 -10.22 -17.13
CA ALA A 99 0.15 -10.78 -16.63
C ALA A 99 0.20 -12.30 -16.75
N SER A 100 0.03 -12.96 -15.61
CA SER A 100 0.04 -14.41 -15.58
C SER A 100 -1.04 -14.93 -14.64
N ASN A 101 -1.11 -16.25 -14.53
CA ASN A 101 -2.10 -16.88 -13.68
C ASN A 101 -1.39 -17.80 -12.68
N ILE A 102 -1.90 -17.81 -11.46
CA ILE A 102 -1.33 -18.64 -10.41
C ILE A 102 -2.44 -19.48 -9.77
N SER A 103 -2.02 -20.59 -9.19
CA SER A 103 -2.97 -21.49 -8.54
C SER A 103 -3.74 -20.74 -7.45
N LEU A 104 -5.01 -21.10 -7.30
CA LEU A 104 -5.85 -20.49 -6.30
C LEU A 104 -6.70 -21.56 -5.62
N GLY A 105 -6.89 -21.37 -4.32
CA GLY A 105 -7.67 -22.31 -3.54
C GLY A 105 -9.16 -22.06 -3.72
N SER A 106 -9.94 -22.60 -2.78
CA SER A 106 -11.38 -22.44 -2.82
C SER A 106 -12.00 -22.89 -1.49
N VAL A 107 -12.90 -22.06 -0.99
CA VAL A 107 -13.57 -22.36 0.27
C VAL A 107 -14.71 -21.37 0.48
N GLU A 108 -15.94 -21.89 0.45
CA GLU A 108 -17.11 -21.05 0.64
C GLU A 108 -16.90 -20.11 1.82
N GLY A 1 -9.16 -15.86 8.11
CA GLY A 1 -8.52 -14.72 7.49
C GLY A 1 -7.32 -15.17 6.63
N PRO A 2 -7.61 -15.37 5.32
CA PRO A 2 -6.59 -15.80 4.38
C PRO A 2 -5.65 -14.64 4.03
N LEU A 3 -4.41 -14.99 3.75
CA LEU A 3 -3.42 -13.99 3.39
C LEU A 3 -3.40 -13.81 1.87
N GLY A 4 -2.48 -12.97 1.42
CA GLY A 4 -2.36 -12.70 0.00
C GLY A 4 -2.98 -11.35 -0.37
N SER A 5 -3.38 -10.63 0.67
CA SER A 5 -3.99 -9.32 0.48
C SER A 5 -3.91 -8.52 1.77
N LEU A 6 -3.86 -7.20 1.60
CA LEU A 6 -3.77 -6.31 2.75
C LEU A 6 -5.04 -5.46 2.83
N TYR A 7 -5.23 -4.82 3.97
CA TYR A 7 -6.39 -3.99 4.18
C TYR A 7 -6.11 -2.90 5.23
N ALA A 8 -6.17 -1.66 4.78
CA ALA A 8 -5.93 -0.53 5.66
C ALA A 8 -7.12 0.44 5.59
N ILE A 9 -7.13 1.37 6.53
CA ILE A 9 -8.19 2.36 6.59
C ILE A 9 -7.59 3.76 6.78
N VAL A 10 -8.02 4.68 5.93
CA VAL A 10 -7.53 6.04 6.01
C VAL A 10 -8.43 6.85 6.96
N LEU A 11 -7.84 7.22 8.09
CA LEU A 11 -8.57 7.99 9.09
C LEU A 11 -8.15 9.45 9.00
N TYR A 12 -7.47 9.78 7.91
CA TYR A 12 -7.00 11.14 7.68
C TYR A 12 -6.88 11.44 6.19
N ASP A 13 -7.32 12.64 5.83
CA ASP A 13 -7.27 13.07 4.44
C ASP A 13 -5.86 13.54 4.11
N PHE A 14 -5.17 12.72 3.32
CA PHE A 14 -3.81 13.04 2.92
C PHE A 14 -3.80 14.04 1.76
N LYS A 15 -2.91 15.01 1.87
CA LYS A 15 -2.79 16.04 0.84
C LYS A 15 -1.58 15.72 -0.04
N ALA A 16 -1.87 15.05 -1.15
CA ALA A 16 -0.82 14.68 -2.09
C ALA A 16 -0.09 15.95 -2.56
N GLU A 17 1.23 15.88 -2.54
CA GLU A 17 2.05 17.00 -2.97
C GLU A 17 2.92 16.60 -4.15
N LYS A 18 3.42 15.38 -4.09
CA LYS A 18 4.28 14.86 -5.16
C LYS A 18 3.46 14.73 -6.45
N ALA A 19 4.12 14.23 -7.48
CA ALA A 19 3.47 14.06 -8.76
C ALA A 19 2.75 12.70 -8.79
N ASP A 20 3.32 11.76 -8.04
CA ASP A 20 2.75 10.42 -7.97
C ASP A 20 1.83 10.33 -6.76
N GLU A 21 1.93 11.34 -5.91
CA GLU A 21 1.11 11.38 -4.70
C GLU A 21 -0.34 11.73 -5.05
N LEU A 22 -1.25 10.98 -4.46
CA LEU A 22 -2.67 11.20 -4.70
C LEU A 22 -3.32 11.72 -3.42
N THR A 23 -4.42 12.44 -3.60
CA THR A 23 -5.15 12.99 -2.47
C THR A 23 -6.24 12.02 -2.02
N THR A 24 -6.08 11.53 -0.80
CA THR A 24 -7.04 10.60 -0.23
C THR A 24 -8.10 11.35 0.60
N TYR A 25 -8.94 10.58 1.26
CA TYR A 25 -10.00 11.15 2.08
C TYR A 25 -10.10 10.41 3.41
N VAL A 26 -10.20 11.19 4.48
CA VAL A 26 -10.31 10.63 5.82
C VAL A 26 -11.56 9.76 5.89
N GLY A 27 -11.48 8.74 6.74
CA GLY A 27 -12.59 7.83 6.92
C GLY A 27 -12.81 6.98 5.66
N GLU A 28 -11.71 6.62 5.03
CA GLU A 28 -11.76 5.81 3.82
C GLU A 28 -11.16 4.44 4.08
N ASN A 29 -11.43 3.53 3.15
CA ASN A 29 -10.92 2.16 3.26
C ASN A 29 -10.24 1.78 1.95
N LEU A 30 -9.08 1.18 2.08
CA LEU A 30 -8.32 0.75 0.92
C LEU A 30 -7.18 -0.18 1.36
N PHE A 31 -6.62 -0.89 0.40
CA PHE A 31 -5.54 -1.81 0.68
C PHE A 31 -4.19 -1.19 0.33
N ILE A 32 -3.17 -1.59 1.10
CA ILE A 32 -1.83 -1.07 0.89
C ILE A 32 -1.20 -1.78 -0.32
N CYS A 33 -0.99 -1.01 -1.37
CA CYS A 33 -0.39 -1.55 -2.59
C CYS A 33 1.09 -1.79 -2.33
N ALA A 34 1.63 -0.99 -1.41
CA ALA A 34 3.04 -1.12 -1.07
C ALA A 34 3.34 -0.23 0.15
N HIS A 35 4.60 -0.27 0.57
CA HIS A 35 5.02 0.52 1.71
C HIS A 35 6.43 1.05 1.48
N HIS A 36 6.66 2.27 1.96
CA HIS A 36 7.96 2.90 1.81
C HIS A 36 8.49 3.30 3.19
N ASN A 37 9.66 2.77 3.50
CA ASN A 37 10.30 3.06 4.78
C ASN A 37 9.32 2.76 5.91
N CYS A 38 8.45 1.78 5.66
CA CYS A 38 7.46 1.38 6.64
C CYS A 38 6.88 2.65 7.27
N GLU A 39 6.87 3.71 6.48
CA GLU A 39 6.33 4.99 6.94
C GLU A 39 5.22 5.46 6.01
N TRP A 40 5.43 5.21 4.71
CA TRP A 40 4.45 5.61 3.72
C TRP A 40 3.83 4.34 3.13
N PHE A 41 2.67 4.52 2.51
CA PHE A 41 1.97 3.40 1.91
C PHE A 41 1.41 3.79 0.54
N ILE A 42 1.11 2.77 -0.25
CA ILE A 42 0.57 2.98 -1.58
C ILE A 42 -0.96 2.85 -1.54
N ALA A 43 -1.62 3.98 -1.68
CA ALA A 43 -3.07 4.00 -1.67
C ALA A 43 -3.59 4.06 -3.10
N LYS A 44 -4.89 3.83 -3.22
CA LYS A 44 -5.54 3.85 -4.54
C LYS A 44 -7.02 4.20 -4.37
N PRO A 45 -7.30 5.54 -4.46
CA PRO A 45 -8.66 6.02 -4.32
C PRO A 45 -9.48 5.72 -5.59
N ILE A 46 -10.59 6.43 -5.72
CA ILE A 46 -11.46 6.25 -6.86
C ILE A 46 -10.61 6.08 -8.12
N GLY A 47 -10.88 4.99 -8.84
CA GLY A 47 -10.16 4.70 -10.06
C GLY A 47 -9.86 5.99 -10.84
N ARG A 48 -8.58 6.30 -10.96
CA ARG A 48 -8.15 7.49 -11.68
C ARG A 48 -6.77 7.29 -12.28
N LEU A 49 -6.72 7.31 -13.61
CA LEU A 49 -5.47 7.12 -14.31
C LEU A 49 -4.40 8.04 -13.71
N GLY A 50 -3.64 7.49 -12.78
CA GLY A 50 -2.59 8.24 -12.11
C GLY A 50 -2.11 7.52 -10.86
N GLY A 51 -3.02 6.80 -10.24
CA GLY A 51 -2.69 6.05 -9.03
C GLY A 51 -1.82 4.84 -9.35
N PRO A 52 -1.39 4.13 -8.27
CA PRO A 52 -1.77 4.53 -6.93
C PRO A 52 -0.97 5.76 -6.48
N GLY A 53 -1.16 6.11 -5.21
CA GLY A 53 -0.46 7.26 -4.65
C GLY A 53 0.20 6.90 -3.32
N LEU A 54 0.98 7.84 -2.82
CA LEU A 54 1.67 7.65 -1.55
C LEU A 54 0.90 8.34 -0.43
N VAL A 55 0.74 7.63 0.68
CA VAL A 55 0.03 8.17 1.81
C VAL A 55 0.81 7.87 3.10
N PRO A 56 0.76 8.85 4.04
CA PRO A 56 1.46 8.71 5.30
C PRO A 56 0.75 7.72 6.22
N VAL A 57 1.54 6.90 6.89
CA VAL A 57 1.00 5.91 7.80
C VAL A 57 0.23 6.61 8.92
N GLY A 58 0.75 7.77 9.30
CA GLY A 58 0.12 8.56 10.35
C GLY A 58 -1.30 8.97 9.97
N PHE A 59 -1.61 8.78 8.69
CA PHE A 59 -2.93 9.12 8.19
C PHE A 59 -3.69 7.87 7.75
N VAL A 60 -3.21 6.73 8.24
CA VAL A 60 -3.84 5.46 7.91
C VAL A 60 -3.58 4.46 9.03
N SER A 61 -4.49 3.51 9.15
CA SER A 61 -4.37 2.48 10.18
C SER A 61 -4.75 1.12 9.61
N ILE A 62 -4.02 0.10 10.04
CA ILE A 62 -4.27 -1.25 9.58
C ILE A 62 -5.41 -1.87 10.39
N ILE A 63 -6.62 -1.69 9.89
CA ILE A 63 -7.80 -2.22 10.55
C ILE A 63 -8.86 -2.60 9.51
N ASP A 64 -9.40 -3.80 9.68
CA ASP A 64 -10.41 -4.29 8.75
C ASP A 64 -11.74 -4.39 9.49
N ILE A 65 -11.82 -3.70 10.61
CA ILE A 65 -13.03 -3.71 11.41
C ILE A 65 -13.97 -2.60 10.92
N ALA A 66 -13.37 -1.51 10.50
CA ALA A 66 -14.13 -0.37 10.01
C ALA A 66 -14.78 0.36 11.19
N THR A 67 -13.97 0.64 12.20
CA THR A 67 -14.45 1.32 13.38
C THR A 67 -13.50 2.45 13.77
N GLY A 68 -12.21 2.11 13.83
CA GLY A 68 -11.20 3.08 14.18
C GLY A 68 -10.29 2.55 15.30
N TYR A 69 -10.68 1.39 15.82
CA TYR A 69 -9.93 0.76 16.90
C TYR A 69 -8.79 -0.09 16.33
N ALA A 70 -8.04 -0.70 17.24
CA ALA A 70 -6.93 -1.54 16.86
C ALA A 70 -6.89 -2.79 17.76
N THR A 71 -6.29 -3.84 17.23
CA THR A 71 -6.19 -5.08 17.97
C THR A 71 -4.88 -5.13 18.76
N GLY A 72 -3.96 -4.27 18.36
CA GLY A 72 -2.66 -4.20 19.01
C GLY A 72 -1.53 -4.61 18.07
N ASN A 73 -1.93 -4.97 16.86
CA ASN A 73 -0.97 -5.38 15.85
C ASN A 73 -0.37 -4.15 15.18
N ASP A 74 0.58 -4.40 14.29
CA ASP A 74 1.24 -3.31 13.58
C ASP A 74 1.10 -3.55 12.07
N VAL A 75 1.51 -2.54 11.31
CA VAL A 75 1.45 -2.63 9.85
C VAL A 75 2.65 -3.43 9.35
N ILE A 76 3.80 -3.18 9.96
CA ILE A 76 5.01 -3.88 9.57
C ILE A 76 4.76 -5.38 9.55
N GLU A 77 4.15 -5.86 10.63
CA GLU A 77 3.84 -7.29 10.74
C GLU A 77 2.85 -7.70 9.64
N ASP A 78 1.98 -6.77 9.29
CA ASP A 78 0.99 -7.02 8.26
C ASP A 78 1.65 -6.95 6.89
N ILE A 79 2.86 -6.40 6.88
CA ILE A 79 3.60 -6.26 5.64
C ILE A 79 4.36 -7.56 5.35
N LYS A 80 4.76 -8.22 6.43
CA LYS A 80 5.49 -9.48 6.31
C LYS A 80 4.48 -10.62 6.14
N SER A 81 3.24 -10.34 6.51
CA SER A 81 2.19 -11.34 6.40
C SER A 81 1.87 -11.61 4.93
N VAL A 82 2.09 -10.59 4.11
CA VAL A 82 1.83 -10.70 2.68
C VAL A 82 3.09 -10.30 1.92
N ASN A 83 4.22 -10.37 2.61
CA ASN A 83 5.49 -10.01 2.00
C ASN A 83 5.30 -8.77 1.13
N LEU A 84 4.35 -7.94 1.53
CA LEU A 84 4.06 -6.72 0.80
C LEU A 84 5.37 -6.06 0.39
N PRO A 85 5.61 -6.03 -0.96
CA PRO A 85 6.82 -5.43 -1.49
C PRO A 85 6.74 -3.90 -1.45
N THR A 86 7.83 -3.30 -0.98
CA THR A 86 7.89 -1.86 -0.86
C THR A 86 7.65 -1.22 -2.24
N VAL A 87 7.12 0.00 -2.19
CA VAL A 87 6.83 0.73 -3.41
C VAL A 87 8.12 0.94 -4.20
N GLN A 88 9.24 0.91 -3.47
CA GLN A 88 10.53 1.09 -4.09
C GLN A 88 11.00 -0.22 -4.73
N GLU A 89 10.54 -1.32 -4.15
CA GLU A 89 10.90 -2.63 -4.66
C GLU A 89 9.94 -3.06 -5.78
N TRP A 90 8.75 -2.49 -5.73
CA TRP A 90 7.73 -2.79 -6.73
C TRP A 90 8.09 -2.04 -8.01
N LYS A 91 8.29 -0.74 -7.86
CA LYS A 91 8.65 0.10 -9.00
C LYS A 91 9.77 -0.56 -9.78
N SER A 92 10.59 -1.32 -9.07
CA SER A 92 11.71 -2.01 -9.69
C SER A 92 11.23 -3.29 -10.36
N ASN A 93 10.39 -4.02 -9.64
CA ASN A 93 9.85 -5.27 -10.15
C ASN A 93 9.01 -4.99 -11.39
N ILE A 94 8.66 -3.72 -11.56
CA ILE A 94 7.86 -3.31 -12.70
C ILE A 94 8.69 -3.42 -13.96
N ALA A 95 8.11 -4.08 -14.96
CA ALA A 95 8.79 -4.27 -16.23
C ALA A 95 8.81 -2.95 -16.99
N ARG A 96 9.81 -2.81 -17.86
CA ARG A 96 9.96 -1.61 -18.65
C ARG A 96 10.89 -1.86 -19.83
N TYR A 97 11.02 -0.85 -20.67
CA TYR A 97 11.87 -0.95 -21.84
C TYR A 97 13.11 -1.80 -21.56
N LYS A 98 13.16 -2.96 -22.19
CA LYS A 98 14.28 -3.86 -22.01
C LYS A 98 15.04 -4.01 -23.34
N ALA A 99 16.36 -3.89 -23.24
CA ALA A 99 17.19 -4.02 -24.42
C ALA A 99 17.31 -5.49 -24.81
N SER A 100 18.01 -5.71 -25.91
CA SER A 100 18.20 -7.06 -26.41
C SER A 100 19.01 -7.89 -25.40
N ASN A 101 18.53 -9.09 -25.14
CA ASN A 101 19.20 -9.97 -24.20
C ASN A 101 18.90 -11.43 -24.57
N ILE A 102 19.40 -12.34 -23.75
CA ILE A 102 19.18 -13.75 -23.98
C ILE A 102 18.25 -14.31 -22.90
N SER A 103 17.73 -15.49 -23.17
CA SER A 103 16.81 -16.13 -22.24
C SER A 103 17.58 -17.13 -21.37
N LEU A 104 16.83 -17.84 -20.53
CA LEU A 104 17.42 -18.83 -19.64
C LEU A 104 17.11 -20.23 -20.16
N GLY A 105 15.83 -20.57 -20.12
CA GLY A 105 15.38 -21.87 -20.59
C GLY A 105 13.96 -22.17 -20.11
N SER A 106 13.54 -23.41 -20.32
CA SER A 106 12.21 -23.83 -19.93
C SER A 106 12.30 -25.06 -19.02
N VAL A 107 11.59 -24.98 -17.90
CA VAL A 107 11.59 -26.08 -16.94
C VAL A 107 11.18 -27.37 -17.66
N GLU A 108 11.19 -28.46 -16.90
CA GLU A 108 10.82 -29.75 -17.44
C GLU A 108 9.38 -29.73 -17.95
N GLY A 1 -1.27 -18.13 6.12
CA GLY A 1 -0.14 -17.24 6.29
C GLY A 1 -0.08 -16.20 5.17
N PRO A 2 0.02 -16.72 3.92
CA PRO A 2 0.08 -15.86 2.75
C PRO A 2 -1.29 -15.26 2.43
N LEU A 3 -1.41 -13.97 2.70
CA LEU A 3 -2.66 -13.27 2.45
C LEU A 3 -2.67 -12.76 1.01
N GLY A 4 -1.47 -12.51 0.49
CA GLY A 4 -1.34 -12.02 -0.87
C GLY A 4 -2.20 -10.78 -1.10
N SER A 5 -2.58 -10.15 0.00
CA SER A 5 -3.41 -8.96 -0.07
C SER A 5 -3.41 -8.24 1.28
N LEU A 6 -3.65 -6.94 1.22
CA LEU A 6 -3.68 -6.13 2.42
C LEU A 6 -4.69 -5.00 2.26
N TYR A 7 -4.78 -4.18 3.28
CA TYR A 7 -5.71 -3.06 3.26
C TYR A 7 -5.39 -2.04 4.36
N ALA A 8 -5.54 -0.78 4.01
CA ALA A 8 -5.27 0.29 4.96
C ALA A 8 -6.39 1.34 4.89
N ILE A 9 -6.90 1.68 6.06
CA ILE A 9 -7.97 2.65 6.14
C ILE A 9 -7.39 4.01 6.56
N VAL A 10 -7.89 5.06 5.92
CA VAL A 10 -7.44 6.41 6.21
C VAL A 10 -8.31 7.01 7.31
N LEU A 11 -7.68 7.25 8.46
CA LEU A 11 -8.39 7.82 9.59
C LEU A 11 -8.20 9.34 9.58
N TYR A 12 -7.71 9.84 8.46
CA TYR A 12 -7.49 11.27 8.30
C TYR A 12 -7.45 11.67 6.83
N ASP A 13 -8.20 12.71 6.51
CA ASP A 13 -8.26 13.19 5.13
C ASP A 13 -6.84 13.48 4.64
N PHE A 14 -6.38 12.62 3.73
CA PHE A 14 -5.05 12.76 3.17
C PHE A 14 -5.04 13.82 2.07
N LYS A 15 -4.00 14.65 2.10
CA LYS A 15 -3.85 15.71 1.11
C LYS A 15 -2.63 15.42 0.25
N ALA A 16 -2.89 15.11 -1.01
CA ALA A 16 -1.82 14.81 -1.95
C ALA A 16 -0.94 16.06 -2.13
N GLU A 17 0.33 15.89 -1.83
CA GLU A 17 1.28 16.99 -1.96
C GLU A 17 2.34 16.66 -3.01
N LYS A 18 2.83 15.43 -2.94
CA LYS A 18 3.84 14.98 -3.87
C LYS A 18 3.30 15.07 -5.30
N ALA A 19 4.21 15.05 -6.26
CA ALA A 19 3.83 15.12 -7.66
C ALA A 19 3.12 13.83 -8.06
N ASP A 20 3.34 12.80 -7.26
CA ASP A 20 2.72 11.50 -7.52
C ASP A 20 1.94 11.06 -6.28
N GLU A 21 1.53 12.05 -5.50
CA GLU A 21 0.77 11.78 -4.29
C GLU A 21 -0.72 11.63 -4.63
N LEU A 22 -1.43 10.95 -3.72
CA LEU A 22 -2.86 10.74 -3.91
C LEU A 22 -3.62 11.45 -2.79
N THR A 23 -4.83 11.88 -3.11
CA THR A 23 -5.67 12.56 -2.15
C THR A 23 -6.82 11.66 -1.71
N THR A 24 -7.09 11.69 -0.41
CA THR A 24 -8.15 10.88 0.15
C THR A 24 -8.97 11.69 1.16
N TYR A 25 -9.75 10.99 1.96
CA TYR A 25 -10.57 11.62 2.97
C TYR A 25 -10.59 10.81 4.26
N VAL A 26 -10.76 11.52 5.36
CA VAL A 26 -10.80 10.89 6.66
C VAL A 26 -11.70 9.66 6.60
N GLY A 27 -11.46 8.74 7.52
CA GLY A 27 -12.23 7.50 7.58
C GLY A 27 -12.58 7.01 6.17
N GLU A 28 -11.53 6.66 5.44
CA GLU A 28 -11.70 6.15 4.08
C GLU A 28 -11.10 4.77 3.94
N ASN A 29 -11.61 4.03 2.96
CA ASN A 29 -11.14 2.67 2.72
C ASN A 29 -10.18 2.69 1.52
N LEU A 30 -8.99 2.14 1.75
CA LEU A 30 -7.98 2.08 0.71
C LEU A 30 -7.16 0.79 0.87
N PHE A 31 -6.62 0.33 -0.25
CA PHE A 31 -5.81 -0.88 -0.24
C PHE A 31 -4.35 -0.56 -0.54
N ILE A 32 -3.48 -1.11 0.29
CA ILE A 32 -2.05 -0.90 0.14
C ILE A 32 -1.53 -1.78 -1.00
N CYS A 33 -0.79 -1.15 -1.91
CA CYS A 33 -0.23 -1.85 -3.05
C CYS A 33 1.25 -2.06 -2.80
N ALA A 34 1.81 -1.19 -1.98
CA ALA A 34 3.23 -1.26 -1.65
C ALA A 34 3.50 -0.39 -0.42
N HIS A 35 4.73 -0.51 0.09
CA HIS A 35 5.13 0.26 1.25
C HIS A 35 6.57 0.75 1.07
N HIS A 36 6.83 1.92 1.59
CA HIS A 36 8.15 2.52 1.49
C HIS A 36 8.69 2.84 2.90
N ASN A 37 9.79 2.19 3.24
CA ASN A 37 10.40 2.39 4.54
C ASN A 37 9.35 2.15 5.63
N CYS A 38 8.43 1.25 5.34
CA CYS A 38 7.38 0.91 6.27
C CYS A 38 6.86 2.21 6.89
N GLU A 39 6.96 3.28 6.12
CA GLU A 39 6.52 4.59 6.58
C GLU A 39 5.47 5.16 5.62
N TRP A 40 5.68 4.88 4.34
CA TRP A 40 4.77 5.35 3.32
C TRP A 40 4.09 4.13 2.69
N PHE A 41 2.95 4.39 2.05
CA PHE A 41 2.19 3.33 1.41
C PHE A 41 1.83 3.71 -0.02
N ILE A 42 1.57 2.68 -0.83
CA ILE A 42 1.21 2.89 -2.22
C ILE A 42 -0.29 2.70 -2.39
N ALA A 43 -0.97 3.80 -2.68
CA ALA A 43 -2.41 3.76 -2.87
C ALA A 43 -2.73 3.70 -4.36
N LYS A 44 -3.89 3.15 -4.67
CA LYS A 44 -4.32 3.03 -6.04
C LYS A 44 -5.83 3.27 -6.14
N PRO A 45 -6.27 3.71 -7.34
CA PRO A 45 -7.68 3.99 -7.57
C PRO A 45 -8.48 2.69 -7.72
N ILE A 46 -9.79 2.81 -7.57
CA ILE A 46 -10.66 1.66 -7.69
C ILE A 46 -10.72 1.21 -9.15
N GLY A 47 -10.37 2.13 -10.04
CA GLY A 47 -10.37 1.84 -11.46
C GLY A 47 -10.44 3.13 -12.28
N ARG A 48 -9.49 4.02 -11.99
CA ARG A 48 -9.43 5.30 -12.69
C ARG A 48 -7.98 5.79 -12.77
N LEU A 49 -7.83 6.98 -13.31
CA LEU A 49 -6.51 7.58 -13.45
C LEU A 49 -6.13 8.27 -12.13
N GLY A 50 -5.00 7.86 -11.58
CA GLY A 50 -4.52 8.43 -10.35
C GLY A 50 -3.25 7.72 -9.86
N GLY A 51 -3.45 6.78 -8.96
CA GLY A 51 -2.35 6.01 -8.42
C GLY A 51 -1.45 5.47 -9.53
N PRO A 52 -0.39 4.72 -9.11
CA PRO A 52 -0.17 4.48 -7.70
C PRO A 52 0.40 5.72 -7.01
N GLY A 53 -0.29 6.14 -5.95
CA GLY A 53 0.13 7.30 -5.20
C GLY A 53 0.76 6.90 -3.87
N LEU A 54 1.32 7.89 -3.19
CA LEU A 54 1.96 7.66 -1.91
C LEU A 54 1.06 8.20 -0.79
N VAL A 55 0.96 7.41 0.27
CA VAL A 55 0.14 7.80 1.41
C VAL A 55 0.94 7.58 2.70
N PRO A 56 0.81 8.56 3.63
CA PRO A 56 1.51 8.49 4.90
C PRO A 56 0.85 7.47 5.83
N VAL A 57 1.67 6.80 6.60
CA VAL A 57 1.18 5.79 7.54
C VAL A 57 0.55 6.50 8.75
N GLY A 58 0.95 7.75 8.94
CA GLY A 58 0.43 8.54 10.05
C GLY A 58 -0.99 9.02 9.75
N PHE A 59 -1.42 8.79 8.52
CA PHE A 59 -2.75 9.19 8.10
C PHE A 59 -3.63 7.97 7.81
N VAL A 60 -2.99 6.81 7.75
CA VAL A 60 -3.69 5.57 7.49
C VAL A 60 -3.33 4.54 8.56
N SER A 61 -4.17 3.52 8.66
CA SER A 61 -3.96 2.47 9.64
C SER A 61 -4.52 1.15 9.12
N ILE A 62 -3.93 0.06 9.60
CA ILE A 62 -4.36 -1.27 9.19
C ILE A 62 -5.34 -1.82 10.23
N ILE A 63 -6.54 -2.13 9.76
CA ILE A 63 -7.57 -2.67 10.63
C ILE A 63 -8.49 -3.59 9.82
N ASP A 64 -9.14 -4.50 10.54
CA ASP A 64 -10.03 -5.45 9.91
C ASP A 64 -11.43 -4.81 9.77
N ILE A 65 -11.97 -4.44 10.92
CA ILE A 65 -13.30 -3.82 10.94
C ILE A 65 -13.40 -2.89 12.15
N ALA A 66 -13.48 -1.61 11.87
CA ALA A 66 -13.58 -0.62 12.93
C ALA A 66 -13.81 0.77 12.31
N THR A 67 -14.78 1.48 12.86
CA THR A 67 -15.10 2.81 12.36
C THR A 67 -13.89 3.72 12.46
N GLY A 68 -13.05 3.45 13.44
CA GLY A 68 -11.84 4.24 13.65
C GLY A 68 -11.14 3.83 14.95
N TYR A 69 -10.65 2.60 14.95
CA TYR A 69 -9.95 2.07 16.11
C TYR A 69 -8.69 1.30 15.69
N ALA A 70 -8.05 0.71 16.68
CA ALA A 70 -6.85 -0.07 16.44
C ALA A 70 -6.67 -1.10 17.56
N THR A 71 -6.86 -2.35 17.20
CA THR A 71 -6.72 -3.44 18.15
C THR A 71 -5.45 -3.27 18.97
N GLY A 72 -4.35 -3.01 18.27
CA GLY A 72 -3.07 -2.82 18.93
C GLY A 72 -1.92 -3.17 17.98
N ASN A 73 -2.24 -3.99 16.99
CA ASN A 73 -1.24 -4.42 16.01
C ASN A 73 -0.74 -3.19 15.24
N ASP A 74 0.10 -3.45 14.27
CA ASP A 74 0.66 -2.39 13.46
C ASP A 74 0.61 -2.79 11.98
N VAL A 75 1.05 -1.87 11.13
CA VAL A 75 1.05 -2.12 9.70
C VAL A 75 2.27 -2.97 9.33
N ILE A 76 3.35 -2.75 10.09
CA ILE A 76 4.58 -3.47 9.86
C ILE A 76 4.31 -4.97 9.98
N GLU A 77 3.65 -5.34 11.07
CA GLU A 77 3.32 -6.73 11.33
C GLU A 77 2.46 -7.29 10.19
N ASP A 78 1.69 -6.39 9.58
CA ASP A 78 0.81 -6.78 8.50
C ASP A 78 1.63 -6.87 7.19
N ILE A 79 2.66 -6.04 7.12
CA ILE A 79 3.52 -6.01 5.95
C ILE A 79 4.39 -7.27 5.95
N LYS A 80 4.84 -7.64 7.13
CA LYS A 80 5.69 -8.82 7.28
C LYS A 80 4.83 -10.08 7.18
N SER A 81 3.59 -9.95 7.65
CA SER A 81 2.67 -11.07 7.61
C SER A 81 2.52 -11.59 6.17
N VAL A 82 2.48 -10.64 5.24
CA VAL A 82 2.35 -10.98 3.84
C VAL A 82 3.59 -10.48 3.08
N ASN A 83 4.61 -10.12 3.84
CA ASN A 83 5.84 -9.63 3.25
C ASN A 83 5.51 -8.72 2.07
N LEU A 84 4.52 -7.87 2.29
CA LEU A 84 4.11 -6.93 1.26
C LEU A 84 5.34 -6.37 0.55
N PRO A 85 5.20 -6.24 -0.80
CA PRO A 85 6.30 -5.71 -1.61
C PRO A 85 6.44 -4.21 -1.44
N THR A 86 7.69 -3.77 -1.35
CA THR A 86 7.98 -2.35 -1.19
C THR A 86 7.76 -1.61 -2.49
N VAL A 87 7.43 -0.33 -2.36
CA VAL A 87 7.18 0.51 -3.53
C VAL A 87 8.39 0.42 -4.48
N GLN A 88 9.53 0.05 -3.90
CA GLN A 88 10.75 -0.06 -4.67
C GLN A 88 10.84 -1.46 -5.30
N GLU A 89 10.65 -2.47 -4.46
CA GLU A 89 10.71 -3.84 -4.91
C GLU A 89 9.68 -4.08 -6.01
N TRP A 90 8.60 -3.32 -5.94
CA TRP A 90 7.52 -3.44 -6.92
C TRP A 90 7.94 -2.66 -8.17
N LYS A 91 8.01 -1.35 -8.03
CA LYS A 91 8.39 -0.49 -9.13
C LYS A 91 9.69 -1.01 -9.75
N SER A 92 10.43 -1.76 -8.95
CA SER A 92 11.69 -2.32 -9.41
C SER A 92 11.43 -3.40 -10.46
N ASN A 93 10.68 -4.41 -10.06
CA ASN A 93 10.35 -5.51 -10.95
C ASN A 93 9.60 -4.96 -12.16
N ILE A 94 8.96 -3.81 -11.96
CA ILE A 94 8.20 -3.18 -13.02
C ILE A 94 9.17 -2.46 -13.96
N ALA A 95 8.71 -2.29 -15.20
CA ALA A 95 9.52 -1.62 -16.21
C ALA A 95 10.17 -0.38 -15.59
N ARG A 96 11.28 0.03 -16.20
CA ARG A 96 12.01 1.19 -15.73
C ARG A 96 13.30 1.36 -16.51
N TYR A 97 14.10 2.33 -16.09
CA TYR A 97 15.36 2.62 -16.74
C TYR A 97 16.52 2.59 -15.74
N LYS A 98 17.73 2.68 -16.27
CA LYS A 98 18.91 2.66 -15.45
C LYS A 98 19.32 4.11 -15.11
N ALA A 99 19.20 4.96 -16.10
CA ALA A 99 19.54 6.37 -15.93
C ALA A 99 18.59 7.23 -16.77
N SER A 100 18.27 8.39 -16.23
CA SER A 100 17.37 9.31 -16.91
C SER A 100 18.11 10.61 -17.24
N ASN A 101 17.52 11.37 -18.16
CA ASN A 101 18.11 12.63 -18.57
C ASN A 101 17.41 13.78 -17.85
N ILE A 102 16.73 13.43 -16.76
CA ILE A 102 16.02 14.42 -15.99
C ILE A 102 16.92 14.92 -14.86
N SER A 103 18.21 14.67 -15.02
CA SER A 103 19.19 15.08 -14.01
C SER A 103 19.83 16.41 -14.43
N LEU A 104 19.99 17.29 -13.45
CA LEU A 104 20.59 18.58 -13.70
C LEU A 104 21.80 18.77 -12.80
N GLY A 105 22.77 19.54 -13.29
CA GLY A 105 23.98 19.80 -12.53
C GLY A 105 23.73 20.84 -11.44
N SER A 106 23.01 20.41 -10.42
CA SER A 106 22.70 21.29 -9.31
C SER A 106 23.87 21.33 -8.32
N VAL A 107 24.19 22.54 -7.87
CA VAL A 107 25.29 22.72 -6.93
C VAL A 107 24.92 23.84 -5.95
N GLU A 108 25.09 23.53 -4.67
CA GLU A 108 24.79 24.50 -3.63
C GLU A 108 23.29 24.84 -3.64
N GLY A 1 -5.49 -20.00 5.97
CA GLY A 1 -4.40 -20.84 5.49
C GLY A 1 -3.31 -19.99 4.83
N PRO A 2 -3.55 -19.67 3.53
CA PRO A 2 -2.60 -18.87 2.77
C PRO A 2 -2.67 -17.39 3.18
N LEU A 3 -1.80 -16.60 2.57
CA LEU A 3 -1.76 -15.17 2.87
C LEU A 3 -1.88 -14.39 1.57
N GLY A 4 -2.68 -13.32 1.63
CA GLY A 4 -2.89 -12.47 0.48
C GLY A 4 -4.03 -11.49 0.72
N SER A 5 -3.85 -10.68 1.76
CA SER A 5 -4.86 -9.69 2.12
C SER A 5 -4.28 -8.69 3.12
N LEU A 6 -4.29 -7.43 2.73
CA LEU A 6 -3.78 -6.37 3.57
C LEU A 6 -4.27 -5.02 3.05
N TYR A 7 -4.95 -4.29 3.94
CA TYR A 7 -5.48 -2.99 3.59
C TYR A 7 -5.25 -1.98 4.71
N ALA A 8 -5.43 -0.71 4.38
CA ALA A 8 -5.24 0.35 5.35
C ALA A 8 -6.51 1.21 5.40
N ILE A 9 -6.75 1.78 6.57
CA ILE A 9 -7.92 2.63 6.77
C ILE A 9 -7.47 4.07 7.00
N VAL A 10 -7.96 4.96 6.15
CA VAL A 10 -7.62 6.36 6.25
C VAL A 10 -8.40 7.00 7.40
N LEU A 11 -7.68 7.74 8.22
CA LEU A 11 -8.30 8.40 9.36
C LEU A 11 -8.32 9.92 9.12
N TYR A 12 -7.57 10.32 8.10
CA TYR A 12 -7.49 11.73 7.76
C TYR A 12 -7.41 11.92 6.25
N ASP A 13 -7.92 13.07 5.79
CA ASP A 13 -7.91 13.38 4.38
C ASP A 13 -6.52 13.86 3.96
N PHE A 14 -5.80 12.98 3.29
CA PHE A 14 -4.46 13.30 2.84
C PHE A 14 -4.49 14.12 1.55
N LYS A 15 -4.13 15.38 1.69
CA LYS A 15 -4.11 16.29 0.54
C LYS A 15 -2.83 16.08 -0.24
N ALA A 16 -2.92 15.24 -1.26
CA ALA A 16 -1.77 14.94 -2.11
C ALA A 16 -1.04 16.25 -2.43
N GLU A 17 0.24 16.27 -2.11
CA GLU A 17 1.06 17.45 -2.37
C GLU A 17 2.21 17.08 -3.31
N LYS A 18 2.77 15.90 -3.10
CA LYS A 18 3.87 15.44 -3.93
C LYS A 18 3.39 15.28 -5.38
N ALA A 19 4.36 15.16 -6.27
CA ALA A 19 4.06 15.02 -7.69
C ALA A 19 3.46 13.62 -7.93
N ASP A 20 3.77 12.72 -7.01
CA ASP A 20 3.27 11.36 -7.11
C ASP A 20 2.38 11.05 -5.91
N GLU A 21 1.82 12.11 -5.35
CA GLU A 21 0.94 11.96 -4.19
C GLU A 21 -0.51 11.81 -4.64
N LEU A 22 -1.26 11.04 -3.87
CA LEU A 22 -2.66 10.81 -4.18
C LEU A 22 -3.53 11.33 -3.02
N THR A 23 -4.68 11.88 -3.37
CA THR A 23 -5.59 12.39 -2.37
C THR A 23 -6.44 11.26 -1.77
N THR A 24 -6.71 11.38 -0.49
CA THR A 24 -7.49 10.38 0.22
C THR A 24 -8.60 11.05 1.03
N TYR A 25 -9.34 10.22 1.76
CA TYR A 25 -10.42 10.71 2.59
C TYR A 25 -10.32 10.16 4.01
N VAL A 26 -10.92 10.90 4.94
CA VAL A 26 -10.89 10.50 6.34
C VAL A 26 -11.75 9.24 6.51
N GLY A 27 -11.45 8.49 7.56
CA GLY A 27 -12.18 7.27 7.84
C GLY A 27 -12.53 6.53 6.56
N GLU A 28 -11.50 6.25 5.76
CA GLU A 28 -11.69 5.55 4.50
C GLU A 28 -11.01 4.18 4.55
N ASN A 29 -11.36 3.35 3.58
CA ASN A 29 -10.78 2.02 3.50
C ASN A 29 -10.18 1.81 2.11
N LEU A 30 -8.88 1.53 2.10
CA LEU A 30 -8.17 1.31 0.85
C LEU A 30 -7.18 0.17 1.02
N PHE A 31 -6.65 -0.29 -0.10
CA PHE A 31 -5.69 -1.38 -0.08
C PHE A 31 -4.28 -0.87 -0.41
N ILE A 32 -3.31 -1.34 0.37
CA ILE A 32 -1.93 -0.94 0.17
C ILE A 32 -1.35 -1.72 -1.01
N CYS A 33 -0.83 -0.97 -1.96
CA CYS A 33 -0.24 -1.57 -3.15
C CYS A 33 1.24 -1.84 -2.86
N ALA A 34 1.77 -1.10 -1.90
CA ALA A 34 3.16 -1.26 -1.52
C ALA A 34 3.44 -0.42 -0.26
N HIS A 35 4.68 -0.48 0.19
CA HIS A 35 5.09 0.26 1.37
C HIS A 35 6.54 0.73 1.20
N HIS A 36 6.85 1.83 1.89
CA HIS A 36 8.18 2.39 1.82
C HIS A 36 8.69 2.69 3.24
N ASN A 37 9.76 2.00 3.60
CA ASN A 37 10.34 2.18 4.92
C ASN A 37 9.30 1.85 5.99
N CYS A 38 8.26 1.15 5.56
CA CYS A 38 7.20 0.76 6.46
C CYS A 38 6.59 2.03 7.07
N GLU A 39 6.87 3.15 6.41
CA GLU A 39 6.36 4.43 6.87
C GLU A 39 5.39 5.02 5.85
N TRP A 40 5.66 4.74 4.59
CA TRP A 40 4.82 5.22 3.51
C TRP A 40 4.12 4.02 2.86
N PHE A 41 3.02 4.32 2.19
CA PHE A 41 2.25 3.28 1.54
C PHE A 41 1.86 3.70 0.12
N ILE A 42 1.46 2.71 -0.67
CA ILE A 42 1.06 2.96 -2.04
C ILE A 42 -0.47 2.86 -2.15
N ALA A 43 -1.08 3.95 -2.57
CA ALA A 43 -2.52 4.00 -2.72
C ALA A 43 -2.88 3.96 -4.21
N LYS A 44 -4.14 3.64 -4.48
CA LYS A 44 -4.62 3.56 -5.84
C LYS A 44 -6.13 3.81 -5.86
N PRO A 45 -6.50 5.11 -5.97
CA PRO A 45 -7.90 5.50 -5.99
C PRO A 45 -8.52 5.18 -7.36
N ILE A 46 -9.15 4.02 -7.43
CA ILE A 46 -9.79 3.58 -8.67
C ILE A 46 -10.95 4.53 -8.98
N GLY A 47 -11.40 4.47 -10.23
CA GLY A 47 -12.50 5.30 -10.67
C GLY A 47 -12.03 6.32 -11.70
N ARG A 48 -10.87 6.89 -11.44
CA ARG A 48 -10.30 7.88 -12.33
C ARG A 48 -8.89 7.48 -12.76
N LEU A 49 -8.28 8.32 -13.58
CA LEU A 49 -6.94 8.05 -14.06
C LEU A 49 -5.93 8.81 -13.19
N GLY A 50 -5.72 8.28 -11.99
CA GLY A 50 -4.78 8.90 -11.07
C GLY A 50 -4.27 7.87 -10.05
N GLY A 51 -2.98 7.60 -10.14
CA GLY A 51 -2.36 6.64 -9.25
C GLY A 51 -1.46 5.66 -10.01
N PRO A 52 -0.79 4.76 -9.24
CA PRO A 52 -0.94 4.76 -7.79
C PRO A 52 -0.18 5.93 -7.16
N GLY A 53 -0.57 6.25 -5.94
CA GLY A 53 0.08 7.35 -5.22
C GLY A 53 0.69 6.85 -3.92
N LEU A 54 1.15 7.80 -3.11
CA LEU A 54 1.77 7.47 -1.84
C LEU A 54 0.83 7.89 -0.71
N VAL A 55 1.00 7.22 0.42
CA VAL A 55 0.17 7.50 1.59
C VAL A 55 0.94 7.12 2.86
N PRO A 56 1.18 8.14 3.72
CA PRO A 56 1.89 7.92 4.96
C PRO A 56 1.00 7.21 5.99
N VAL A 57 1.67 6.56 6.93
CA VAL A 57 0.95 5.84 7.98
C VAL A 57 0.25 6.84 8.89
N GLY A 58 0.67 8.09 8.78
CA GLY A 58 0.11 9.16 9.59
C GLY A 58 -1.31 9.51 9.12
N PHE A 59 -1.72 8.84 8.06
CA PHE A 59 -3.04 9.07 7.50
C PHE A 59 -3.75 7.75 7.19
N VAL A 60 -3.16 6.67 7.69
CA VAL A 60 -3.72 5.35 7.49
C VAL A 60 -3.40 4.46 8.69
N SER A 61 -4.36 3.61 9.03
CA SER A 61 -4.18 2.71 10.16
C SER A 61 -4.49 1.27 9.73
N ILE A 62 -3.89 0.33 10.45
CA ILE A 62 -4.08 -1.08 10.16
C ILE A 62 -4.97 -1.70 11.23
N ILE A 63 -5.84 -2.60 10.79
CA ILE A 63 -6.76 -3.27 11.69
C ILE A 63 -6.92 -4.73 11.26
N ASP A 64 -7.33 -5.55 12.20
CA ASP A 64 -7.54 -6.96 11.92
C ASP A 64 -8.84 -7.42 12.58
N ILE A 65 -9.68 -8.04 11.76
CA ILE A 65 -10.97 -8.53 12.24
C ILE A 65 -11.60 -7.49 13.17
N ALA A 66 -11.53 -6.24 12.73
CA ALA A 66 -12.08 -5.14 13.50
C ALA A 66 -12.88 -4.22 12.58
N THR A 67 -14.04 -3.82 13.06
CA THR A 67 -14.91 -2.94 12.29
C THR A 67 -14.57 -1.48 12.58
N GLY A 68 -13.48 -1.03 11.99
CA GLY A 68 -13.04 0.35 12.18
C GLY A 68 -12.07 0.46 13.36
N TYR A 69 -12.25 -0.45 14.32
CA TYR A 69 -11.40 -0.46 15.49
C TYR A 69 -10.06 -1.13 15.20
N ALA A 70 -9.26 -1.25 16.25
CA ALA A 70 -7.95 -1.87 16.11
C ALA A 70 -7.76 -2.90 17.23
N THR A 71 -7.00 -3.94 16.92
CA THR A 71 -6.74 -5.00 17.88
C THR A 71 -5.46 -4.71 18.65
N GLY A 72 -4.66 -3.81 18.10
CA GLY A 72 -3.41 -3.43 18.73
C GLY A 72 -2.21 -3.82 17.86
N ASN A 73 -2.52 -4.46 16.74
CA ASN A 73 -1.49 -4.90 15.82
C ASN A 73 -0.87 -3.68 15.15
N ASP A 74 0.20 -3.93 14.40
CA ASP A 74 0.89 -2.86 13.70
C ASP A 74 0.86 -3.13 12.19
N VAL A 75 1.24 -2.11 11.43
CA VAL A 75 1.25 -2.23 9.98
C VAL A 75 2.50 -3.01 9.56
N ILE A 76 3.57 -2.81 10.29
CA ILE A 76 4.83 -3.48 10.00
C ILE A 76 4.60 -4.99 9.99
N GLU A 77 3.98 -5.47 11.07
CA GLU A 77 3.70 -6.89 11.20
C GLU A 77 2.72 -7.34 10.11
N ASP A 78 1.85 -6.43 9.73
CA ASP A 78 0.86 -6.71 8.70
C ASP A 78 1.57 -6.84 7.34
N ILE A 79 2.59 -6.02 7.17
CA ILE A 79 3.35 -6.02 5.93
C ILE A 79 4.13 -7.34 5.82
N LYS A 80 4.71 -7.74 6.94
CA LYS A 80 5.48 -8.97 6.99
C LYS A 80 4.51 -10.16 6.97
N SER A 81 3.29 -9.89 7.36
CA SER A 81 2.26 -10.92 7.40
C SER A 81 1.95 -11.40 5.98
N VAL A 82 1.94 -10.45 5.06
CA VAL A 82 1.66 -10.76 3.67
C VAL A 82 2.89 -10.45 2.82
N ASN A 83 4.00 -10.22 3.51
CA ASN A 83 5.24 -9.91 2.83
C ASN A 83 4.96 -8.97 1.65
N LEU A 84 4.13 -7.98 1.91
CA LEU A 84 3.77 -7.01 0.89
C LEU A 84 5.05 -6.44 0.26
N PRO A 85 4.97 -6.20 -1.08
CA PRO A 85 6.11 -5.67 -1.80
C PRO A 85 6.29 -4.17 -1.51
N THR A 86 7.52 -3.72 -1.66
CA THR A 86 7.83 -2.31 -1.42
C THR A 86 7.77 -1.52 -2.72
N VAL A 87 7.27 -0.31 -2.61
CA VAL A 87 7.15 0.56 -3.77
C VAL A 87 8.46 0.55 -4.56
N GLN A 88 9.54 0.24 -3.84
CA GLN A 88 10.86 0.20 -4.45
C GLN A 88 11.06 -1.15 -5.15
N GLU A 89 10.60 -2.20 -4.51
CA GLU A 89 10.71 -3.54 -5.06
C GLU A 89 9.75 -3.71 -6.24
N TRP A 90 8.71 -2.90 -6.24
CA TRP A 90 7.71 -2.95 -7.30
C TRP A 90 8.29 -2.25 -8.52
N LYS A 91 8.39 -0.93 -8.43
CA LYS A 91 8.92 -0.12 -9.51
C LYS A 91 10.16 -0.80 -10.08
N SER A 92 10.84 -1.56 -9.21
CA SER A 92 12.05 -2.26 -9.61
C SER A 92 11.69 -3.46 -10.49
N ASN A 93 10.69 -4.21 -10.03
CA ASN A 93 10.25 -5.39 -10.77
C ASN A 93 9.85 -4.97 -12.19
N ILE A 94 9.46 -3.71 -12.31
CA ILE A 94 9.05 -3.18 -13.60
C ILE A 94 10.30 -2.84 -14.43
N ALA A 95 10.71 -3.82 -15.23
CA ALA A 95 11.88 -3.64 -16.07
C ALA A 95 12.04 -4.86 -16.98
N ARG A 96 11.92 -4.61 -18.27
CA ARG A 96 12.05 -5.68 -19.26
C ARG A 96 13.51 -5.91 -19.59
N TYR A 97 13.76 -6.94 -20.39
CA TYR A 97 15.11 -7.28 -20.80
C TYR A 97 16.08 -7.17 -19.62
N LYS A 98 15.63 -7.67 -18.48
CA LYS A 98 16.44 -7.64 -17.28
C LYS A 98 16.82 -9.07 -16.89
N ALA A 99 15.82 -9.81 -16.44
CA ALA A 99 16.03 -11.19 -16.04
C ALA A 99 14.70 -11.94 -16.08
N SER A 100 14.79 -13.21 -16.44
CA SER A 100 13.60 -14.05 -16.51
C SER A 100 12.90 -14.09 -15.16
N ASN A 101 11.57 -14.23 -15.22
CA ASN A 101 10.77 -14.27 -14.01
C ASN A 101 9.76 -15.43 -14.12
N ILE A 102 10.01 -16.46 -13.34
CA ILE A 102 9.13 -17.62 -13.33
C ILE A 102 8.84 -18.02 -11.89
N SER A 103 7.54 -18.08 -11.57
CA SER A 103 7.12 -18.45 -10.23
C SER A 103 7.71 -19.80 -9.84
N LEU A 104 7.76 -20.04 -8.55
CA LEU A 104 8.30 -21.28 -8.02
C LEU A 104 7.29 -21.92 -7.09
N GLY A 105 6.49 -22.82 -7.64
CA GLY A 105 5.48 -23.52 -6.85
C GLY A 105 6.09 -24.68 -6.07
N SER A 106 5.39 -25.08 -5.02
CA SER A 106 5.84 -26.18 -4.18
C SER A 106 4.87 -27.34 -4.27
N VAL A 107 3.72 -27.06 -4.87
CA VAL A 107 2.68 -28.08 -5.02
C VAL A 107 3.21 -29.21 -5.92
N GLU A 108 2.83 -30.42 -5.55
CA GLU A 108 3.25 -31.59 -6.31
C GLU A 108 2.14 -32.03 -7.27
N GLY A 1 -5.42 -15.34 8.04
CA GLY A 1 -6.34 -15.17 6.94
C GLY A 1 -5.64 -15.40 5.60
N PRO A 2 -6.35 -14.98 4.51
CA PRO A 2 -5.81 -15.13 3.17
C PRO A 2 -4.71 -14.09 2.90
N LEU A 3 -3.75 -14.49 2.08
CA LEU A 3 -2.65 -13.60 1.73
C LEU A 3 -2.77 -13.21 0.26
N GLY A 4 -2.05 -12.14 -0.08
CA GLY A 4 -2.06 -11.64 -1.45
C GLY A 4 -2.43 -10.15 -1.49
N SER A 5 -2.99 -9.69 -0.39
CA SER A 5 -3.40 -8.29 -0.29
C SER A 5 -3.88 -8.00 1.14
N LEU A 6 -3.73 -6.73 1.52
CA LEU A 6 -4.14 -6.30 2.84
C LEU A 6 -5.10 -5.11 2.71
N TYR A 7 -5.87 -4.89 3.77
CA TYR A 7 -6.83 -3.81 3.79
C TYR A 7 -6.44 -2.76 4.84
N ALA A 8 -6.53 -1.50 4.43
CA ALA A 8 -6.20 -0.41 5.33
C ALA A 8 -7.39 0.56 5.42
N ILE A 9 -7.35 1.40 6.44
CA ILE A 9 -8.41 2.37 6.65
C ILE A 9 -7.81 3.75 6.91
N VAL A 10 -8.28 4.73 6.16
CA VAL A 10 -7.80 6.08 6.30
C VAL A 10 -8.59 6.79 7.40
N LEU A 11 -7.92 7.04 8.51
CA LEU A 11 -8.54 7.71 9.63
C LEU A 11 -8.19 9.20 9.59
N TYR A 12 -7.73 9.64 8.43
CA TYR A 12 -7.35 11.03 8.25
C TYR A 12 -7.22 11.37 6.78
N ASP A 13 -7.54 12.61 6.46
CA ASP A 13 -7.46 13.09 5.09
C ASP A 13 -6.00 13.27 4.70
N PHE A 14 -5.76 13.26 3.39
CA PHE A 14 -4.41 13.42 2.87
C PHE A 14 -4.39 14.40 1.70
N LYS A 15 -3.22 14.96 1.45
CA LYS A 15 -3.05 15.90 0.36
C LYS A 15 -1.92 15.42 -0.56
N ALA A 16 -2.19 15.49 -1.85
CA ALA A 16 -1.20 15.06 -2.83
C ALA A 16 -0.50 16.29 -3.40
N GLU A 17 0.83 16.29 -3.30
CA GLU A 17 1.62 17.40 -3.80
C GLU A 17 2.55 16.92 -4.92
N LYS A 18 3.01 15.68 -4.77
CA LYS A 18 3.91 15.09 -5.76
C LYS A 18 3.14 14.85 -7.06
N ALA A 19 3.85 14.31 -8.03
CA ALA A 19 3.24 14.02 -9.32
C ALA A 19 2.59 12.63 -9.27
N ASP A 20 3.17 11.77 -8.45
CA ASP A 20 2.66 10.42 -8.31
C ASP A 20 1.90 10.30 -6.98
N GLU A 21 1.46 11.46 -6.49
CA GLU A 21 0.73 11.49 -5.24
C GLU A 21 -0.78 11.45 -5.51
N LEU A 22 -1.53 11.05 -4.49
CA LEU A 22 -2.97 10.96 -4.60
C LEU A 22 -3.62 11.63 -3.39
N THR A 23 -4.78 12.22 -3.63
CA THR A 23 -5.52 12.89 -2.57
C THR A 23 -6.60 11.97 -2.01
N THR A 24 -6.84 12.11 -0.72
CA THR A 24 -7.84 11.30 -0.05
C THR A 24 -8.50 12.10 1.08
N TYR A 25 -9.41 11.44 1.78
CA TYR A 25 -10.12 12.06 2.88
C TYR A 25 -10.06 11.20 4.14
N VAL A 26 -10.68 11.71 5.19
CA VAL A 26 -10.71 10.99 6.47
C VAL A 26 -11.67 9.81 6.36
N GLY A 27 -11.55 8.91 7.32
CA GLY A 27 -12.41 7.73 7.36
C GLY A 27 -12.66 7.20 5.94
N GLU A 28 -11.61 6.62 5.37
CA GLU A 28 -11.71 6.07 4.02
C GLU A 28 -11.36 4.58 4.04
N ASN A 29 -11.91 3.87 3.06
CA ASN A 29 -11.67 2.44 2.94
C ASN A 29 -10.84 2.16 1.69
N LEU A 30 -9.67 1.58 1.90
CA LEU A 30 -8.78 1.26 0.80
C LEU A 30 -7.77 0.21 1.25
N PHE A 31 -6.84 -0.09 0.36
CA PHE A 31 -5.81 -1.08 0.65
C PHE A 31 -4.42 -0.57 0.26
N ILE A 32 -3.43 -1.00 1.03
CA ILE A 32 -2.07 -0.59 0.78
C ILE A 32 -1.50 -1.40 -0.40
N CYS A 33 -0.96 -0.68 -1.36
CA CYS A 33 -0.39 -1.31 -2.54
C CYS A 33 1.07 -1.68 -2.24
N ALA A 34 1.70 -0.83 -1.44
CA ALA A 34 3.09 -1.04 -1.06
C ALA A 34 3.43 -0.15 0.12
N HIS A 35 4.68 -0.27 0.58
CA HIS A 35 5.14 0.52 1.70
C HIS A 35 6.57 1.00 1.45
N HIS A 36 6.89 2.16 1.99
CA HIS A 36 8.22 2.74 1.82
C HIS A 36 8.81 3.04 3.19
N ASN A 37 9.89 2.34 3.50
CA ASN A 37 10.57 2.53 4.78
C ASN A 37 9.57 2.37 5.92
N CYS A 38 8.61 1.49 5.68
CA CYS A 38 7.57 1.23 6.68
C CYS A 38 7.12 2.56 7.27
N GLU A 39 7.24 3.61 6.45
CA GLU A 39 6.86 4.94 6.88
C GLU A 39 5.79 5.51 5.94
N TRP A 40 5.92 5.16 4.67
CA TRP A 40 4.98 5.62 3.66
C TRP A 40 4.25 4.41 3.10
N PHE A 41 3.16 4.69 2.39
CA PHE A 41 2.37 3.62 1.80
C PHE A 41 1.94 3.99 0.38
N ILE A 42 1.67 2.96 -0.42
CA ILE A 42 1.25 3.17 -1.79
C ILE A 42 -0.26 2.97 -1.89
N ALA A 43 -0.99 4.03 -1.58
CA ALA A 43 -2.45 3.99 -1.63
C ALA A 43 -2.93 4.73 -2.87
N LYS A 44 -4.25 4.74 -3.04
CA LYS A 44 -4.86 5.41 -4.17
C LYS A 44 -6.38 5.31 -4.07
N PRO A 45 -7.06 6.28 -4.73
CA PRO A 45 -8.52 6.30 -4.72
C PRO A 45 -9.09 5.22 -5.64
N ILE A 46 -10.24 4.70 -5.26
CA ILE A 46 -10.91 3.67 -6.03
C ILE A 46 -11.68 4.32 -7.18
N GLY A 47 -12.21 3.47 -8.04
CA GLY A 47 -12.98 3.95 -9.18
C GLY A 47 -12.16 3.85 -10.48
N ARG A 48 -11.01 4.48 -10.46
CA ARG A 48 -10.13 4.47 -11.61
C ARG A 48 -8.67 4.50 -11.17
N LEU A 49 -7.82 3.82 -11.95
CA LEU A 49 -6.40 3.77 -11.64
C LEU A 49 -5.92 5.17 -11.25
N GLY A 50 -5.56 5.29 -9.98
CA GLY A 50 -5.08 6.56 -9.46
C GLY A 50 -3.63 6.45 -8.97
N GLY A 51 -3.38 5.37 -8.23
CA GLY A 51 -2.05 5.12 -7.70
C GLY A 51 -1.01 5.10 -8.81
N PRO A 52 0.26 4.83 -8.40
CA PRO A 52 0.57 4.61 -7.00
C PRO A 52 0.54 5.93 -6.21
N GLY A 53 -0.33 5.97 -5.21
CA GLY A 53 -0.46 7.15 -4.39
C GLY A 53 0.36 7.01 -3.10
N LEU A 54 1.11 8.05 -2.80
CA LEU A 54 1.94 8.06 -1.60
C LEU A 54 1.12 8.61 -0.42
N VAL A 55 1.08 7.81 0.63
CA VAL A 55 0.34 8.20 1.82
C VAL A 55 1.12 7.77 3.07
N PRO A 56 0.95 8.56 4.16
CA PRO A 56 1.63 8.28 5.41
C PRO A 56 0.99 7.09 6.13
N VAL A 57 1.75 6.49 7.03
CA VAL A 57 1.27 5.35 7.79
C VAL A 57 0.41 5.85 8.96
N GLY A 58 0.69 7.07 9.37
CA GLY A 58 -0.04 7.68 10.47
C GLY A 58 -1.45 8.08 10.05
N PHE A 59 -1.67 8.05 8.74
CA PHE A 59 -2.96 8.40 8.19
C PHE A 59 -3.68 7.16 7.64
N VAL A 60 -3.31 6.02 8.18
CA VAL A 60 -3.91 4.76 7.76
C VAL A 60 -3.76 3.72 8.88
N SER A 61 -4.76 2.87 9.00
CA SER A 61 -4.75 1.84 10.01
C SER A 61 -5.18 0.50 9.40
N ILE A 62 -4.57 -0.57 9.89
CA ILE A 62 -4.87 -1.90 9.41
C ILE A 62 -5.90 -2.56 10.34
N ILE A 63 -7.15 -2.47 9.94
CA ILE A 63 -8.23 -3.05 10.73
C ILE A 63 -9.26 -3.68 9.80
N ASP A 64 -9.92 -4.72 10.30
CA ASP A 64 -10.93 -5.41 9.52
C ASP A 64 -12.02 -4.41 9.11
N ILE A 65 -13.02 -4.94 8.42
CA ILE A 65 -14.13 -4.11 7.96
C ILE A 65 -15.32 -4.31 8.89
N ALA A 66 -15.15 -3.84 10.13
CA ALA A 66 -16.20 -3.95 11.13
C ALA A 66 -16.60 -2.55 11.60
N THR A 67 -17.55 -2.52 12.52
CA THR A 67 -18.03 -1.26 13.06
C THR A 67 -16.86 -0.32 13.33
N GLY A 68 -15.78 -0.89 13.84
CA GLY A 68 -14.59 -0.11 14.14
C GLY A 68 -13.79 -0.74 15.28
N TYR A 69 -12.91 -1.66 14.90
CA TYR A 69 -12.08 -2.35 15.88
C TYR A 69 -10.61 -2.35 15.45
N ALA A 70 -9.78 -2.93 16.31
CA ALA A 70 -8.35 -3.00 16.02
C ALA A 70 -7.74 -4.12 16.86
N THR A 71 -7.34 -5.17 16.16
CA THR A 71 -6.73 -6.32 16.82
C THR A 71 -5.57 -5.87 17.72
N GLY A 72 -5.00 -4.73 17.36
CA GLY A 72 -3.89 -4.18 18.12
C GLY A 72 -2.57 -4.36 17.37
N ASN A 73 -2.59 -5.28 16.41
CA ASN A 73 -1.41 -5.56 15.61
C ASN A 73 -0.94 -4.27 14.92
N ASP A 74 0.08 -4.42 14.10
CA ASP A 74 0.62 -3.28 13.37
C ASP A 74 0.60 -3.58 11.88
N VAL A 75 0.93 -2.56 11.09
CA VAL A 75 0.95 -2.70 9.65
C VAL A 75 2.21 -3.47 9.23
N ILE A 76 3.29 -3.17 9.92
CA ILE A 76 4.56 -3.82 9.63
C ILE A 76 4.38 -5.34 9.68
N GLU A 77 3.82 -5.80 10.78
CA GLU A 77 3.59 -7.23 10.96
C GLU A 77 2.73 -7.77 9.82
N ASP A 78 1.81 -6.93 9.36
CA ASP A 78 0.94 -7.31 8.26
C ASP A 78 1.70 -7.23 6.95
N ILE A 79 2.70 -6.35 6.92
CA ILE A 79 3.52 -6.17 5.74
C ILE A 79 4.40 -7.40 5.53
N LYS A 80 4.91 -7.91 6.64
CA LYS A 80 5.78 -9.07 6.61
C LYS A 80 4.93 -10.33 6.35
N SER A 81 3.69 -10.26 6.82
CA SER A 81 2.77 -11.37 6.66
C SER A 81 2.65 -11.74 5.18
N VAL A 82 2.51 -10.71 4.36
CA VAL A 82 2.39 -10.91 2.92
C VAL A 82 3.65 -10.39 2.22
N ASN A 83 4.66 -10.12 3.03
CA ASN A 83 5.93 -9.62 2.51
C ASN A 83 5.64 -8.59 1.42
N LEU A 84 4.60 -7.79 1.64
CA LEU A 84 4.22 -6.77 0.69
C LEU A 84 5.48 -6.09 0.15
N PRO A 85 5.50 -5.94 -1.21
CA PRO A 85 6.64 -5.32 -1.87
C PRO A 85 6.62 -3.80 -1.67
N THR A 86 7.79 -3.28 -1.28
CA THR A 86 7.92 -1.86 -1.05
C THR A 86 7.81 -1.08 -2.37
N VAL A 87 7.32 0.14 -2.26
CA VAL A 87 7.16 0.99 -3.43
C VAL A 87 8.37 0.82 -4.35
N GLN A 88 9.51 0.52 -3.73
CA GLN A 88 10.74 0.33 -4.48
C GLN A 88 10.78 -1.09 -5.07
N GLU A 89 10.66 -2.07 -4.18
CA GLU A 89 10.68 -3.46 -4.59
C GLU A 89 9.65 -3.71 -5.70
N TRP A 90 8.66 -2.82 -5.74
CA TRP A 90 7.61 -2.93 -6.73
C TRP A 90 8.07 -2.21 -8.00
N LYS A 91 8.33 -0.91 -7.85
CA LYS A 91 8.78 -0.10 -8.97
C LYS A 91 9.97 -0.79 -9.64
N SER A 92 10.63 -1.64 -8.88
CA SER A 92 11.78 -2.36 -9.39
C SER A 92 11.32 -3.58 -10.20
N ASN A 93 10.63 -4.48 -9.51
CA ASN A 93 10.13 -5.68 -10.14
C ASN A 93 9.46 -5.31 -11.46
N ILE A 94 8.60 -4.30 -11.40
CA ILE A 94 7.89 -3.84 -12.58
C ILE A 94 8.85 -3.81 -13.76
N ALA A 95 8.50 -4.57 -14.79
CA ALA A 95 9.32 -4.64 -15.99
C ALA A 95 8.93 -3.51 -16.93
N ARG A 96 7.63 -3.25 -17.00
CA ARG A 96 7.11 -2.20 -17.85
C ARG A 96 7.52 -0.83 -17.32
N TYR A 97 7.48 0.16 -18.21
CA TYR A 97 7.85 1.51 -17.84
C TYR A 97 9.20 1.54 -17.13
N LYS A 98 10.20 0.97 -17.80
CA LYS A 98 11.54 0.92 -17.25
C LYS A 98 12.37 2.08 -17.83
N ALA A 99 12.05 2.43 -19.07
CA ALA A 99 12.75 3.51 -19.74
C ALA A 99 11.89 4.77 -19.69
N SER A 100 12.56 5.90 -19.59
CA SER A 100 11.88 7.18 -19.53
C SER A 100 11.87 7.83 -20.92
N ASN A 101 11.31 7.10 -21.88
CA ASN A 101 11.23 7.59 -23.24
C ASN A 101 9.97 7.04 -23.90
N ILE A 102 9.05 7.95 -24.20
CA ILE A 102 7.79 7.57 -24.83
C ILE A 102 7.59 8.42 -26.09
N SER A 103 8.69 8.96 -26.59
CA SER A 103 8.63 9.79 -27.78
C SER A 103 10.05 10.10 -28.26
N LEU A 104 10.28 9.84 -29.54
CA LEU A 104 11.58 10.09 -30.14
C LEU A 104 11.56 11.43 -30.87
N GLY A 105 10.35 11.85 -31.22
CA GLY A 105 10.18 13.11 -31.92
C GLY A 105 9.37 12.91 -33.21
N SER A 106 10.08 12.66 -34.29
CA SER A 106 9.46 12.45 -35.59
C SER A 106 8.34 13.47 -35.78
N VAL A 107 8.67 14.73 -35.52
CA VAL A 107 7.71 15.81 -35.67
C VAL A 107 7.83 16.40 -37.07
N GLU A 108 6.69 16.74 -37.66
CA GLU A 108 6.66 17.32 -38.98
C GLU A 108 6.67 18.85 -38.89
N GLY A 1 -8.76 -18.74 5.00
CA GLY A 1 -7.84 -18.67 3.87
C GLY A 1 -6.47 -18.17 4.31
N PRO A 2 -5.44 -18.53 3.48
CA PRO A 2 -4.07 -18.12 3.78
C PRO A 2 -3.86 -16.64 3.47
N LEU A 3 -3.51 -15.90 4.50
CA LEU A 3 -3.28 -14.47 4.36
C LEU A 3 -2.47 -14.22 3.09
N GLY A 4 -2.92 -13.21 2.34
CA GLY A 4 -2.25 -12.87 1.09
C GLY A 4 -2.78 -11.53 0.55
N SER A 5 -3.10 -10.63 1.47
CA SER A 5 -3.61 -9.33 1.10
C SER A 5 -3.84 -8.48 2.35
N LEU A 6 -3.69 -7.18 2.18
CA LEU A 6 -3.87 -6.25 3.29
C LEU A 6 -4.37 -4.91 2.75
N TYR A 7 -5.08 -4.19 3.60
CA TYR A 7 -5.61 -2.89 3.22
C TYR A 7 -5.39 -1.86 4.34
N ALA A 8 -5.35 -0.60 3.94
CA ALA A 8 -5.16 0.49 4.88
C ALA A 8 -6.34 1.45 4.80
N ILE A 9 -6.73 1.95 5.97
CA ILE A 9 -7.85 2.88 6.04
C ILE A 9 -7.32 4.27 6.40
N VAL A 10 -7.81 5.26 5.67
CA VAL A 10 -7.40 6.64 5.90
C VAL A 10 -8.10 7.18 7.15
N LEU A 11 -7.31 7.78 8.01
CA LEU A 11 -7.84 8.35 9.25
C LEU A 11 -8.14 9.84 9.04
N TYR A 12 -7.34 10.45 8.18
CA TYR A 12 -7.51 11.87 7.88
C TYR A 12 -7.55 12.11 6.38
N ASP A 13 -8.10 13.26 6.01
CA ASP A 13 -8.20 13.61 4.60
C ASP A 13 -6.85 14.13 4.11
N PHE A 14 -6.10 13.23 3.48
CA PHE A 14 -4.79 13.57 2.96
C PHE A 14 -4.91 14.25 1.60
N LYS A 15 -4.33 15.44 1.52
CA LYS A 15 -4.36 16.20 0.28
C LYS A 15 -3.00 16.07 -0.42
N ALA A 16 -2.99 15.29 -1.48
CA ALA A 16 -1.78 15.07 -2.24
C ALA A 16 -1.02 16.40 -2.38
N GLU A 17 0.22 16.38 -1.93
CA GLU A 17 1.06 17.56 -2.00
C GLU A 17 2.22 17.35 -2.97
N LYS A 18 2.62 16.10 -3.09
CA LYS A 18 3.71 15.74 -3.98
C LYS A 18 3.19 15.68 -5.42
N ALA A 19 4.11 15.40 -6.34
CA ALA A 19 3.75 15.32 -7.74
C ALA A 19 3.29 13.89 -8.06
N ASP A 20 3.58 13.00 -7.13
CA ASP A 20 3.20 11.60 -7.29
C ASP A 20 2.36 11.16 -6.09
N GLU A 21 1.75 12.14 -5.44
CA GLU A 21 0.91 11.87 -4.29
C GLU A 21 -0.55 11.78 -4.70
N LEU A 22 -1.35 11.20 -3.82
CA LEU A 22 -2.78 11.04 -4.07
C LEU A 22 -3.57 11.62 -2.90
N THR A 23 -4.79 12.05 -3.20
CA THR A 23 -5.66 12.61 -2.18
C THR A 23 -6.73 11.60 -1.77
N THR A 24 -7.11 11.69 -0.51
CA THR A 24 -8.12 10.78 0.03
C THR A 24 -9.09 11.55 0.94
N TYR A 25 -9.86 10.79 1.70
CA TYR A 25 -10.83 11.39 2.61
C TYR A 25 -10.76 10.72 3.99
N VAL A 26 -10.76 11.55 5.02
CA VAL A 26 -10.70 11.06 6.38
C VAL A 26 -11.62 9.85 6.52
N GLY A 27 -11.17 8.89 7.32
CA GLY A 27 -11.92 7.68 7.54
C GLY A 27 -12.32 7.02 6.22
N GLU A 28 -11.31 6.60 5.48
CA GLU A 28 -11.53 5.97 4.19
C GLU A 28 -10.91 4.57 4.18
N ASN A 29 -11.38 3.75 3.24
CA ASN A 29 -10.88 2.40 3.11
C ASN A 29 -10.12 2.27 1.78
N LEU A 30 -8.85 1.93 1.90
CA LEU A 30 -8.00 1.76 0.73
C LEU A 30 -7.14 0.51 0.89
N PHE A 31 -6.65 0.02 -0.24
CA PHE A 31 -5.81 -1.17 -0.23
C PHE A 31 -4.36 -0.81 -0.53
N ILE A 32 -3.48 -1.30 0.33
CA ILE A 32 -2.05 -1.04 0.18
C ILE A 32 -1.49 -1.95 -0.91
N CYS A 33 -0.80 -1.34 -1.86
CA CYS A 33 -0.20 -2.08 -2.96
C CYS A 33 1.28 -2.27 -2.66
N ALA A 34 1.80 -1.39 -1.82
CA ALA A 34 3.21 -1.45 -1.45
C ALA A 34 3.45 -0.55 -0.24
N HIS A 35 4.70 -0.53 0.20
CA HIS A 35 5.08 0.29 1.35
C HIS A 35 6.51 0.80 1.16
N HIS A 36 6.81 1.89 1.86
CA HIS A 36 8.13 2.49 1.77
C HIS A 36 8.63 2.83 3.18
N ASN A 37 9.69 2.15 3.57
CA ASN A 37 10.27 2.38 4.89
C ASN A 37 9.22 2.08 5.96
N CYS A 38 8.20 1.33 5.56
CA CYS A 38 7.13 0.97 6.48
C CYS A 38 6.51 2.26 7.02
N GLU A 39 6.77 3.34 6.30
CA GLU A 39 6.25 4.65 6.70
C GLU A 39 5.28 5.18 5.65
N TRP A 40 5.57 4.83 4.39
CA TRP A 40 4.73 5.27 3.29
C TRP A 40 4.01 4.04 2.74
N PHE A 41 2.87 4.30 2.10
CA PHE A 41 2.08 3.23 1.52
C PHE A 41 1.65 3.57 0.10
N ILE A 42 1.44 2.53 -0.69
CA ILE A 42 1.04 2.71 -2.07
C ILE A 42 -0.48 2.50 -2.18
N ALA A 43 -1.20 3.62 -2.11
CA ALA A 43 -2.65 3.57 -2.19
C ALA A 43 -3.06 3.34 -3.65
N LYS A 44 -4.24 2.77 -3.81
CA LYS A 44 -4.77 2.49 -5.14
C LYS A 44 -6.29 2.60 -5.12
N PRO A 45 -6.78 3.87 -5.16
CA PRO A 45 -8.21 4.13 -5.15
C PRO A 45 -8.84 3.80 -6.50
N ILE A 46 -10.12 3.46 -6.46
CA ILE A 46 -10.85 3.13 -7.68
C ILE A 46 -11.91 4.20 -7.93
N GLY A 47 -12.10 4.49 -9.20
CA GLY A 47 -13.08 5.49 -9.61
C GLY A 47 -12.45 6.53 -10.54
N ARG A 48 -11.15 6.70 -10.40
CA ARG A 48 -10.43 7.66 -11.22
C ARG A 48 -9.19 7.00 -11.82
N LEU A 49 -9.15 6.97 -13.15
CA LEU A 49 -8.03 6.38 -13.85
C LEU A 49 -6.74 7.06 -13.40
N GLY A 50 -6.03 6.40 -12.50
CA GLY A 50 -4.79 6.92 -11.99
C GLY A 50 -4.27 6.08 -10.82
N GLY A 51 -3.16 6.52 -10.25
CA GLY A 51 -2.54 5.81 -9.14
C GLY A 51 -1.50 4.81 -9.62
N PRO A 52 -0.91 4.08 -8.65
CA PRO A 52 -1.26 4.27 -7.25
C PRO A 52 -0.65 5.58 -6.70
N GLY A 53 -0.95 5.84 -5.45
CA GLY A 53 -0.44 7.04 -4.79
C GLY A 53 0.31 6.69 -3.51
N LEU A 54 1.00 7.69 -2.98
CA LEU A 54 1.76 7.50 -1.75
C LEU A 54 0.97 8.09 -0.58
N VAL A 55 0.92 7.32 0.50
CA VAL A 55 0.21 7.75 1.69
C VAL A 55 1.06 7.45 2.92
N PRO A 56 1.08 8.43 3.86
CA PRO A 56 1.85 8.29 5.09
C PRO A 56 1.16 7.34 6.05
N VAL A 57 1.98 6.64 6.84
CA VAL A 57 1.46 5.69 7.81
C VAL A 57 0.86 6.45 9.00
N GLY A 58 1.17 7.74 9.05
CA GLY A 58 0.68 8.59 10.12
C GLY A 58 -0.73 9.11 9.79
N PHE A 59 -1.30 8.54 8.75
CA PHE A 59 -2.64 8.94 8.32
C PHE A 59 -3.43 7.74 7.80
N VAL A 60 -2.96 6.57 8.18
CA VAL A 60 -3.62 5.33 7.76
C VAL A 60 -3.51 4.30 8.88
N SER A 61 -4.54 3.45 8.97
CA SER A 61 -4.56 2.42 9.98
C SER A 61 -4.90 1.07 9.35
N ILE A 62 -4.42 0.01 9.99
CA ILE A 62 -4.66 -1.34 9.49
C ILE A 62 -5.69 -2.02 10.39
N ILE A 63 -6.29 -3.08 9.84
CA ILE A 63 -7.29 -3.83 10.58
C ILE A 63 -7.32 -5.27 10.06
N ASP A 64 -8.05 -6.10 10.78
CA ASP A 64 -8.17 -7.51 10.41
C ASP A 64 -9.65 -7.90 10.38
N ILE A 65 -10.29 -7.74 11.52
CA ILE A 65 -11.71 -8.06 11.65
C ILE A 65 -12.43 -6.92 12.36
N ALA A 66 -12.90 -5.98 11.54
CA ALA A 66 -13.62 -4.83 12.08
C ALA A 66 -14.20 -4.02 10.92
N THR A 67 -15.26 -3.28 11.22
CA THR A 67 -15.91 -2.46 10.22
C THR A 67 -15.51 -0.99 10.39
N GLY A 68 -14.27 -0.80 10.79
CA GLY A 68 -13.74 0.56 10.99
C GLY A 68 -12.88 0.62 12.25
N TYR A 69 -13.04 -0.38 13.10
CA TYR A 69 -12.29 -0.44 14.34
C TYR A 69 -10.91 -1.08 14.11
N ALA A 70 -10.14 -1.15 15.18
CA ALA A 70 -8.80 -1.71 15.12
C ALA A 70 -8.64 -2.76 16.23
N THR A 71 -8.15 -3.92 15.84
CA THR A 71 -7.94 -5.01 16.78
C THR A 71 -6.74 -4.71 17.67
N GLY A 72 -5.84 -3.89 17.15
CA GLY A 72 -4.63 -3.52 17.89
C GLY A 72 -3.38 -4.05 17.19
N ASN A 73 -3.58 -4.54 15.97
CA ASN A 73 -2.48 -5.07 15.19
C ASN A 73 -1.62 -3.91 14.66
N ASP A 74 -0.61 -4.27 13.88
CA ASP A 74 0.27 -3.27 13.31
C ASP A 74 0.36 -3.49 11.79
N VAL A 75 0.76 -2.43 11.10
CA VAL A 75 0.88 -2.48 9.65
C VAL A 75 2.18 -3.21 9.28
N ILE A 76 3.23 -2.91 10.04
CA ILE A 76 4.51 -3.54 9.80
C ILE A 76 4.39 -5.05 9.99
N GLU A 77 3.73 -5.43 11.08
CA GLU A 77 3.54 -6.84 11.37
C GLU A 77 2.66 -7.49 10.32
N ASP A 78 1.92 -6.66 9.61
CA ASP A 78 1.03 -7.14 8.57
C ASP A 78 1.78 -7.18 7.24
N ILE A 79 2.72 -6.25 7.09
CA ILE A 79 3.52 -6.17 5.88
C ILE A 79 4.40 -7.41 5.78
N LYS A 80 4.91 -7.83 6.93
CA LYS A 80 5.78 -9.00 6.97
C LYS A 80 4.92 -10.26 6.87
N SER A 81 3.71 -10.17 7.39
CA SER A 81 2.79 -11.29 7.36
C SER A 81 2.57 -11.74 5.91
N VAL A 82 2.36 -10.76 5.04
CA VAL A 82 2.13 -11.04 3.63
C VAL A 82 3.38 -10.67 2.84
N ASN A 83 4.47 -10.44 3.57
CA ASN A 83 5.73 -10.08 2.95
C ASN A 83 5.47 -9.10 1.80
N LEU A 84 4.44 -8.28 1.99
CA LEU A 84 4.07 -7.29 0.99
C LEU A 84 5.34 -6.66 0.41
N PRO A 85 5.29 -6.39 -0.92
CA PRO A 85 6.42 -5.79 -1.59
C PRO A 85 6.54 -4.30 -1.27
N THR A 86 7.65 -3.71 -1.69
CA THR A 86 7.89 -2.31 -1.44
C THR A 86 7.89 -1.53 -2.76
N VAL A 87 7.35 -0.32 -2.69
CA VAL A 87 7.28 0.53 -3.86
C VAL A 87 8.62 0.50 -4.59
N GLN A 88 9.67 0.24 -3.83
CA GLN A 88 11.01 0.17 -4.39
C GLN A 88 11.20 -1.15 -5.15
N GLU A 89 10.72 -2.22 -4.55
CA GLU A 89 10.85 -3.53 -5.17
C GLU A 89 9.84 -3.67 -6.33
N TRP A 90 8.81 -2.83 -6.27
CA TRP A 90 7.79 -2.86 -7.30
C TRP A 90 8.36 -2.18 -8.55
N LYS A 91 8.70 -0.91 -8.40
CA LYS A 91 9.25 -0.15 -9.50
C LYS A 91 10.41 -0.93 -10.12
N SER A 92 11.00 -1.79 -9.31
CA SER A 92 12.11 -2.60 -9.77
C SER A 92 11.60 -3.90 -10.41
N ASN A 93 10.45 -4.34 -9.93
CA ASN A 93 9.83 -5.55 -10.44
C ASN A 93 9.29 -5.29 -11.85
N ILE A 94 8.72 -4.10 -12.01
CA ILE A 94 8.15 -3.72 -13.30
C ILE A 94 9.09 -4.19 -14.41
N ALA A 95 8.49 -4.43 -15.57
CA ALA A 95 9.25 -4.88 -16.73
C ALA A 95 10.56 -4.12 -16.80
N ARG A 96 10.47 -2.89 -17.29
CA ARG A 96 11.65 -2.04 -17.42
C ARG A 96 12.39 -2.35 -18.72
N TYR A 97 11.67 -2.93 -19.65
CA TYR A 97 12.25 -3.30 -20.94
C TYR A 97 11.21 -3.96 -21.84
N LYS A 98 11.65 -4.31 -23.04
CA LYS A 98 10.77 -4.95 -24.01
C LYS A 98 9.61 -4.00 -24.35
N ALA A 99 9.95 -2.72 -24.44
CA ALA A 99 8.95 -1.71 -24.74
C ALA A 99 9.35 -0.98 -26.04
N SER A 100 8.43 -0.18 -26.54
CA SER A 100 8.68 0.57 -27.76
C SER A 100 10.08 1.19 -27.72
N ASN A 101 10.62 1.43 -28.91
CA ASN A 101 11.94 2.01 -29.02
C ASN A 101 11.86 3.51 -28.70
N ILE A 102 12.17 3.83 -27.46
CA ILE A 102 12.15 5.22 -27.01
C ILE A 102 13.54 5.62 -26.54
N SER A 103 13.93 6.82 -26.95
CA SER A 103 15.24 7.35 -26.59
C SER A 103 16.31 6.26 -26.77
N LEU A 104 16.17 5.52 -27.86
CA LEU A 104 17.11 4.46 -28.16
C LEU A 104 18.54 4.99 -27.99
N GLY A 105 18.79 6.14 -28.60
CA GLY A 105 20.09 6.75 -28.51
C GLY A 105 20.57 6.86 -27.06
N SER A 106 21.40 5.91 -26.67
CA SER A 106 21.92 5.90 -25.32
C SER A 106 23.16 5.01 -25.25
N VAL A 107 23.90 5.14 -24.16
CA VAL A 107 25.11 4.37 -23.96
C VAL A 107 25.12 3.80 -22.53
N GLU A 108 24.08 3.04 -22.23
CA GLU A 108 23.95 2.42 -20.92
C GLU A 108 24.40 3.41 -19.83
N GLY A 1 -3.81 -18.47 7.48
CA GLY A 1 -4.45 -18.84 6.23
C GLY A 1 -3.67 -18.32 5.02
N PRO A 2 -4.39 -18.19 3.88
CA PRO A 2 -3.77 -17.70 2.66
C PRO A 2 -3.53 -16.19 2.73
N LEU A 3 -2.30 -15.81 2.42
CA LEU A 3 -1.93 -14.40 2.45
C LEU A 3 -2.45 -13.72 1.18
N GLY A 4 -2.58 -12.40 1.26
CA GLY A 4 -3.07 -11.62 0.14
C GLY A 4 -4.41 -10.95 0.47
N SER A 5 -4.53 -10.55 1.73
CA SER A 5 -5.74 -9.89 2.19
C SER A 5 -5.38 -8.68 3.06
N LEU A 6 -4.97 -7.62 2.38
CA LEU A 6 -4.60 -6.40 3.07
C LEU A 6 -5.77 -5.41 3.03
N TYR A 7 -5.77 -4.50 3.99
CA TYR A 7 -6.82 -3.50 4.07
C TYR A 7 -6.46 -2.40 5.07
N ALA A 8 -6.15 -1.23 4.51
CA ALA A 8 -5.79 -0.09 5.34
C ALA A 8 -6.95 0.91 5.36
N ILE A 9 -7.31 1.32 6.56
CA ILE A 9 -8.40 2.28 6.73
C ILE A 9 -7.82 3.67 6.94
N VAL A 10 -8.27 4.61 6.13
CA VAL A 10 -7.81 5.98 6.22
C VAL A 10 -8.66 6.73 7.25
N LEU A 11 -7.98 7.22 8.29
CA LEU A 11 -8.66 7.96 9.35
C LEU A 11 -8.21 9.42 9.29
N TYR A 12 -7.64 9.80 8.17
CA TYR A 12 -7.17 11.15 7.98
C TYR A 12 -7.10 11.53 6.51
N ASP A 13 -7.32 12.80 6.24
CA ASP A 13 -7.30 13.30 4.86
C ASP A 13 -5.86 13.68 4.49
N PHE A 14 -5.26 12.84 3.66
CA PHE A 14 -3.90 13.09 3.22
C PHE A 14 -3.86 14.12 2.09
N LYS A 15 -2.73 14.79 1.99
CA LYS A 15 -2.55 15.81 0.98
C LYS A 15 -1.43 15.38 0.02
N ALA A 16 -1.82 15.14 -1.23
CA ALA A 16 -0.86 14.74 -2.24
C ALA A 16 0.26 15.76 -2.33
N GLU A 17 1.49 15.26 -2.21
CA GLU A 17 2.66 16.12 -2.27
C GLU A 17 3.68 15.56 -3.25
N LYS A 18 3.76 14.23 -3.28
CA LYS A 18 4.69 13.55 -4.16
C LYS A 18 4.39 13.96 -5.61
N ALA A 19 4.93 13.16 -6.53
CA ALA A 19 4.72 13.42 -7.94
C ALA A 19 3.47 12.70 -8.42
N ASP A 20 3.40 11.42 -8.10
CA ASP A 20 2.26 10.61 -8.48
C ASP A 20 1.39 10.33 -7.25
N GLU A 21 1.44 11.28 -6.32
CA GLU A 21 0.66 11.15 -5.10
C GLU A 21 -0.83 11.07 -5.42
N LEU A 22 -1.63 11.02 -4.36
CA LEU A 22 -3.07 10.93 -4.51
C LEU A 22 -3.75 11.56 -3.30
N THR A 23 -4.72 12.42 -3.59
CA THR A 23 -5.46 13.10 -2.53
C THR A 23 -6.50 12.16 -1.91
N THR A 24 -6.28 11.83 -0.64
CA THR A 24 -7.19 10.96 0.07
C THR A 24 -8.09 11.76 0.99
N TYR A 25 -8.84 11.04 1.81
CA TYR A 25 -9.75 11.67 2.75
C TYR A 25 -9.62 11.05 4.15
N VAL A 26 -10.36 11.64 5.08
CA VAL A 26 -10.33 11.15 6.45
C VAL A 26 -11.53 10.23 6.69
N GLY A 27 -11.23 8.96 6.85
CA GLY A 27 -12.26 7.97 7.08
C GLY A 27 -12.61 7.22 5.79
N GLU A 28 -11.57 6.72 5.14
CA GLU A 28 -11.75 5.99 3.90
C GLU A 28 -11.32 4.52 4.07
N ASN A 29 -11.65 3.72 3.07
CA ASN A 29 -11.30 2.32 3.10
C ASN A 29 -10.59 1.94 1.80
N LEU A 30 -9.43 1.31 1.95
CA LEU A 30 -8.65 0.90 0.79
C LEU A 30 -7.54 -0.06 1.25
N PHE A 31 -6.86 -0.63 0.27
CA PHE A 31 -5.79 -1.57 0.56
C PHE A 31 -4.43 -0.98 0.15
N ILE A 32 -3.40 -1.41 0.86
CA ILE A 32 -2.06 -0.94 0.59
C ILE A 32 -1.49 -1.70 -0.62
N CYS A 33 -0.83 -0.94 -1.49
CA CYS A 33 -0.25 -1.53 -2.69
C CYS A 33 1.26 -1.69 -2.45
N ALA A 34 1.77 -0.89 -1.52
CA ALA A 34 3.18 -0.93 -1.19
C ALA A 34 3.45 -0.03 0.01
N HIS A 35 4.67 -0.10 0.51
CA HIS A 35 5.07 0.71 1.66
C HIS A 35 6.43 1.35 1.38
N HIS A 36 6.59 2.56 1.89
CA HIS A 36 7.83 3.29 1.71
C HIS A 36 8.41 3.66 3.08
N ASN A 37 9.59 3.11 3.35
CA ASN A 37 10.26 3.36 4.62
C ASN A 37 9.31 3.05 5.77
N CYS A 38 8.46 2.06 5.54
CA CYS A 38 7.49 1.64 6.54
C CYS A 38 6.89 2.90 7.18
N GLU A 39 6.86 3.97 6.39
CA GLU A 39 6.32 5.23 6.87
C GLU A 39 5.17 5.68 5.97
N TRP A 40 5.31 5.39 4.69
CA TRP A 40 4.29 5.76 3.72
C TRP A 40 3.74 4.47 3.09
N PHE A 41 2.63 4.62 2.38
CA PHE A 41 2.00 3.48 1.74
C PHE A 41 1.44 3.88 0.37
N ILE A 42 1.19 2.87 -0.44
CA ILE A 42 0.66 3.09 -1.78
C ILE A 42 -0.85 2.83 -1.76
N ALA A 43 -1.60 3.85 -2.17
CA ALA A 43 -3.05 3.75 -2.20
C ALA A 43 -3.51 3.63 -3.65
N LYS A 44 -4.66 2.99 -3.83
CA LYS A 44 -5.22 2.81 -5.16
C LYS A 44 -6.73 3.08 -5.12
N PRO A 45 -7.23 3.69 -6.22
CA PRO A 45 -8.64 4.00 -6.32
C PRO A 45 -9.47 2.74 -6.60
N ILE A 46 -10.76 2.95 -6.81
CA ILE A 46 -11.67 1.85 -7.08
C ILE A 46 -11.74 1.61 -8.58
N GLY A 47 -12.36 2.57 -9.27
CA GLY A 47 -12.51 2.48 -10.72
C GLY A 47 -11.14 2.44 -11.40
N ARG A 48 -10.93 3.43 -12.26
CA ARG A 48 -9.66 3.52 -12.98
C ARG A 48 -9.34 4.98 -13.31
N LEU A 49 -8.26 5.45 -12.73
CA LEU A 49 -7.83 6.83 -12.94
C LEU A 49 -6.44 7.02 -12.35
N GLY A 50 -5.46 7.22 -13.24
CA GLY A 50 -4.09 7.42 -12.81
C GLY A 50 -3.71 6.43 -11.71
N GLY A 51 -3.18 6.96 -10.62
CA GLY A 51 -2.77 6.13 -9.50
C GLY A 51 -1.87 4.98 -9.97
N PRO A 52 -1.40 4.18 -8.98
CA PRO A 52 -1.73 4.43 -7.59
C PRO A 52 -0.96 5.63 -7.04
N GLY A 53 -1.30 6.01 -5.81
CA GLY A 53 -0.64 7.13 -5.16
C GLY A 53 -0.02 6.71 -3.83
N LEU A 54 0.48 7.70 -3.11
CA LEU A 54 1.13 7.45 -1.83
C LEU A 54 0.29 8.10 -0.73
N VAL A 55 0.44 7.56 0.48
CA VAL A 55 -0.28 8.10 1.63
C VAL A 55 0.54 7.85 2.89
N PRO A 56 0.42 8.80 3.86
CA PRO A 56 1.14 8.70 5.11
C PRO A 56 0.51 7.64 6.03
N VAL A 57 1.36 6.91 6.72
CA VAL A 57 0.91 5.87 7.62
C VAL A 57 0.11 6.51 8.76
N GLY A 58 0.58 7.66 9.20
CA GLY A 58 -0.07 8.39 10.27
C GLY A 58 -1.52 8.74 9.91
N PHE A 59 -1.82 8.60 8.62
CA PHE A 59 -3.15 8.90 8.12
C PHE A 59 -3.86 7.63 7.66
N VAL A 60 -3.34 6.49 8.12
CA VAL A 60 -3.91 5.21 7.75
C VAL A 60 -3.61 4.20 8.86
N SER A 61 -4.58 3.32 9.10
CA SER A 61 -4.43 2.30 10.12
C SER A 61 -4.76 0.93 9.53
N ILE A 62 -4.09 -0.08 10.06
CA ILE A 62 -4.30 -1.45 9.60
C ILE A 62 -5.25 -2.17 10.58
N ILE A 63 -6.38 -2.59 10.04
CA ILE A 63 -7.37 -3.29 10.84
C ILE A 63 -8.07 -4.34 9.98
N ASP A 64 -7.90 -5.60 10.39
CA ASP A 64 -8.50 -6.70 9.66
C ASP A 64 -10.02 -6.51 9.63
N ILE A 65 -10.61 -6.86 8.49
CA ILE A 65 -12.04 -6.73 8.32
C ILE A 65 -12.76 -7.58 9.37
N ALA A 66 -12.08 -8.63 9.79
CA ALA A 66 -12.63 -9.53 10.80
C ALA A 66 -13.16 -8.71 11.98
N THR A 67 -12.24 -8.00 12.62
CA THR A 67 -12.59 -7.18 13.77
C THR A 67 -12.99 -5.78 13.31
N GLY A 68 -13.61 -5.05 14.21
CA GLY A 68 -14.05 -3.69 13.91
C GLY A 68 -13.29 -2.67 14.76
N TYR A 69 -12.28 -3.16 15.47
CA TYR A 69 -11.46 -2.31 16.30
C TYR A 69 -9.98 -2.67 16.18
N ALA A 70 -9.17 -1.97 16.96
CA ALA A 70 -7.73 -2.20 16.95
C ALA A 70 -7.40 -3.35 17.90
N THR A 71 -6.92 -4.44 17.32
CA THR A 71 -6.56 -5.61 18.10
C THR A 71 -5.17 -5.44 18.71
N GLY A 72 -4.41 -4.53 18.12
CA GLY A 72 -3.06 -4.26 18.58
C GLY A 72 -2.02 -4.73 17.57
N ASN A 73 -2.48 -4.92 16.35
CA ASN A 73 -1.61 -5.38 15.27
C ASN A 73 -0.83 -4.17 14.73
N ASP A 74 0.09 -4.47 13.81
CA ASP A 74 0.91 -3.44 13.21
C ASP A 74 0.88 -3.59 11.69
N VAL A 75 1.27 -2.53 11.01
CA VAL A 75 1.30 -2.53 9.55
C VAL A 75 2.54 -3.29 9.07
N ILE A 76 3.66 -2.99 9.71
CA ILE A 76 4.91 -3.63 9.37
C ILE A 76 4.73 -5.16 9.42
N GLU A 77 4.09 -5.59 10.49
CA GLU A 77 3.85 -7.02 10.67
C GLU A 77 2.94 -7.56 9.56
N ASP A 78 2.10 -6.67 9.05
CA ASP A 78 1.19 -7.04 7.99
C ASP A 78 1.92 -6.96 6.65
N ILE A 79 3.01 -6.22 6.64
CA ILE A 79 3.79 -6.04 5.43
C ILE A 79 4.62 -7.31 5.19
N LYS A 80 5.10 -7.89 6.29
CA LYS A 80 5.90 -9.09 6.21
C LYS A 80 4.98 -10.31 6.11
N SER A 81 3.70 -10.07 6.37
CA SER A 81 2.72 -11.13 6.32
C SER A 81 2.34 -11.42 4.86
N VAL A 82 2.18 -10.35 4.10
CA VAL A 82 1.83 -10.48 2.69
C VAL A 82 3.03 -10.11 1.83
N ASN A 83 4.21 -10.29 2.41
CA ASN A 83 5.44 -9.98 1.70
C ASN A 83 5.30 -8.63 1.01
N LEU A 84 4.44 -7.80 1.58
CA LEU A 84 4.21 -6.47 1.04
C LEU A 84 5.55 -5.83 0.68
N PRO A 85 5.84 -5.81 -0.65
CA PRO A 85 7.08 -5.24 -1.14
C PRO A 85 7.02 -3.71 -1.10
N THR A 86 8.16 -3.12 -0.72
CA THR A 86 8.25 -1.67 -0.63
C THR A 86 7.92 -1.04 -1.99
N VAL A 87 7.49 0.21 -1.92
CA VAL A 87 7.13 0.95 -3.13
C VAL A 87 8.38 1.07 -4.02
N GLN A 88 9.53 0.93 -3.40
CA GLN A 88 10.79 1.02 -4.12
C GLN A 88 11.16 -0.33 -4.74
N GLU A 89 10.65 -1.38 -4.11
CA GLU A 89 10.92 -2.73 -4.59
C GLU A 89 9.93 -3.10 -5.70
N TRP A 90 8.71 -2.62 -5.54
CA TRP A 90 7.66 -2.89 -6.51
C TRP A 90 8.06 -2.23 -7.83
N LYS A 91 8.37 -0.94 -7.74
CA LYS A 91 8.76 -0.17 -8.91
C LYS A 91 9.84 -0.95 -9.68
N SER A 92 10.66 -1.66 -8.92
CA SER A 92 11.73 -2.45 -9.50
C SER A 92 11.18 -3.75 -10.08
N ASN A 93 10.11 -4.23 -9.45
CA ASN A 93 9.47 -5.46 -9.89
C ASN A 93 8.79 -5.23 -11.24
N ILE A 94 8.24 -4.03 -11.39
CA ILE A 94 7.56 -3.68 -12.62
C ILE A 94 8.38 -4.17 -13.81
N ALA A 95 7.68 -4.48 -14.90
CA ALA A 95 8.33 -4.96 -16.10
C ALA A 95 8.73 -6.42 -15.90
N ARG A 96 8.34 -6.97 -14.76
CA ARG A 96 8.66 -8.35 -14.44
C ARG A 96 8.35 -9.26 -15.63
N TYR A 97 9.22 -10.23 -15.84
CA TYR A 97 9.06 -11.17 -16.92
C TYR A 97 8.68 -10.44 -18.22
N LYS A 98 9.40 -9.36 -18.49
CA LYS A 98 9.16 -8.57 -19.68
C LYS A 98 10.49 -8.21 -20.34
N ALA A 99 10.43 -8.04 -21.65
CA ALA A 99 11.63 -7.69 -22.41
C ALA A 99 12.43 -6.64 -21.64
N SER A 100 13.54 -7.09 -21.08
CA SER A 100 14.40 -6.20 -20.31
C SER A 100 15.67 -6.94 -19.88
N ASN A 101 16.71 -6.17 -19.60
CA ASN A 101 17.97 -6.74 -19.18
C ASN A 101 17.90 -7.10 -17.69
N ILE A 102 17.74 -8.38 -17.44
CA ILE A 102 17.65 -8.87 -16.07
C ILE A 102 18.96 -9.58 -15.70
N SER A 103 19.01 -10.03 -14.46
CA SER A 103 20.19 -10.73 -13.96
C SER A 103 19.79 -11.71 -12.85
N LEU A 104 20.78 -12.47 -12.40
CA LEU A 104 20.55 -13.45 -11.35
C LEU A 104 21.28 -13.01 -10.09
N GLY A 105 20.62 -13.19 -8.96
CA GLY A 105 21.20 -12.83 -7.68
C GLY A 105 22.29 -13.81 -7.27
N SER A 106 22.46 -13.97 -5.96
CA SER A 106 23.46 -14.87 -5.42
C SER A 106 22.78 -15.96 -4.58
N VAL A 107 23.58 -16.92 -4.15
CA VAL A 107 23.09 -18.02 -3.34
C VAL A 107 23.88 -18.08 -2.03
N GLU A 108 23.53 -19.06 -1.22
CA GLU A 108 24.19 -19.24 0.06
C GLU A 108 25.70 -19.04 -0.10
N GLY A 1 -2.11 -18.49 10.17
CA GLY A 1 -0.92 -18.14 9.40
C GLY A 1 -0.99 -16.69 8.91
N PRO A 2 -0.15 -16.39 7.89
CA PRO A 2 -0.11 -15.07 7.31
C PRO A 2 -1.33 -14.80 6.43
N LEU A 3 -1.53 -13.54 6.11
CA LEU A 3 -2.66 -13.15 5.28
C LEU A 3 -2.23 -13.12 3.82
N GLY A 4 -3.18 -12.78 2.95
CA GLY A 4 -2.91 -12.73 1.53
C GLY A 4 -3.15 -11.31 0.98
N SER A 5 -3.54 -10.42 1.88
CA SER A 5 -3.81 -9.04 1.51
C SER A 5 -3.98 -8.19 2.76
N LEU A 6 -3.83 -6.89 2.57
CA LEU A 6 -3.97 -5.96 3.68
C LEU A 6 -4.80 -4.75 3.22
N TYR A 7 -5.52 -4.17 4.16
CA TYR A 7 -6.35 -3.02 3.87
C TYR A 7 -6.10 -1.89 4.88
N ALA A 8 -5.60 -0.78 4.36
CA ALA A 8 -5.31 0.37 5.20
C ALA A 8 -6.49 1.34 5.15
N ILE A 9 -6.90 1.77 6.34
CA ILE A 9 -8.01 2.70 6.45
C ILE A 9 -7.49 4.08 6.85
N VAL A 10 -7.94 5.08 6.11
CA VAL A 10 -7.53 6.45 6.37
C VAL A 10 -8.37 7.02 7.51
N LEU A 11 -7.67 7.45 8.56
CA LEU A 11 -8.34 8.01 9.72
C LEU A 11 -8.47 9.53 9.53
N TYR A 12 -7.57 10.08 8.75
CA TYR A 12 -7.57 11.51 8.48
C TYR A 12 -7.47 11.79 6.97
N ASP A 13 -8.10 12.87 6.56
CA ASP A 13 -8.09 13.27 5.17
C ASP A 13 -6.65 13.52 4.72
N PHE A 14 -6.14 12.61 3.91
CA PHE A 14 -4.77 12.72 3.41
C PHE A 14 -4.71 13.68 2.22
N LYS A 15 -3.74 14.58 2.28
CA LYS A 15 -3.56 15.56 1.22
C LYS A 15 -2.36 15.15 0.36
N ALA A 16 -2.52 15.36 -0.94
CA ALA A 16 -1.47 15.01 -1.88
C ALA A 16 -0.46 16.16 -1.96
N GLU A 17 0.80 15.83 -1.76
CA GLU A 17 1.86 16.82 -1.80
C GLU A 17 2.97 16.37 -2.75
N LYS A 18 3.18 15.06 -2.80
CA LYS A 18 4.20 14.49 -3.66
C LYS A 18 3.92 14.89 -5.10
N ALA A 19 4.57 14.19 -6.02
CA ALA A 19 4.41 14.45 -7.43
C ALA A 19 3.24 13.62 -7.97
N ASP A 20 3.30 12.33 -7.69
CA ASP A 20 2.27 11.42 -8.14
C ASP A 20 1.42 10.98 -6.95
N GLU A 21 1.35 11.87 -5.96
CA GLU A 21 0.58 11.59 -4.77
C GLU A 21 -0.89 11.35 -5.13
N LEU A 22 -1.67 11.04 -4.10
CA LEU A 22 -3.09 10.79 -4.29
C LEU A 22 -3.86 11.31 -3.08
N THR A 23 -4.93 12.03 -3.36
CA THR A 23 -5.77 12.58 -2.31
C THR A 23 -6.74 11.52 -1.77
N THR A 24 -7.15 11.72 -0.54
CA THR A 24 -8.08 10.80 0.10
C THR A 24 -9.07 11.56 0.97
N TYR A 25 -9.75 10.80 1.83
CA TYR A 25 -10.74 11.39 2.72
C TYR A 25 -10.73 10.69 4.08
N VAL A 26 -10.83 11.49 5.13
CA VAL A 26 -10.83 10.96 6.49
C VAL A 26 -11.76 9.75 6.54
N GLY A 27 -11.38 8.79 7.39
CA GLY A 27 -12.18 7.58 7.55
C GLY A 27 -12.45 6.92 6.20
N GLU A 28 -11.37 6.55 5.53
CA GLU A 28 -11.47 5.91 4.23
C GLU A 28 -10.87 4.50 4.29
N ASN A 29 -11.17 3.73 3.25
CA ASN A 29 -10.66 2.36 3.17
C ASN A 29 -9.93 2.18 1.83
N LEU A 30 -8.79 1.53 1.91
CA LEU A 30 -7.99 1.27 0.72
C LEU A 30 -6.91 0.24 1.05
N PHE A 31 -6.43 -0.42 0.00
CA PHE A 31 -5.38 -1.42 0.17
C PHE A 31 -4.01 -0.84 -0.17
N ILE A 32 -3.00 -1.39 0.49
CA ILE A 32 -1.63 -0.96 0.27
C ILE A 32 -1.01 -1.76 -0.87
N CYS A 33 -0.37 -1.04 -1.77
CA CYS A 33 0.27 -1.66 -2.92
C CYS A 33 1.76 -1.84 -2.60
N ALA A 34 2.26 -0.96 -1.75
CA ALA A 34 3.65 -1.02 -1.35
C ALA A 34 3.85 -0.24 -0.05
N HIS A 35 5.09 -0.22 0.41
CA HIS A 35 5.41 0.48 1.64
C HIS A 35 6.83 1.04 1.56
N HIS A 36 6.92 2.36 1.69
CA HIS A 36 8.20 3.03 1.62
C HIS A 36 8.70 3.33 3.04
N ASN A 37 9.80 2.69 3.39
CA ASN A 37 10.39 2.88 4.71
C ASN A 37 9.32 2.62 5.78
N CYS A 38 8.44 1.68 5.47
CA CYS A 38 7.37 1.33 6.39
C CYS A 38 6.78 2.62 6.98
N GLU A 39 6.89 3.68 6.18
CA GLU A 39 6.39 4.98 6.61
C GLU A 39 5.34 5.49 5.62
N TRP A 40 5.55 5.16 4.35
CA TRP A 40 4.64 5.57 3.31
C TRP A 40 4.03 4.31 2.69
N PHE A 41 2.87 4.49 2.06
CA PHE A 41 2.18 3.39 1.43
C PHE A 41 1.76 3.75 0.00
N ILE A 42 1.53 2.72 -0.80
CA ILE A 42 1.13 2.91 -2.18
C ILE A 42 -0.38 2.67 -2.31
N ALA A 43 -1.13 3.76 -2.25
CA ALA A 43 -2.58 3.68 -2.35
C ALA A 43 -2.97 3.53 -3.83
N LYS A 44 -4.22 3.15 -4.03
CA LYS A 44 -4.74 2.97 -5.38
C LYS A 44 -6.26 2.89 -5.34
N PRO A 45 -6.91 4.07 -5.47
CA PRO A 45 -8.36 4.14 -5.45
C PRO A 45 -8.96 3.63 -6.76
N ILE A 46 -10.20 3.17 -6.68
CA ILE A 46 -10.89 2.66 -7.85
C ILE A 46 -11.97 3.65 -8.28
N GLY A 47 -12.23 3.66 -9.58
CA GLY A 47 -13.24 4.56 -10.12
C GLY A 47 -12.65 5.42 -11.24
N ARG A 48 -11.38 5.76 -11.08
CA ARG A 48 -10.69 6.58 -12.06
C ARG A 48 -9.20 6.25 -12.07
N LEU A 49 -8.74 5.77 -13.22
CA LEU A 49 -7.33 5.41 -13.37
C LEU A 49 -6.46 6.61 -13.00
N GLY A 50 -5.93 6.57 -11.78
CA GLY A 50 -5.08 7.64 -11.29
C GLY A 50 -3.84 7.08 -10.59
N GLY A 51 -4.08 6.19 -9.66
CA GLY A 51 -2.99 5.57 -8.92
C GLY A 51 -1.90 5.06 -9.87
N PRO A 52 -0.84 4.48 -9.25
CA PRO A 52 -0.77 4.37 -7.80
C PRO A 52 -0.44 5.72 -7.17
N GLY A 53 -0.71 5.81 -5.88
CA GLY A 53 -0.44 7.04 -5.15
C GLY A 53 0.26 6.74 -3.81
N LEU A 54 0.90 7.78 -3.28
CA LEU A 54 1.62 7.64 -2.03
C LEU A 54 0.75 8.19 -0.88
N VAL A 55 0.74 7.44 0.22
CA VAL A 55 -0.04 7.84 1.37
C VAL A 55 0.82 7.69 2.63
N PRO A 56 0.73 8.72 3.52
CA PRO A 56 1.48 8.73 4.75
C PRO A 56 0.88 7.76 5.77
N VAL A 57 1.75 7.03 6.45
CA VAL A 57 1.33 6.07 7.44
C VAL A 57 0.65 6.81 8.60
N GLY A 58 0.88 8.11 8.65
CA GLY A 58 0.30 8.94 9.68
C GLY A 58 -1.13 9.35 9.33
N PHE A 59 -1.65 8.72 8.29
CA PHE A 59 -3.01 9.01 7.85
C PHE A 59 -3.73 7.73 7.41
N VAL A 60 -3.17 6.60 7.82
CA VAL A 60 -3.75 5.32 7.49
C VAL A 60 -3.47 4.33 8.63
N SER A 61 -4.38 3.38 8.79
CA SER A 61 -4.24 2.39 9.83
C SER A 61 -4.47 0.99 9.25
N ILE A 62 -3.85 0.01 9.88
CA ILE A 62 -3.97 -1.37 9.44
C ILE A 62 -4.77 -2.16 10.47
N ILE A 63 -6.07 -2.27 10.20
CA ILE A 63 -6.95 -3.01 11.09
C ILE A 63 -7.20 -4.40 10.52
N ASP A 64 -7.85 -5.23 11.35
CA ASP A 64 -8.15 -6.59 10.94
C ASP A 64 -9.65 -6.73 10.69
N ILE A 65 -10.04 -7.86 10.12
CA ILE A 65 -11.43 -8.12 9.83
C ILE A 65 -12.08 -8.80 11.05
N ALA A 66 -11.36 -9.77 11.59
CA ALA A 66 -11.85 -10.51 12.75
C ALA A 66 -12.51 -9.53 13.71
N THR A 67 -12.02 -8.30 13.70
CA THR A 67 -12.55 -7.27 14.58
C THR A 67 -12.93 -6.03 13.76
N GLY A 68 -13.55 -5.08 14.45
CA GLY A 68 -13.98 -3.85 13.81
C GLY A 68 -13.18 -2.66 14.32
N TYR A 69 -12.21 -2.96 15.18
CA TYR A 69 -11.36 -1.92 15.75
C TYR A 69 -9.91 -2.39 15.85
N ALA A 70 -9.09 -1.54 16.44
CA ALA A 70 -7.67 -1.85 16.60
C ALA A 70 -7.53 -3.07 17.52
N THR A 71 -6.98 -4.13 16.96
CA THR A 71 -6.79 -5.35 17.72
C THR A 71 -5.49 -5.27 18.53
N GLY A 72 -4.58 -4.44 18.05
CA GLY A 72 -3.30 -4.27 18.72
C GLY A 72 -2.14 -4.59 17.77
N ASN A 73 -2.50 -4.88 16.52
CA ASN A 73 -1.51 -5.21 15.52
C ASN A 73 -0.95 -3.91 14.92
N ASP A 74 -0.06 -4.08 13.95
CA ASP A 74 0.56 -2.93 13.30
C ASP A 74 0.53 -3.15 11.78
N VAL A 75 1.05 -2.15 11.07
CA VAL A 75 1.10 -2.23 9.62
C VAL A 75 2.32 -3.03 9.19
N ILE A 76 3.39 -2.87 9.96
CA ILE A 76 4.63 -3.58 9.68
C ILE A 76 4.37 -5.08 9.69
N GLU A 77 3.51 -5.50 10.61
CA GLU A 77 3.18 -6.91 10.74
C GLU A 77 2.40 -7.38 9.52
N ASP A 78 1.46 -6.55 9.09
CA ASP A 78 0.65 -6.86 7.93
C ASP A 78 1.53 -6.87 6.67
N ILE A 79 2.53 -6.00 6.69
CA ILE A 79 3.44 -5.89 5.57
C ILE A 79 4.20 -7.21 5.40
N LYS A 80 4.64 -7.74 6.54
CA LYS A 80 5.38 -8.99 6.53
C LYS A 80 4.39 -10.16 6.38
N SER A 81 3.12 -9.84 6.54
CA SER A 81 2.08 -10.85 6.42
C SER A 81 1.83 -11.17 4.96
N VAL A 82 1.75 -10.12 4.15
CA VAL A 82 1.51 -10.28 2.72
C VAL A 82 2.79 -9.93 1.96
N ASN A 83 3.91 -10.18 2.61
CA ASN A 83 5.21 -9.89 2.00
C ASN A 83 5.14 -8.53 1.29
N LEU A 84 4.28 -7.67 1.80
CA LEU A 84 4.10 -6.35 1.22
C LEU A 84 5.48 -5.77 0.88
N PRO A 85 5.81 -5.82 -0.44
CA PRO A 85 7.09 -5.30 -0.91
C PRO A 85 7.08 -3.77 -0.92
N THR A 86 8.27 -3.20 -0.78
CA THR A 86 8.42 -1.76 -0.78
C THR A 86 8.09 -1.19 -2.18
N VAL A 87 7.61 0.04 -2.17
CA VAL A 87 7.26 0.71 -3.41
C VAL A 87 8.43 0.59 -4.40
N GLN A 88 9.62 0.41 -3.84
CA GLN A 88 10.82 0.29 -4.65
C GLN A 88 10.98 -1.16 -5.14
N GLU A 89 10.81 -2.08 -4.20
CA GLU A 89 10.94 -3.49 -4.52
C GLU A 89 9.87 -3.91 -5.53
N TRP A 90 8.78 -3.15 -5.54
CA TRP A 90 7.68 -3.42 -6.45
C TRP A 90 8.05 -2.87 -7.82
N LYS A 91 8.16 -1.55 -7.89
CA LYS A 91 8.50 -0.89 -9.14
C LYS A 91 9.69 -1.62 -9.78
N SER A 92 10.50 -2.23 -8.94
CA SER A 92 11.67 -2.95 -9.41
C SER A 92 11.22 -4.25 -10.10
N ASN A 93 10.41 -5.00 -9.40
CA ASN A 93 9.90 -6.27 -9.93
C ASN A 93 9.09 -5.99 -11.19
N ILE A 94 8.58 -4.77 -11.27
CA ILE A 94 7.78 -4.37 -12.42
C ILE A 94 8.70 -4.15 -13.62
N ALA A 95 8.83 -5.21 -14.41
CA ALA A 95 9.68 -5.14 -15.60
C ALA A 95 9.19 -6.18 -16.61
N ARG A 96 9.65 -6.01 -17.85
CA ARG A 96 9.27 -6.92 -18.92
C ARG A 96 10.04 -8.23 -18.80
N TYR A 97 9.50 -9.26 -19.45
CA TYR A 97 10.14 -10.56 -19.43
C TYR A 97 10.40 -11.01 -17.99
N LYS A 98 9.42 -10.78 -17.13
CA LYS A 98 9.52 -11.16 -15.74
C LYS A 98 8.72 -12.44 -15.48
N ALA A 99 9.45 -13.54 -15.37
CA ALA A 99 8.81 -14.83 -15.13
C ALA A 99 9.23 -15.34 -13.75
N SER A 100 9.74 -14.44 -12.94
CA SER A 100 10.18 -14.78 -11.60
C SER A 100 9.01 -15.33 -10.79
N ASN A 101 9.03 -16.64 -10.58
CA ASN A 101 7.98 -17.30 -9.84
C ASN A 101 8.35 -17.32 -8.35
N ILE A 102 9.65 -17.20 -8.10
CA ILE A 102 10.15 -17.20 -6.74
C ILE A 102 9.40 -18.27 -5.92
N SER A 103 9.07 -19.36 -6.61
CA SER A 103 8.35 -20.45 -5.97
C SER A 103 9.07 -20.86 -4.67
N LEU A 104 8.50 -20.45 -3.56
CA LEU A 104 9.07 -20.76 -2.27
C LEU A 104 7.94 -20.91 -1.24
N GLY A 105 8.07 -21.94 -0.41
CA GLY A 105 7.08 -22.20 0.62
C GLY A 105 7.23 -23.62 1.17
N SER A 106 6.90 -23.75 2.46
CA SER A 106 6.99 -25.04 3.12
C SER A 106 6.36 -24.96 4.52
N VAL A 107 5.80 -26.08 4.94
CA VAL A 107 5.16 -26.15 6.24
C VAL A 107 5.01 -27.62 6.65
N GLU A 108 4.70 -27.81 7.93
CA GLU A 108 4.52 -29.15 8.46
C GLU A 108 3.03 -29.51 8.52
N GLY A 1 -2.61 -13.85 -4.21
CA GLY A 1 -3.53 -14.61 -3.38
C GLY A 1 -3.01 -14.73 -1.95
N PRO A 2 -2.01 -15.65 -1.77
CA PRO A 2 -1.43 -15.86 -0.47
C PRO A 2 -0.49 -14.71 -0.08
N LEU A 3 -0.60 -14.29 1.17
CA LEU A 3 0.22 -13.21 1.67
C LEU A 3 0.34 -12.13 0.60
N GLY A 4 -0.79 -11.78 0.02
CA GLY A 4 -0.83 -10.77 -1.02
C GLY A 4 -2.13 -9.96 -0.97
N SER A 5 -2.80 -10.07 0.16
CA SER A 5 -4.05 -9.36 0.35
C SER A 5 -4.09 -8.69 1.73
N LEU A 6 -4.12 -7.37 1.70
CA LEU A 6 -4.15 -6.60 2.93
C LEU A 6 -5.24 -5.53 2.84
N TYR A 7 -5.65 -5.05 4.01
CA TYR A 7 -6.69 -4.03 4.06
C TYR A 7 -6.33 -2.95 5.08
N ALA A 8 -6.15 -1.74 4.57
CA ALA A 8 -5.81 -0.60 5.42
C ALA A 8 -6.94 0.42 5.38
N ILE A 9 -7.06 1.16 6.47
CA ILE A 9 -8.09 2.19 6.57
C ILE A 9 -7.43 3.55 6.78
N VAL A 10 -7.85 4.49 5.95
CA VAL A 10 -7.32 5.84 6.02
C VAL A 10 -8.21 6.69 6.92
N LEU A 11 -7.66 7.07 8.07
CA LEU A 11 -8.40 7.88 9.02
C LEU A 11 -7.96 9.34 8.90
N TYR A 12 -7.52 9.70 7.70
CA TYR A 12 -7.06 11.06 7.44
C TYR A 12 -6.98 11.32 5.93
N ASP A 13 -7.57 12.45 5.54
CA ASP A 13 -7.57 12.84 4.14
C ASP A 13 -6.21 13.45 3.78
N PHE A 14 -5.39 12.64 3.14
CA PHE A 14 -4.07 13.09 2.73
C PHE A 14 -4.13 13.86 1.41
N LYS A 15 -3.18 14.75 1.24
CA LYS A 15 -3.10 15.56 0.03
C LYS A 15 -1.88 15.13 -0.80
N ALA A 16 -1.98 15.37 -2.10
CA ALA A 16 -0.90 15.02 -3.01
C ALA A 16 -0.01 16.24 -3.23
N GLU A 17 1.28 16.05 -2.96
CA GLU A 17 2.25 17.12 -3.13
C GLU A 17 3.34 16.70 -4.12
N LYS A 18 3.75 15.45 -4.00
CA LYS A 18 4.78 14.92 -4.87
C LYS A 18 4.26 14.88 -6.30
N ALA A 19 5.07 14.29 -7.18
CA ALA A 19 4.70 14.19 -8.57
C ALA A 19 3.89 12.90 -8.78
N ASP A 20 4.23 11.89 -8.00
CA ASP A 20 3.53 10.61 -8.09
C ASP A 20 2.62 10.46 -6.87
N GLU A 21 2.47 11.55 -6.14
CA GLU A 21 1.63 11.54 -4.96
C GLU A 21 0.15 11.57 -5.35
N LEU A 22 -0.71 11.42 -4.35
CA LEU A 22 -2.14 11.42 -4.59
C LEU A 22 -2.86 11.84 -3.30
N THR A 23 -4.08 12.33 -3.48
CA THR A 23 -4.88 12.76 -2.35
C THR A 23 -5.94 11.71 -2.00
N THR A 24 -6.09 11.47 -0.71
CA THR A 24 -7.06 10.50 -0.25
C THR A 24 -8.18 11.20 0.54
N TYR A 25 -8.96 10.39 1.25
CA TYR A 25 -10.05 10.91 2.04
C TYR A 25 -10.13 10.21 3.41
N VAL A 26 -10.63 10.95 4.39
CA VAL A 26 -10.76 10.42 5.74
C VAL A 26 -11.69 9.21 5.71
N GLY A 27 -11.63 8.43 6.78
CA GLY A 27 -12.46 7.25 6.90
C GLY A 27 -12.59 6.54 5.55
N GLU A 28 -11.45 6.17 4.99
CA GLU A 28 -11.43 5.49 3.70
C GLU A 28 -10.91 4.06 3.87
N ASN A 29 -11.29 3.21 2.94
CA ASN A 29 -10.87 1.82 2.96
C ASN A 29 -10.16 1.47 1.66
N LEU A 30 -8.94 0.97 1.80
CA LEU A 30 -8.14 0.60 0.64
C LEU A 30 -7.02 -0.33 1.08
N PHE A 31 -6.44 -1.01 0.10
CA PHE A 31 -5.35 -1.94 0.38
C PHE A 31 -4.00 -1.30 0.07
N ILE A 32 -3.00 -1.70 0.84
CA ILE A 32 -1.65 -1.17 0.66
C ILE A 32 -1.01 -1.85 -0.55
N CYS A 33 -0.78 -1.05 -1.58
CA CYS A 33 -0.16 -1.56 -2.80
C CYS A 33 1.34 -1.66 -2.57
N ALA A 34 1.81 -0.89 -1.61
CA ALA A 34 3.23 -0.89 -1.28
C ALA A 34 3.45 -0.06 0.00
N HIS A 35 4.71 0.01 0.41
CA HIS A 35 5.06 0.76 1.59
C HIS A 35 6.48 1.34 1.43
N HIS A 36 6.69 2.47 2.09
CA HIS A 36 7.98 3.14 2.02
C HIS A 36 8.43 3.51 3.44
N ASN A 37 9.61 3.02 3.80
CA ASN A 37 10.17 3.29 5.11
C ASN A 37 9.15 2.90 6.18
N CYS A 38 8.35 1.90 5.85
CA CYS A 38 7.33 1.43 6.77
C CYS A 38 6.66 2.64 7.41
N GLU A 39 6.64 3.73 6.65
CA GLU A 39 6.02 4.95 7.13
C GLU A 39 4.95 5.42 6.14
N TRP A 40 5.24 5.24 4.86
CA TRP A 40 4.33 5.64 3.81
C TRP A 40 3.75 4.37 3.18
N PHE A 41 2.59 4.54 2.55
CA PHE A 41 1.92 3.42 1.91
C PHE A 41 1.37 3.83 0.54
N ILE A 42 1.17 2.84 -0.31
CA ILE A 42 0.65 3.08 -1.65
C ILE A 42 -0.86 2.83 -1.64
N ALA A 43 -1.61 3.93 -1.55
CA ALA A 43 -3.05 3.85 -1.54
C ALA A 43 -3.58 4.06 -2.96
N LYS A 44 -4.79 3.57 -3.18
CA LYS A 44 -5.42 3.70 -4.49
C LYS A 44 -6.94 3.71 -4.33
N PRO A 45 -7.63 4.28 -5.34
CA PRO A 45 -9.08 4.37 -5.32
C PRO A 45 -9.71 3.00 -5.61
N ILE A 46 -11.01 3.03 -5.86
CA ILE A 46 -11.75 1.81 -6.17
C ILE A 46 -11.63 1.52 -7.66
N GLY A 47 -11.32 2.55 -8.42
CA GLY A 47 -11.18 2.41 -9.86
C GLY A 47 -11.17 3.78 -10.55
N ARG A 48 -9.99 4.37 -10.60
CA ARG A 48 -9.84 5.68 -11.23
C ARG A 48 -8.42 5.82 -11.80
N LEU A 49 -8.37 6.27 -13.04
CA LEU A 49 -7.09 6.46 -13.72
C LEU A 49 -6.35 7.63 -13.07
N GLY A 50 -5.85 7.38 -11.86
CA GLY A 50 -5.13 8.41 -11.14
C GLY A 50 -4.05 7.78 -10.24
N GLY A 51 -4.51 6.92 -9.34
CA GLY A 51 -3.61 6.25 -8.42
C GLY A 51 -2.51 5.49 -9.17
N PRO A 52 -1.64 4.81 -8.39
CA PRO A 52 -1.77 4.82 -6.94
C PRO A 52 -1.30 6.15 -6.36
N GLY A 53 -1.20 6.18 -5.04
CA GLY A 53 -0.76 7.38 -4.34
C GLY A 53 -0.03 7.03 -3.05
N LEU A 54 0.81 7.96 -2.61
CA LEU A 54 1.57 7.76 -1.38
C LEU A 54 0.86 8.46 -0.23
N VAL A 55 0.62 7.69 0.83
CA VAL A 55 -0.04 8.21 2.01
C VAL A 55 0.78 7.88 3.25
N PRO A 56 0.75 8.82 4.23
CA PRO A 56 1.48 8.63 5.47
C PRO A 56 0.78 7.62 6.37
N VAL A 57 1.59 6.90 7.15
CA VAL A 57 1.06 5.90 8.05
C VAL A 57 0.25 6.59 9.15
N GLY A 58 0.69 7.79 9.50
CA GLY A 58 0.02 8.57 10.53
C GLY A 58 -1.39 8.98 10.09
N PHE A 59 -1.67 8.72 8.82
CA PHE A 59 -2.97 9.06 8.27
C PHE A 59 -3.74 7.78 7.88
N VAL A 60 -3.14 6.65 8.20
CA VAL A 60 -3.75 5.37 7.89
C VAL A 60 -3.53 4.40 9.06
N SER A 61 -4.33 3.35 9.08
CA SER A 61 -4.23 2.35 10.13
C SER A 61 -4.53 0.96 9.56
N ILE A 62 -3.81 -0.03 10.09
CA ILE A 62 -4.00 -1.40 9.64
C ILE A 62 -4.95 -2.11 10.59
N ILE A 63 -6.18 -2.32 10.10
CA ILE A 63 -7.19 -2.99 10.90
C ILE A 63 -8.16 -3.72 9.96
N ASP A 64 -9.11 -4.41 10.57
CA ASP A 64 -10.11 -5.14 9.81
C ASP A 64 -9.42 -6.27 9.03
N ILE A 65 -8.59 -7.01 9.74
CA ILE A 65 -7.86 -8.11 9.14
C ILE A 65 -8.12 -9.40 9.94
N ALA A 66 -8.02 -9.26 11.26
CA ALA A 66 -8.24 -10.39 12.14
C ALA A 66 -9.56 -10.20 12.89
N THR A 67 -9.75 -8.98 13.38
CA THR A 67 -10.97 -8.65 14.12
C THR A 67 -11.61 -7.39 13.55
N GLY A 68 -12.74 -7.03 14.12
CA GLY A 68 -13.47 -5.85 13.68
C GLY A 68 -12.79 -4.58 14.19
N TYR A 69 -11.77 -4.77 15.01
CA TYR A 69 -11.03 -3.65 15.57
C TYR A 69 -9.53 -3.94 15.60
N ALA A 70 -8.79 -3.00 16.15
CA ALA A 70 -7.34 -3.14 16.24
C ALA A 70 -6.99 -3.92 17.50
N THR A 71 -6.11 -4.90 17.33
CA THR A 71 -5.69 -5.72 18.45
C THR A 71 -4.43 -5.15 19.09
N GLY A 72 -3.60 -4.53 18.26
CA GLY A 72 -2.37 -3.93 18.73
C GLY A 72 -1.22 -4.20 17.75
N ASN A 73 -1.47 -5.12 16.83
CA ASN A 73 -0.47 -5.47 15.84
C ASN A 73 -0.01 -4.21 15.11
N ASP A 74 1.06 -4.37 14.35
CA ASP A 74 1.61 -3.26 13.59
C ASP A 74 1.46 -3.54 12.09
N VAL A 75 1.84 -2.54 11.30
CA VAL A 75 1.76 -2.67 9.85
C VAL A 75 2.97 -3.46 9.35
N ILE A 76 4.08 -3.26 10.04
CA ILE A 76 5.31 -3.95 9.66
C ILE A 76 5.11 -5.46 9.76
N GLU A 77 4.60 -5.89 10.91
CA GLU A 77 4.35 -7.30 11.13
C GLU A 77 3.32 -7.81 10.13
N ASP A 78 2.53 -6.89 9.60
CA ASP A 78 1.50 -7.24 8.63
C ASP A 78 2.13 -7.32 7.24
N ILE A 79 3.08 -6.44 7.00
CA ILE A 79 3.77 -6.40 5.72
C ILE A 79 4.45 -7.74 5.47
N LYS A 80 4.84 -8.39 6.56
CA LYS A 80 5.50 -9.68 6.47
C LYS A 80 4.45 -10.79 6.36
N SER A 81 3.20 -10.40 6.60
CA SER A 81 2.10 -11.33 6.53
C SER A 81 1.46 -11.29 5.14
N VAL A 82 1.85 -10.27 4.38
CA VAL A 82 1.32 -10.10 3.04
C VAL A 82 2.48 -9.83 2.07
N ASN A 83 3.69 -10.03 2.58
CA ASN A 83 4.87 -9.81 1.78
C ASN A 83 4.82 -8.40 1.17
N LEU A 84 4.02 -7.55 1.79
CA LEU A 84 3.86 -6.18 1.31
C LEU A 84 5.23 -5.64 0.88
N PRO A 85 5.44 -5.66 -0.47
CA PRO A 85 6.69 -5.18 -1.03
C PRO A 85 6.76 -3.65 -1.00
N THR A 86 7.95 -3.14 -0.74
CA THR A 86 8.16 -1.71 -0.67
C THR A 86 7.81 -1.06 -2.02
N VAL A 87 7.32 0.17 -1.93
CA VAL A 87 6.95 0.91 -3.12
C VAL A 87 8.12 0.91 -4.11
N GLN A 88 9.31 0.77 -3.56
CA GLN A 88 10.52 0.76 -4.37
C GLN A 88 10.65 -0.59 -5.08
N GLU A 89 10.31 -1.65 -4.37
CA GLU A 89 10.38 -2.99 -4.93
C GLU A 89 9.21 -3.24 -5.87
N TRP A 90 8.15 -2.49 -5.65
CA TRP A 90 6.95 -2.62 -6.46
C TRP A 90 7.19 -1.86 -7.78
N LYS A 91 7.41 -0.57 -7.65
CA LYS A 91 7.65 0.28 -8.81
C LYS A 91 8.75 -0.34 -9.66
N SER A 92 9.60 -1.13 -8.99
CA SER A 92 10.70 -1.79 -9.68
C SER A 92 10.17 -2.92 -10.55
N ASN A 93 9.13 -3.58 -10.06
CA ASN A 93 8.53 -4.69 -10.79
C ASN A 93 7.66 -4.12 -11.92
N ILE A 94 6.98 -3.02 -11.62
CA ILE A 94 6.12 -2.38 -12.60
C ILE A 94 6.81 -2.38 -13.95
N ALA A 95 7.91 -1.65 -14.02
CA ALA A 95 8.67 -1.56 -15.26
C ALA A 95 10.17 -1.43 -14.92
N ARG A 96 10.94 -2.39 -15.41
CA ARG A 96 12.37 -2.40 -15.18
C ARG A 96 13.13 -2.57 -16.50
N TYR A 97 12.36 -2.60 -17.58
CA TYR A 97 12.95 -2.76 -18.90
C TYR A 97 13.78 -4.03 -18.99
N LYS A 98 13.16 -5.13 -18.58
CA LYS A 98 13.83 -6.42 -18.62
C LYS A 98 12.78 -7.53 -18.64
N ALA A 99 13.24 -8.72 -19.02
CA ALA A 99 12.36 -9.88 -19.09
C ALA A 99 12.01 -10.33 -17.67
N SER A 100 12.99 -10.99 -17.06
CA SER A 100 12.80 -11.49 -15.70
C SER A 100 11.46 -12.21 -15.58
N ASN A 101 11.08 -12.87 -16.67
CA ASN A 101 9.82 -13.60 -16.71
C ASN A 101 9.84 -14.68 -15.63
N ILE A 102 9.11 -14.41 -14.55
CA ILE A 102 9.02 -15.35 -13.44
C ILE A 102 7.57 -15.49 -13.01
N SER A 103 7.22 -16.70 -12.63
CA SER A 103 5.86 -16.98 -12.18
C SER A 103 5.88 -17.64 -10.80
N LEU A 104 4.96 -17.20 -9.96
CA LEU A 104 4.86 -17.73 -8.60
C LEU A 104 3.78 -18.80 -8.56
N GLY A 105 3.60 -19.38 -7.38
CA GLY A 105 2.61 -20.42 -7.19
C GLY A 105 2.38 -20.69 -5.71
N SER A 106 1.39 -21.54 -5.43
CA SER A 106 1.06 -21.89 -4.07
C SER A 106 1.09 -23.41 -3.90
N VAL A 107 1.40 -23.84 -2.68
CA VAL A 107 1.47 -25.25 -2.37
C VAL A 107 0.31 -25.62 -1.44
N GLU A 108 -0.08 -26.89 -1.51
CA GLU A 108 -1.17 -27.37 -0.68
C GLU A 108 -1.08 -26.79 0.73
N GLY A 1 -4.44 -18.26 6.45
CA GLY A 1 -4.14 -19.10 5.31
C GLY A 1 -3.72 -18.25 4.10
N PRO A 2 -4.66 -17.40 3.64
CA PRO A 2 -4.40 -16.54 2.50
C PRO A 2 -3.51 -15.37 2.89
N LEU A 3 -2.20 -15.61 2.81
CA LEU A 3 -1.23 -14.59 3.16
C LEU A 3 -0.74 -13.90 1.88
N GLY A 4 -1.58 -13.01 1.37
CA GLY A 4 -1.25 -12.28 0.16
C GLY A 4 -2.32 -11.24 -0.16
N SER A 5 -2.61 -10.41 0.83
CA SER A 5 -3.61 -9.37 0.67
C SER A 5 -3.66 -8.49 1.93
N LEU A 6 -3.43 -7.19 1.71
CA LEU A 6 -3.44 -6.24 2.81
C LEU A 6 -4.15 -4.97 2.36
N TYR A 7 -4.62 -4.21 3.34
CA TYR A 7 -5.33 -2.97 3.06
C TYR A 7 -5.16 -1.98 4.22
N ALA A 8 -5.24 -0.71 3.87
CA ALA A 8 -5.09 0.35 4.86
C ALA A 8 -6.35 1.23 4.85
N ILE A 9 -6.76 1.64 6.04
CA ILE A 9 -7.93 2.48 6.18
C ILE A 9 -7.51 3.93 6.42
N VAL A 10 -8.06 4.82 5.61
CA VAL A 10 -7.73 6.23 5.72
C VAL A 10 -8.62 6.86 6.80
N LEU A 11 -8.09 6.89 8.01
CA LEU A 11 -8.81 7.47 9.14
C LEU A 11 -8.44 8.94 9.28
N TYR A 12 -8.00 9.53 8.17
CA TYR A 12 -7.61 10.91 8.16
C TYR A 12 -7.51 11.45 6.73
N ASP A 13 -7.95 12.69 6.56
CA ASP A 13 -7.92 13.32 5.25
C ASP A 13 -6.46 13.55 4.84
N PHE A 14 -5.96 12.64 4.01
CA PHE A 14 -4.59 12.72 3.53
C PHE A 14 -4.48 13.73 2.39
N LYS A 15 -3.60 14.71 2.57
CA LYS A 15 -3.38 15.73 1.56
C LYS A 15 -2.23 15.31 0.66
N ALA A 16 -2.40 15.55 -0.63
CA ALA A 16 -1.37 15.19 -1.59
C ALA A 16 -0.31 16.30 -1.63
N GLU A 17 0.91 15.90 -1.37
CA GLU A 17 2.03 16.84 -1.36
C GLU A 17 3.15 16.35 -2.28
N LYS A 18 3.31 15.03 -2.30
CA LYS A 18 4.34 14.42 -3.12
C LYS A 18 4.12 14.80 -4.59
N ALA A 19 4.77 14.06 -5.46
CA ALA A 19 4.65 14.31 -6.89
C ALA A 19 3.47 13.51 -7.45
N ASP A 20 3.49 12.22 -7.15
CA ASP A 20 2.43 11.34 -7.61
C ASP A 20 1.50 11.00 -6.45
N GLU A 21 1.40 11.94 -5.52
CA GLU A 21 0.56 11.76 -4.35
C GLU A 21 -0.90 11.52 -4.78
N LEU A 22 -1.72 11.19 -3.80
CA LEU A 22 -3.13 10.94 -4.07
C LEU A 22 -3.95 11.38 -2.85
N THR A 23 -4.66 12.48 -3.04
CA THR A 23 -5.50 13.02 -1.97
C THR A 23 -6.69 12.09 -1.71
N THR A 24 -7.05 12.00 -0.44
CA THR A 24 -8.16 11.15 -0.03
C THR A 24 -8.98 11.84 1.05
N TYR A 25 -9.88 11.07 1.65
CA TYR A 25 -10.74 11.59 2.70
C TYR A 25 -10.73 10.66 3.91
N VAL A 26 -10.87 11.27 5.09
CA VAL A 26 -10.89 10.51 6.33
C VAL A 26 -12.04 9.51 6.29
N GLY A 27 -11.88 8.45 7.08
CA GLY A 27 -12.89 7.42 7.15
C GLY A 27 -13.09 6.75 5.78
N GLU A 28 -11.98 6.51 5.10
CA GLU A 28 -12.01 5.89 3.80
C GLU A 28 -11.19 4.59 3.80
N ASN A 29 -11.31 3.86 2.71
CA ASN A 29 -10.59 2.61 2.57
C ASN A 29 -9.64 2.69 1.36
N LEU A 30 -8.40 2.30 1.60
CA LEU A 30 -7.40 2.33 0.55
C LEU A 30 -6.52 1.09 0.66
N PHE A 31 -6.45 0.34 -0.44
CA PHE A 31 -5.65 -0.86 -0.48
C PHE A 31 -4.16 -0.53 -0.68
N ILE A 32 -3.34 -1.10 0.20
CA ILE A 32 -1.91 -0.87 0.14
C ILE A 32 -1.31 -1.73 -0.98
N CYS A 33 -0.68 -1.06 -1.93
CA CYS A 33 -0.06 -1.75 -3.05
C CYS A 33 1.42 -1.96 -2.73
N ALA A 34 1.96 -1.03 -1.97
CA ALA A 34 3.37 -1.10 -1.58
C ALA A 34 3.62 -0.14 -0.42
N HIS A 35 4.73 -0.38 0.26
CA HIS A 35 5.10 0.45 1.40
C HIS A 35 6.54 0.93 1.23
N HIS A 36 6.79 2.13 1.74
CA HIS A 36 8.12 2.71 1.66
C HIS A 36 8.64 3.01 3.06
N ASN A 37 9.76 2.37 3.40
CA ASN A 37 10.36 2.55 4.71
C ASN A 37 9.28 2.40 5.79
N CYS A 38 8.37 1.47 5.55
CA CYS A 38 7.30 1.22 6.49
C CYS A 38 6.82 2.56 7.05
N GLU A 39 6.79 3.55 6.17
CA GLU A 39 6.35 4.89 6.55
C GLU A 39 5.34 5.44 5.55
N TRP A 40 5.58 5.12 4.28
CA TRP A 40 4.70 5.56 3.22
C TRP A 40 4.02 4.34 2.62
N PHE A 41 2.95 4.59 1.89
CA PHE A 41 2.20 3.52 1.26
C PHE A 41 1.87 3.86 -0.20
N ILE A 42 1.54 2.82 -0.95
CA ILE A 42 1.21 2.99 -2.36
C ILE A 42 -0.28 2.70 -2.56
N ALA A 43 -1.07 3.76 -2.55
CA ALA A 43 -2.50 3.64 -2.75
C ALA A 43 -2.82 3.65 -4.24
N LYS A 44 -4.11 3.64 -4.53
CA LYS A 44 -4.56 3.64 -5.92
C LYS A 44 -6.03 4.07 -5.97
N PRO A 45 -6.42 4.61 -7.15
CA PRO A 45 -7.79 5.06 -7.34
C PRO A 45 -8.74 3.87 -7.53
N ILE A 46 -9.98 4.06 -7.09
CA ILE A 46 -10.98 3.02 -7.21
C ILE A 46 -12.21 3.57 -7.92
N GLY A 47 -12.02 4.72 -8.55
CA GLY A 47 -13.11 5.37 -9.27
C GLY A 47 -12.72 5.62 -10.73
N ARG A 48 -11.52 6.16 -10.91
CA ARG A 48 -11.03 6.45 -12.24
C ARG A 48 -9.62 5.89 -12.42
N LEU A 49 -9.10 6.07 -13.63
CA LEU A 49 -7.76 5.58 -13.94
C LEU A 49 -6.72 6.55 -13.38
N GLY A 50 -5.87 6.02 -12.51
CA GLY A 50 -4.83 6.82 -11.89
C GLY A 50 -3.82 5.94 -11.15
N GLY A 51 -3.34 6.45 -10.03
CA GLY A 51 -2.37 5.72 -9.23
C GLY A 51 -1.20 5.25 -10.09
N PRO A 52 -0.21 4.61 -9.41
CA PRO A 52 -0.28 4.42 -7.97
C PRO A 52 -0.02 5.73 -7.22
N GLY A 53 -0.72 5.89 -6.12
CA GLY A 53 -0.56 7.09 -5.31
C GLY A 53 0.20 6.78 -4.01
N LEU A 54 0.75 7.83 -3.42
CA LEU A 54 1.50 7.69 -2.18
C LEU A 54 0.64 8.16 -1.01
N VAL A 55 0.73 7.42 0.08
CA VAL A 55 -0.03 7.75 1.28
C VAL A 55 0.82 7.43 2.52
N PRO A 56 0.94 8.45 3.41
CA PRO A 56 1.70 8.29 4.63
C PRO A 56 0.93 7.44 5.65
N VAL A 57 1.69 6.85 6.57
CA VAL A 57 1.09 6.02 7.61
C VAL A 57 0.55 6.92 8.71
N GLY A 58 0.65 8.23 8.49
CA GLY A 58 0.17 9.19 9.46
C GLY A 58 -1.30 9.54 9.21
N PHE A 59 -1.83 8.96 8.15
CA PHE A 59 -3.22 9.21 7.78
C PHE A 59 -3.91 7.91 7.37
N VAL A 60 -3.26 6.79 7.71
CA VAL A 60 -3.81 5.49 7.39
C VAL A 60 -3.51 4.52 8.53
N SER A 61 -4.43 3.60 8.74
CA SER A 61 -4.28 2.61 9.80
C SER A 61 -4.49 1.20 9.24
N ILE A 62 -4.00 0.22 9.98
CA ILE A 62 -4.14 -1.17 9.57
C ILE A 62 -5.25 -1.83 10.38
N ILE A 63 -5.96 -2.75 9.73
CA ILE A 63 -7.04 -3.46 10.38
C ILE A 63 -7.27 -4.79 9.66
N ASP A 64 -7.30 -5.86 10.45
CA ASP A 64 -7.50 -7.18 9.91
C ASP A 64 -9.00 -7.47 9.84
N ILE A 65 -9.33 -8.68 9.40
CA ILE A 65 -10.70 -9.09 9.29
C ILE A 65 -11.49 -8.60 10.50
N ALA A 66 -12.19 -7.49 10.31
CA ALA A 66 -12.97 -6.91 11.39
C ALA A 66 -14.07 -6.03 10.78
N THR A 67 -15.01 -5.63 11.63
CA THR A 67 -16.11 -4.79 11.20
C THR A 67 -15.77 -3.31 11.41
N GLY A 68 -14.48 -3.02 11.35
CA GLY A 68 -14.01 -1.65 11.55
C GLY A 68 -13.17 -1.54 12.81
N TYR A 69 -13.05 -2.65 13.51
CA TYR A 69 -12.27 -2.69 14.73
C TYR A 69 -10.80 -3.01 14.45
N ALA A 70 -10.01 -3.04 15.51
CA ALA A 70 -8.60 -3.33 15.39
C ALA A 70 -8.19 -4.35 16.46
N THR A 71 -7.14 -5.10 16.14
CA THR A 71 -6.64 -6.11 17.06
C THR A 71 -5.58 -5.53 17.98
N GLY A 72 -4.97 -4.45 17.51
CA GLY A 72 -3.93 -3.79 18.28
C GLY A 72 -2.54 -4.05 17.70
N ASN A 73 -2.53 -4.83 16.63
CA ASN A 73 -1.28 -5.18 15.96
C ASN A 73 -0.72 -3.95 15.27
N ASP A 74 0.37 -4.15 14.56
CA ASP A 74 1.01 -3.06 13.83
C ASP A 74 0.92 -3.32 12.33
N VAL A 75 1.34 -2.33 11.57
CA VAL A 75 1.31 -2.44 10.11
C VAL A 75 2.56 -3.16 9.63
N ILE A 76 3.64 -2.94 10.35
CA ILE A 76 4.91 -3.57 10.00
C ILE A 76 4.75 -5.10 10.08
N GLU A 77 4.23 -5.55 11.21
CA GLU A 77 4.03 -6.97 11.43
C GLU A 77 3.12 -7.55 10.34
N ASP A 78 2.21 -6.71 9.87
CA ASP A 78 1.29 -7.12 8.83
C ASP A 78 2.00 -7.12 7.48
N ILE A 79 2.90 -6.16 7.32
CA ILE A 79 3.67 -6.04 6.08
C ILE A 79 4.62 -7.23 5.96
N LYS A 80 5.18 -7.62 7.10
CA LYS A 80 6.11 -8.73 7.14
C LYS A 80 5.33 -10.05 7.04
N SER A 81 4.14 -10.03 7.63
CA SER A 81 3.29 -11.21 7.62
C SER A 81 2.99 -11.62 6.17
N VAL A 82 2.80 -10.62 5.33
CA VAL A 82 2.51 -10.86 3.93
C VAL A 82 3.68 -10.39 3.07
N ASN A 83 4.74 -10.00 3.75
CA ASN A 83 5.94 -9.52 3.08
C ASN A 83 5.52 -8.63 1.90
N LEU A 84 4.67 -7.66 2.20
CA LEU A 84 4.19 -6.74 1.18
C LEU A 84 5.39 -6.17 0.41
N PRO A 85 5.19 -6.03 -0.93
CA PRO A 85 6.25 -5.51 -1.79
C PRO A 85 6.39 -3.99 -1.61
N THR A 86 7.61 -3.57 -1.38
CA THR A 86 7.89 -2.15 -1.21
C THR A 86 7.64 -1.38 -2.51
N VAL A 87 7.30 -0.12 -2.36
CA VAL A 87 7.05 0.73 -3.51
C VAL A 87 8.15 0.54 -4.54
N GLN A 88 9.32 0.15 -4.05
CA GLN A 88 10.46 -0.08 -4.90
C GLN A 88 10.44 -1.50 -5.47
N GLU A 89 10.28 -2.46 -4.56
CA GLU A 89 10.23 -3.86 -4.95
C GLU A 89 9.13 -4.09 -5.98
N TRP A 90 8.14 -3.22 -5.93
CA TRP A 90 7.02 -3.31 -6.86
C TRP A 90 7.39 -2.59 -8.14
N LYS A 91 7.65 -1.30 -8.01
CA LYS A 91 8.02 -0.48 -9.16
C LYS A 91 9.17 -1.16 -9.90
N SER A 92 9.89 -2.00 -9.17
CA SER A 92 11.02 -2.71 -9.75
C SER A 92 10.54 -4.01 -10.40
N ASN A 93 9.97 -4.88 -9.58
CA ASN A 93 9.46 -6.15 -10.05
C ASN A 93 8.75 -5.95 -11.39
N ILE A 94 7.78 -5.03 -11.36
CA ILE A 94 7.01 -4.73 -12.56
C ILE A 94 7.95 -4.65 -13.76
N ALA A 95 7.88 -5.67 -14.60
CA ALA A 95 8.72 -5.71 -15.79
C ALA A 95 7.89 -6.21 -16.98
N ARG A 96 8.51 -6.18 -18.14
CA ARG A 96 7.84 -6.62 -19.36
C ARG A 96 7.97 -8.13 -19.52
N TYR A 97 6.84 -8.81 -19.39
CA TYR A 97 6.82 -10.26 -19.52
C TYR A 97 7.88 -10.91 -18.63
N LYS A 98 8.04 -10.34 -17.45
CA LYS A 98 9.01 -10.85 -16.50
C LYS A 98 8.92 -12.38 -16.45
N ALA A 99 10.08 -13.00 -16.53
CA ALA A 99 10.15 -14.46 -16.50
C ALA A 99 10.08 -14.93 -15.04
N SER A 100 9.71 -16.20 -14.88
CA SER A 100 9.60 -16.78 -13.54
C SER A 100 10.42 -18.07 -13.48
N ASN A 101 10.71 -18.49 -12.26
CA ASN A 101 11.47 -19.70 -12.04
C ASN A 101 10.79 -20.56 -10.98
N ILE A 102 9.83 -21.35 -11.43
CA ILE A 102 9.08 -22.22 -10.54
C ILE A 102 10.06 -23.09 -9.74
N SER A 103 10.21 -22.75 -8.47
CA SER A 103 11.12 -23.48 -7.59
C SER A 103 10.72 -24.96 -7.56
N LEU A 104 11.43 -25.75 -8.35
CA LEU A 104 11.17 -27.18 -8.42
C LEU A 104 11.36 -27.79 -7.04
N GLY A 105 10.25 -28.08 -6.38
CA GLY A 105 10.29 -28.66 -5.04
C GLY A 105 8.93 -29.24 -4.66
N SER A 106 8.60 -30.35 -5.30
CA SER A 106 7.32 -31.01 -5.03
C SER A 106 7.57 -32.37 -4.38
N VAL A 107 8.73 -32.50 -3.76
CA VAL A 107 9.11 -33.74 -3.10
C VAL A 107 8.45 -33.78 -1.72
N GLU A 108 7.29 -34.42 -1.67
CA GLU A 108 6.56 -34.54 -0.42
C GLU A 108 7.49 -35.01 0.70
N GLY A 1 -3.17 -18.37 6.17
CA GLY A 1 -3.47 -18.77 4.80
C GLY A 1 -2.68 -17.90 3.80
N PRO A 2 -3.09 -18.01 2.51
CA PRO A 2 -2.43 -17.25 1.45
C PRO A 2 -2.85 -15.78 1.50
N LEU A 3 -1.85 -14.92 1.72
CA LEU A 3 -2.10 -13.50 1.79
C LEU A 3 -1.52 -12.82 0.54
N GLY A 4 -2.33 -11.93 -0.04
CA GLY A 4 -1.91 -11.22 -1.23
C GLY A 4 -2.75 -9.95 -1.43
N SER A 5 -3.23 -9.43 -0.31
CA SER A 5 -4.04 -8.22 -0.34
C SER A 5 -4.06 -7.56 1.04
N LEU A 6 -3.35 -6.45 1.15
CA LEU A 6 -3.28 -5.72 2.40
C LEU A 6 -4.28 -4.57 2.37
N TYR A 7 -5.14 -4.56 3.38
CA TYR A 7 -6.15 -3.52 3.49
C TYR A 7 -5.77 -2.48 4.54
N ALA A 8 -6.11 -1.24 4.27
CA ALA A 8 -5.81 -0.15 5.19
C ALA A 8 -6.98 0.83 5.22
N ILE A 9 -7.27 1.34 6.40
CA ILE A 9 -8.35 2.29 6.57
C ILE A 9 -7.78 3.67 6.86
N VAL A 10 -8.32 4.66 6.17
CA VAL A 10 -7.87 6.03 6.34
C VAL A 10 -8.63 6.67 7.50
N LEU A 11 -7.86 7.19 8.45
CA LEU A 11 -8.45 7.83 9.61
C LEU A 11 -8.13 9.33 9.57
N TYR A 12 -7.66 9.77 8.42
CA TYR A 12 -7.32 11.18 8.24
C TYR A 12 -7.32 11.56 6.77
N ASP A 13 -7.73 12.79 6.50
CA ASP A 13 -7.79 13.29 5.13
C ASP A 13 -6.39 13.71 4.69
N PHE A 14 -5.78 12.86 3.89
CA PHE A 14 -4.43 13.14 3.39
C PHE A 14 -4.48 14.05 2.17
N LYS A 15 -3.57 15.01 2.15
CA LYS A 15 -3.50 15.95 1.04
C LYS A 15 -2.29 15.59 0.16
N ALA A 16 -2.58 15.38 -1.11
CA ALA A 16 -1.54 15.04 -2.07
C ALA A 16 -0.67 16.27 -2.33
N GLU A 17 0.62 16.10 -2.09
CA GLU A 17 1.57 17.20 -2.29
C GLU A 17 2.72 16.73 -3.20
N LYS A 18 3.07 15.46 -3.05
CA LYS A 18 4.15 14.89 -3.84
C LYS A 18 3.81 15.03 -5.33
N ALA A 19 4.53 14.27 -6.15
CA ALA A 19 4.31 14.30 -7.58
C ALA A 19 3.26 13.26 -7.95
N ASP A 20 3.47 12.04 -7.48
CA ASP A 20 2.55 10.96 -7.75
C ASP A 20 1.75 10.65 -6.48
N GLU A 21 1.56 11.67 -5.67
CA GLU A 21 0.82 11.51 -4.43
C GLU A 21 -0.60 11.01 -4.72
N LEU A 22 -1.37 10.87 -3.65
CA LEU A 22 -2.75 10.41 -3.77
C LEU A 22 -3.60 11.06 -2.69
N THR A 23 -4.60 11.79 -3.13
CA THR A 23 -5.50 12.47 -2.21
C THR A 23 -6.52 11.48 -1.64
N THR A 24 -6.64 11.52 -0.32
CA THR A 24 -7.57 10.64 0.37
C THR A 24 -8.49 11.45 1.29
N TYR A 25 -9.33 10.72 2.01
CA TYR A 25 -10.26 11.35 2.93
C TYR A 25 -10.29 10.63 4.27
N VAL A 26 -10.44 11.40 5.33
CA VAL A 26 -10.49 10.85 6.68
C VAL A 26 -11.62 9.81 6.75
N GLY A 27 -11.39 8.79 7.57
CA GLY A 27 -12.37 7.74 7.74
C GLY A 27 -12.77 7.14 6.39
N GLU A 28 -11.77 6.63 5.69
CA GLU A 28 -12.01 6.02 4.38
C GLU A 28 -11.53 4.58 4.38
N ASN A 29 -11.94 3.85 3.35
CA ASN A 29 -11.57 2.45 3.22
C ASN A 29 -10.77 2.26 1.92
N LEU A 30 -9.67 1.55 2.03
CA LEU A 30 -8.83 1.29 0.87
C LEU A 30 -7.81 0.20 1.22
N PHE A 31 -6.93 -0.06 0.27
CA PHE A 31 -5.90 -1.08 0.45
C PHE A 31 -4.53 -0.56 0.02
N ILE A 32 -3.52 -0.91 0.80
CA ILE A 32 -2.16 -0.50 0.50
C ILE A 32 -1.61 -1.37 -0.62
N CYS A 33 -0.90 -0.72 -1.54
CA CYS A 33 -0.31 -1.43 -2.66
C CYS A 33 1.15 -1.76 -2.32
N ALA A 34 1.71 -0.92 -1.46
CA ALA A 34 3.09 -1.11 -1.03
C ALA A 34 3.42 -0.12 0.08
N HIS A 35 4.65 -0.20 0.56
CA HIS A 35 5.10 0.68 1.62
C HIS A 35 6.51 1.19 1.31
N HIS A 36 6.82 2.35 1.86
CA HIS A 36 8.13 2.96 1.65
C HIS A 36 8.77 3.29 3.00
N ASN A 37 9.91 2.65 3.25
CA ASN A 37 10.62 2.87 4.49
C ASN A 37 9.66 2.70 5.67
N CYS A 38 8.71 1.79 5.50
CA CYS A 38 7.72 1.53 6.53
C CYS A 38 7.24 2.86 7.09
N GLU A 39 7.10 3.83 6.19
CA GLU A 39 6.65 5.15 6.58
C GLU A 39 5.59 5.67 5.60
N TRP A 40 5.83 5.40 4.32
CA TRP A 40 4.91 5.82 3.28
C TRP A 40 4.18 4.58 2.76
N PHE A 41 3.11 4.82 2.03
CA PHE A 41 2.31 3.75 1.47
C PHE A 41 1.90 4.05 0.03
N ILE A 42 1.58 3.00 -0.69
CA ILE A 42 1.16 3.13 -2.08
C ILE A 42 -0.36 3.06 -2.17
N ALA A 43 -0.95 4.19 -2.57
CA ALA A 43 -2.40 4.27 -2.69
C ALA A 43 -2.79 3.92 -4.13
N LYS A 44 -4.09 3.71 -4.31
CA LYS A 44 -4.61 3.37 -5.64
C LYS A 44 -6.14 3.32 -5.57
N PRO A 45 -6.77 4.50 -5.86
CA PRO A 45 -8.21 4.60 -5.84
C PRO A 45 -8.83 3.92 -7.07
N ILE A 46 -9.20 2.67 -6.89
CA ILE A 46 -9.81 1.90 -7.98
C ILE A 46 -11.08 2.60 -8.44
N GLY A 47 -11.41 2.37 -9.70
CA GLY A 47 -12.60 2.97 -10.28
C GLY A 47 -12.28 4.32 -10.92
N ARG A 48 -11.35 5.03 -10.29
CA ARG A 48 -10.93 6.33 -10.78
C ARG A 48 -9.42 6.36 -11.02
N LEU A 49 -9.06 6.62 -12.26
CA LEU A 49 -7.66 6.68 -12.65
C LEU A 49 -6.95 7.72 -11.77
N GLY A 50 -5.65 7.51 -11.61
CA GLY A 50 -4.84 8.42 -10.81
C GLY A 50 -3.69 7.68 -10.12
N GLY A 51 -4.06 6.61 -9.43
CA GLY A 51 -3.08 5.81 -8.73
C GLY A 51 -2.32 4.88 -9.69
N PRO A 52 -1.40 4.07 -9.11
CA PRO A 52 -1.17 4.10 -7.67
C PRO A 52 -0.37 5.34 -7.28
N GLY A 53 -0.70 5.87 -6.11
CA GLY A 53 -0.03 7.05 -5.59
C GLY A 53 0.70 6.75 -4.27
N LEU A 54 1.08 7.81 -3.60
CA LEU A 54 1.78 7.68 -2.33
C LEU A 54 0.96 8.36 -1.23
N VAL A 55 0.98 7.75 -0.06
CA VAL A 55 0.25 8.28 1.08
C VAL A 55 1.04 8.03 2.36
N PRO A 56 0.78 8.90 3.37
CA PRO A 56 1.46 8.78 4.65
C PRO A 56 0.91 7.60 5.46
N VAL A 57 1.70 7.16 6.43
CA VAL A 57 1.30 6.04 7.28
C VAL A 57 0.45 6.57 8.43
N GLY A 58 0.57 7.87 8.67
CA GLY A 58 -0.18 8.51 9.74
C GLY A 58 -1.60 8.86 9.28
N PHE A 59 -1.95 8.36 8.10
CA PHE A 59 -3.27 8.60 7.54
C PHE A 59 -3.94 7.29 7.12
N VAL A 60 -3.42 6.20 7.67
CA VAL A 60 -3.96 4.88 7.36
C VAL A 60 -3.61 3.92 8.49
N SER A 61 -4.55 3.01 8.76
CA SER A 61 -4.35 2.03 9.82
C SER A 61 -4.76 0.64 9.32
N ILE A 62 -3.97 -0.35 9.71
CA ILE A 62 -4.24 -1.72 9.31
C ILE A 62 -5.21 -2.35 10.31
N ILE A 63 -6.49 -2.20 10.02
CA ILE A 63 -7.53 -2.75 10.87
C ILE A 63 -8.75 -3.10 10.03
N ASP A 64 -9.64 -3.88 10.63
CA ASP A 64 -10.86 -4.30 9.95
C ASP A 64 -12.05 -3.54 10.53
N ILE A 65 -12.94 -3.11 9.64
CA ILE A 65 -14.12 -2.38 10.06
C ILE A 65 -14.89 -3.21 11.09
N ALA A 66 -14.98 -4.50 10.82
CA ALA A 66 -15.68 -5.40 11.72
C ALA A 66 -15.25 -5.13 13.16
N THR A 67 -16.01 -5.68 14.09
CA THR A 67 -15.72 -5.50 15.49
C THR A 67 -14.21 -5.57 15.73
N GLY A 68 -13.54 -6.34 14.89
CA GLY A 68 -12.10 -6.50 14.99
C GLY A 68 -11.38 -5.16 14.78
N TYR A 69 -11.20 -4.45 15.88
CA TYR A 69 -10.53 -3.15 15.83
C TYR A 69 -9.05 -3.28 16.18
N ALA A 70 -8.41 -2.13 16.33
CA ALA A 70 -7.00 -2.11 16.68
C ALA A 70 -6.71 -3.15 17.76
N THR A 71 -6.02 -4.20 17.36
CA THR A 71 -5.69 -5.27 18.28
C THR A 71 -4.37 -4.97 19.00
N GLY A 72 -3.63 -4.03 18.43
CA GLY A 72 -2.36 -3.63 19.00
C GLY A 72 -1.20 -4.02 18.07
N ASN A 73 -1.56 -4.35 16.84
CA ASN A 73 -0.57 -4.74 15.85
C ASN A 73 -0.07 -3.49 15.11
N ASP A 74 0.79 -3.73 14.14
CA ASP A 74 1.34 -2.64 13.36
C ASP A 74 1.20 -2.96 11.86
N VAL A 75 1.49 -1.96 11.04
CA VAL A 75 1.40 -2.13 9.61
C VAL A 75 2.62 -2.90 9.10
N ILE A 76 3.77 -2.56 9.66
CA ILE A 76 5.01 -3.20 9.29
C ILE A 76 4.83 -4.73 9.34
N GLU A 77 4.37 -5.19 10.51
CA GLU A 77 4.15 -6.60 10.71
C GLU A 77 3.09 -7.13 9.72
N ASP A 78 2.15 -6.25 9.41
CA ASP A 78 1.08 -6.61 8.50
C ASP A 78 1.65 -6.72 7.07
N ILE A 79 2.67 -5.94 6.82
CA ILE A 79 3.32 -5.94 5.52
C ILE A 79 4.05 -7.27 5.32
N LYS A 80 4.62 -7.76 6.41
CA LYS A 80 5.35 -9.01 6.37
C LYS A 80 4.35 -10.17 6.27
N SER A 81 3.13 -9.89 6.65
CA SER A 81 2.07 -10.90 6.62
C SER A 81 1.73 -11.23 5.16
N VAL A 82 1.80 -10.22 4.32
CA VAL A 82 1.50 -10.39 2.91
C VAL A 82 2.78 -10.15 2.09
N ASN A 83 3.91 -10.24 2.77
CA ASN A 83 5.19 -10.04 2.12
C ASN A 83 5.10 -8.83 1.17
N LEU A 84 4.21 -7.91 1.53
CA LEU A 84 4.01 -6.71 0.73
C LEU A 84 5.37 -6.04 0.49
N PRO A 85 5.82 -6.11 -0.80
CA PRO A 85 7.09 -5.53 -1.19
C PRO A 85 6.98 -4.00 -1.27
N THR A 86 8.00 -3.34 -0.74
CA THR A 86 8.03 -1.88 -0.75
C THR A 86 7.91 -1.36 -2.18
N VAL A 87 7.48 -0.10 -2.28
CA VAL A 87 7.32 0.52 -3.58
C VAL A 87 8.62 0.42 -4.36
N GLN A 88 9.72 0.36 -3.61
CA GLN A 88 11.04 0.26 -4.22
C GLN A 88 11.32 -1.19 -4.64
N GLU A 89 10.74 -2.11 -3.89
CA GLU A 89 10.92 -3.53 -4.17
C GLU A 89 9.96 -3.97 -5.28
N TRP A 90 8.87 -3.23 -5.42
CA TRP A 90 7.88 -3.52 -6.44
C TRP A 90 8.35 -2.91 -7.76
N LYS A 91 8.39 -1.58 -7.77
CA LYS A 91 8.81 -0.87 -8.96
C LYS A 91 10.01 -1.59 -9.59
N SER A 92 10.78 -2.24 -8.74
CA SER A 92 11.95 -2.97 -9.19
C SER A 92 11.53 -4.12 -10.10
N ASN A 93 10.61 -4.93 -9.59
CA ASN A 93 10.12 -6.07 -10.35
C ASN A 93 9.60 -5.60 -11.69
N ILE A 94 8.83 -4.51 -11.66
CA ILE A 94 8.27 -3.94 -12.87
C ILE A 94 9.36 -3.82 -13.93
N ALA A 95 9.23 -4.66 -14.95
CA ALA A 95 10.20 -4.67 -16.04
C ALA A 95 9.60 -3.95 -17.25
N ARG A 96 10.40 -3.06 -17.82
CA ARG A 96 9.96 -2.30 -18.97
C ARG A 96 10.79 -2.68 -20.20
N TYR A 97 12.10 -2.58 -20.05
CA TYR A 97 13.01 -2.90 -21.13
C TYR A 97 13.83 -4.16 -20.79
N LYS A 98 14.57 -4.62 -21.78
CA LYS A 98 15.41 -5.79 -21.60
C LYS A 98 16.63 -5.42 -20.76
N ALA A 99 16.62 -5.88 -19.52
CA ALA A 99 17.71 -5.61 -18.60
C ALA A 99 19.02 -6.10 -19.21
N SER A 100 19.98 -5.19 -19.24
CA SER A 100 21.29 -5.51 -19.81
C SER A 100 21.97 -6.59 -18.96
N ASN A 101 23.16 -6.98 -19.40
CA ASN A 101 23.92 -8.00 -18.70
C ASN A 101 25.30 -7.45 -18.35
N ILE A 102 25.77 -7.83 -17.17
CA ILE A 102 27.08 -7.39 -16.70
C ILE A 102 27.98 -8.60 -16.48
N SER A 103 29.26 -8.41 -16.77
CA SER A 103 30.23 -9.47 -16.60
C SER A 103 29.95 -10.24 -15.31
N LEU A 104 30.22 -11.53 -15.36
CA LEU A 104 30.01 -12.39 -14.19
C LEU A 104 30.53 -11.68 -12.94
N GLY A 105 29.73 -11.72 -11.90
CA GLY A 105 30.09 -11.09 -10.64
C GLY A 105 30.88 -12.06 -9.74
N SER A 106 31.93 -11.54 -9.14
CA SER A 106 32.76 -12.34 -8.26
C SER A 106 32.19 -12.33 -6.84
N VAL A 107 32.54 -13.37 -6.10
CA VAL A 107 32.06 -13.50 -4.73
C VAL A 107 32.92 -12.64 -3.81
N GLU A 108 34.08 -12.25 -4.33
CA GLU A 108 35.00 -11.42 -3.57
C GLU A 108 35.12 -10.03 -4.21
N GLY A 1 0.25 -19.49 5.18
CA GLY A 1 -0.96 -19.58 4.37
C GLY A 1 -0.93 -18.59 3.21
N PRO A 2 -2.09 -18.46 2.52
CA PRO A 2 -2.21 -17.55 1.40
C PRO A 2 -2.30 -16.10 1.88
N LEU A 3 -1.22 -15.36 1.62
CA LEU A 3 -1.17 -13.97 2.01
C LEU A 3 -0.78 -13.12 0.79
N GLY A 4 -1.79 -12.46 0.24
CA GLY A 4 -1.58 -11.61 -0.92
C GLY A 4 -2.62 -10.50 -1.00
N SER A 5 -3.00 -10.01 0.18
CA SER A 5 -3.99 -8.95 0.26
C SER A 5 -3.85 -8.21 1.60
N LEU A 6 -4.21 -6.93 1.56
CA LEU A 6 -4.12 -6.10 2.75
C LEU A 6 -5.30 -5.11 2.75
N TYR A 7 -5.43 -4.41 3.87
CA TYR A 7 -6.49 -3.43 4.01
C TYR A 7 -6.12 -2.38 5.07
N ALA A 8 -5.97 -1.14 4.62
CA ALA A 8 -5.64 -0.05 5.52
C ALA A 8 -6.79 0.94 5.55
N ILE A 9 -7.15 1.33 6.78
CA ILE A 9 -8.24 2.28 6.96
C ILE A 9 -7.65 3.67 7.22
N VAL A 10 -8.17 4.64 6.48
CA VAL A 10 -7.72 6.02 6.61
C VAL A 10 -8.54 6.72 7.70
N LEU A 11 -7.83 7.32 8.64
CA LEU A 11 -8.48 8.03 9.73
C LEU A 11 -8.31 9.54 9.53
N TYR A 12 -7.53 9.88 8.52
CA TYR A 12 -7.28 11.28 8.20
C TYR A 12 -7.10 11.48 6.70
N ASP A 13 -7.54 12.64 6.24
CA ASP A 13 -7.43 12.98 4.83
C ASP A 13 -6.00 13.42 4.51
N PHE A 14 -5.32 12.58 3.75
CA PHE A 14 -3.94 12.88 3.37
C PHE A 14 -3.89 13.86 2.20
N LYS A 15 -2.83 14.65 2.18
CA LYS A 15 -2.64 15.63 1.12
C LYS A 15 -1.53 15.17 0.19
N ALA A 16 -1.82 15.25 -1.11
CA ALA A 16 -0.85 14.84 -2.11
C ALA A 16 0.19 15.96 -2.29
N GLU A 17 1.45 15.57 -2.19
CA GLU A 17 2.53 16.52 -2.33
C GLU A 17 3.58 15.98 -3.33
N LYS A 18 3.73 14.67 -3.31
CA LYS A 18 4.69 14.02 -4.19
C LYS A 18 4.35 14.37 -5.65
N ALA A 19 4.96 13.63 -6.56
CA ALA A 19 4.73 13.84 -7.98
C ALA A 19 3.55 12.99 -8.44
N ASP A 20 3.56 11.74 -8.02
CA ASP A 20 2.51 10.81 -8.38
C ASP A 20 1.67 10.48 -7.13
N GLU A 21 1.63 11.43 -6.21
CA GLU A 21 0.90 11.25 -4.98
C GLU A 21 -0.61 11.10 -5.28
N LEU A 22 -1.39 11.00 -4.22
CA LEU A 22 -2.82 10.85 -4.36
C LEU A 22 -3.51 11.31 -3.06
N THR A 23 -4.55 12.12 -3.25
CA THR A 23 -5.28 12.64 -2.12
C THR A 23 -6.30 11.60 -1.62
N THR A 24 -6.28 11.39 -0.31
CA THR A 24 -7.19 10.43 0.29
C THR A 24 -8.23 11.16 1.16
N TYR A 25 -9.07 10.37 1.82
CA TYR A 25 -10.10 10.91 2.67
C TYR A 25 -10.09 10.24 4.05
N VAL A 26 -10.64 10.95 5.02
CA VAL A 26 -10.69 10.44 6.38
C VAL A 26 -11.64 9.24 6.43
N GLY A 27 -11.50 8.46 7.49
CA GLY A 27 -12.34 7.29 7.67
C GLY A 27 -12.60 6.59 6.33
N GLU A 28 -11.50 6.14 5.72
CA GLU A 28 -11.60 5.46 4.44
C GLU A 28 -11.00 4.06 4.55
N ASN A 29 -11.10 3.32 3.45
CA ASN A 29 -10.58 1.97 3.40
C ASN A 29 -10.06 1.67 1.99
N LEU A 30 -8.89 1.08 1.94
CA LEU A 30 -8.26 0.74 0.67
C LEU A 30 -7.10 -0.21 0.91
N PHE A 31 -6.72 -0.92 -0.14
CA PHE A 31 -5.61 -1.86 -0.06
C PHE A 31 -4.29 -1.20 -0.43
N ILE A 32 -3.27 -1.51 0.36
CA ILE A 32 -1.94 -0.95 0.12
C ILE A 32 -1.28 -1.68 -1.05
N CYS A 33 -0.87 -0.91 -2.03
CA CYS A 33 -0.22 -1.47 -3.21
C CYS A 33 1.24 -1.75 -2.86
N ALA A 34 1.74 -0.99 -1.89
CA ALA A 34 3.12 -1.15 -1.47
C ALA A 34 3.39 -0.20 -0.30
N HIS A 35 4.52 -0.44 0.36
CA HIS A 35 4.90 0.38 1.50
C HIS A 35 6.30 0.98 1.24
N HIS A 36 6.52 2.15 1.84
CA HIS A 36 7.79 2.84 1.68
C HIS A 36 8.38 3.14 3.06
N ASN A 37 9.49 2.47 3.35
CA ASN A 37 10.16 2.65 4.62
C ASN A 37 9.19 2.32 5.75
N CYS A 38 8.19 1.52 5.42
CA CYS A 38 7.19 1.12 6.40
C CYS A 38 6.63 2.39 7.04
N GLU A 39 6.78 3.49 6.33
CA GLU A 39 6.29 4.78 6.82
C GLU A 39 5.21 5.32 5.89
N TRP A 40 5.35 5.00 4.62
CA TRP A 40 4.40 5.46 3.62
C TRP A 40 3.77 4.22 2.98
N PHE A 41 2.69 4.46 2.25
CA PHE A 41 1.98 3.38 1.58
C PHE A 41 1.51 3.81 0.20
N ILE A 42 1.19 2.82 -0.63
CA ILE A 42 0.72 3.09 -1.97
C ILE A 42 -0.79 2.88 -2.03
N ALA A 43 -1.48 3.93 -2.48
CA ALA A 43 -2.93 3.89 -2.59
C ALA A 43 -3.32 3.92 -4.07
N LYS A 44 -4.62 3.78 -4.30
CA LYS A 44 -5.14 3.79 -5.65
C LYS A 44 -6.66 3.95 -5.61
N PRO A 45 -7.11 5.14 -5.09
CA PRO A 45 -8.53 5.42 -4.98
C PRO A 45 -9.12 5.75 -6.35
N ILE A 46 -10.44 5.78 -6.41
CA ILE A 46 -11.14 6.09 -7.63
C ILE A 46 -10.43 5.40 -8.81
N GLY A 47 -10.53 4.09 -8.83
CA GLY A 47 -9.90 3.31 -9.89
C GLY A 47 -10.18 3.91 -11.26
N ARG A 48 -9.25 4.75 -11.71
CA ARG A 48 -9.40 5.40 -13.00
C ARG A 48 -8.03 5.61 -13.63
N LEU A 49 -8.03 6.37 -14.73
CA LEU A 49 -6.80 6.65 -15.44
C LEU A 49 -5.89 7.51 -14.56
N GLY A 50 -5.06 6.83 -13.77
CA GLY A 50 -4.15 7.51 -12.87
C GLY A 50 -3.45 6.52 -11.95
N GLY A 51 -3.00 7.03 -10.81
CA GLY A 51 -2.31 6.20 -9.83
C GLY A 51 -1.22 5.37 -10.50
N PRO A 52 -0.53 4.54 -9.66
CA PRO A 52 -0.86 4.47 -8.24
C PRO A 52 -0.33 5.71 -7.50
N GLY A 53 -0.83 5.88 -6.29
CA GLY A 53 -0.42 7.02 -5.47
C GLY A 53 0.17 6.54 -4.14
N LEU A 54 0.58 7.52 -3.34
CA LEU A 54 1.17 7.21 -2.04
C LEU A 54 0.28 7.81 -0.94
N VAL A 55 0.57 7.40 0.29
CA VAL A 55 -0.18 7.88 1.43
C VAL A 55 0.64 7.68 2.71
N PRO A 56 0.57 8.70 3.61
CA PRO A 56 1.30 8.63 4.86
C PRO A 56 0.64 7.68 5.85
N VAL A 57 1.45 7.11 6.72
CA VAL A 57 0.95 6.17 7.72
C VAL A 57 0.30 6.95 8.86
N GLY A 58 0.64 8.23 8.94
CA GLY A 58 0.09 9.08 9.97
C GLY A 58 -1.38 9.44 9.68
N PHE A 59 -1.85 8.94 8.54
CA PHE A 59 -3.23 9.20 8.13
C PHE A 59 -3.95 7.88 7.82
N VAL A 60 -3.21 6.79 7.97
CA VAL A 60 -3.78 5.48 7.71
C VAL A 60 -3.40 4.53 8.85
N SER A 61 -4.25 3.53 9.04
CA SER A 61 -4.02 2.56 10.10
C SER A 61 -4.47 1.17 9.63
N ILE A 62 -3.88 0.16 10.25
CA ILE A 62 -4.19 -1.22 9.91
C ILE A 62 -4.94 -1.87 11.08
N ILE A 63 -5.74 -2.87 10.74
CA ILE A 63 -6.51 -3.59 11.74
C ILE A 63 -6.77 -5.02 11.26
N ASP A 64 -6.81 -5.93 12.22
CA ASP A 64 -7.04 -7.33 11.90
C ASP A 64 -8.55 -7.60 11.90
N ILE A 65 -8.92 -8.67 11.20
CA ILE A 65 -10.33 -9.04 11.11
C ILE A 65 -11.15 -7.82 10.70
N ALA A 66 -10.50 -6.91 9.98
CA ALA A 66 -11.16 -5.71 9.53
C ALA A 66 -12.05 -5.16 10.64
N THR A 67 -11.52 -5.23 11.86
CA THR A 67 -12.26 -4.74 13.02
C THR A 67 -12.58 -3.26 12.87
N GLY A 68 -13.69 -2.87 13.49
CA GLY A 68 -14.11 -1.48 13.43
C GLY A 68 -13.25 -0.60 14.32
N TYR A 69 -12.31 -1.24 15.01
CA TYR A 69 -11.41 -0.52 15.89
C TYR A 69 -9.99 -1.09 15.80
N ALA A 70 -9.13 -0.57 16.66
CA ALA A 70 -7.74 -1.01 16.69
C ALA A 70 -7.60 -2.16 17.69
N THR A 71 -6.89 -3.20 17.26
CA THR A 71 -6.68 -4.36 18.10
C THR A 71 -5.38 -4.21 18.90
N GLY A 72 -4.48 -3.42 18.35
CA GLY A 72 -3.19 -3.18 19.00
C GLY A 72 -2.03 -3.64 18.11
N ASN A 73 -2.38 -4.00 16.88
CA ASN A 73 -1.39 -4.45 15.93
C ASN A 73 -0.77 -3.25 15.23
N ASP A 74 0.14 -3.54 14.31
CA ASP A 74 0.81 -2.49 13.56
C ASP A 74 0.68 -2.77 12.07
N VAL A 75 1.12 -1.81 11.27
CA VAL A 75 1.05 -1.94 9.82
C VAL A 75 2.24 -2.78 9.34
N ILE A 76 3.38 -2.57 9.98
CA ILE A 76 4.58 -3.30 9.63
C ILE A 76 4.29 -4.80 9.68
N GLU A 77 3.78 -5.24 10.82
CA GLU A 77 3.47 -6.64 11.02
C GLU A 77 2.52 -7.12 9.91
N ASP A 78 1.69 -6.20 9.44
CA ASP A 78 0.74 -6.52 8.39
C ASP A 78 1.47 -6.58 7.05
N ILE A 79 2.46 -5.72 6.91
CA ILE A 79 3.24 -5.66 5.68
C ILE A 79 4.06 -6.94 5.54
N LYS A 80 4.51 -7.44 6.68
CA LYS A 80 5.29 -8.66 6.70
C LYS A 80 4.36 -9.87 6.64
N SER A 81 3.15 -9.67 7.14
CA SER A 81 2.16 -10.73 7.15
C SER A 81 1.88 -11.20 5.72
N VAL A 82 1.97 -10.25 4.79
CA VAL A 82 1.73 -10.55 3.39
C VAL A 82 3.00 -10.27 2.59
N ASN A 83 4.09 -10.06 3.32
CA ASN A 83 5.37 -9.78 2.69
C ASN A 83 5.15 -8.86 1.49
N LEU A 84 4.21 -7.95 1.64
CA LEU A 84 3.89 -7.00 0.58
C LEU A 84 5.19 -6.34 0.10
N PRO A 85 5.23 -6.08 -1.23
CA PRO A 85 6.40 -5.44 -1.83
C PRO A 85 6.44 -3.95 -1.50
N THR A 86 7.65 -3.43 -1.46
CA THR A 86 7.85 -2.02 -1.16
C THR A 86 7.75 -1.19 -2.43
N VAL A 87 7.13 -0.02 -2.29
CA VAL A 87 6.95 0.88 -3.41
C VAL A 87 8.25 0.93 -4.22
N GLN A 88 9.35 0.71 -3.54
CA GLN A 88 10.65 0.72 -4.18
C GLN A 88 10.90 -0.59 -4.93
N GLU A 89 10.60 -1.68 -4.25
CA GLU A 89 10.77 -3.00 -4.83
C GLU A 89 9.81 -3.20 -6.01
N TRP A 90 8.77 -2.38 -6.01
CA TRP A 90 7.76 -2.45 -7.06
C TRP A 90 8.30 -1.69 -8.27
N LYS A 91 8.36 -0.37 -8.13
CA LYS A 91 8.84 0.48 -9.19
C LYS A 91 10.05 -0.19 -9.86
N SER A 92 10.77 -0.96 -9.07
CA SER A 92 11.95 -1.65 -9.57
C SER A 92 11.54 -2.97 -10.22
N ASN A 93 10.90 -3.82 -9.43
CA ASN A 93 10.45 -5.11 -9.92
C ASN A 93 9.89 -4.95 -11.34
N ILE A 94 9.16 -3.85 -11.53
CA ILE A 94 8.57 -3.57 -12.82
C ILE A 94 9.57 -3.92 -13.93
N ALA A 95 9.07 -4.65 -14.92
CA ALA A 95 9.91 -5.06 -16.04
C ALA A 95 10.83 -3.91 -16.44
N ARG A 96 12.12 -4.19 -16.45
CA ARG A 96 13.11 -3.19 -16.80
C ARG A 96 13.87 -3.63 -18.06
N TYR A 97 14.57 -4.74 -17.94
CA TYR A 97 15.34 -5.27 -19.04
C TYR A 97 14.88 -6.68 -19.41
N LYS A 98 15.11 -7.04 -20.66
CA LYS A 98 14.73 -8.36 -21.15
C LYS A 98 15.95 -9.28 -21.16
N ALA A 99 15.99 -10.15 -20.16
CA ALA A 99 17.10 -11.09 -20.05
C ALA A 99 16.71 -12.20 -19.07
N SER A 100 17.16 -13.41 -19.40
CA SER A 100 16.87 -14.57 -18.56
C SER A 100 17.11 -14.23 -17.09
N ASN A 101 16.02 -13.90 -16.41
CA ASN A 101 16.09 -13.55 -15.00
C ASN A 101 17.07 -14.50 -14.29
N ILE A 102 16.61 -15.72 -14.06
CA ILE A 102 17.41 -16.72 -13.40
C ILE A 102 17.45 -17.99 -14.26
N SER A 103 17.06 -17.83 -15.51
CA SER A 103 17.04 -18.95 -16.44
C SER A 103 18.33 -18.96 -17.26
N LEU A 104 19.44 -18.83 -16.56
CA LEU A 104 20.74 -18.83 -17.21
C LEU A 104 21.24 -20.27 -17.36
N GLY A 105 20.61 -21.15 -16.60
CA GLY A 105 20.98 -22.56 -16.63
C GLY A 105 21.47 -23.03 -15.26
N SER A 106 21.65 -24.34 -15.14
CA SER A 106 22.11 -24.92 -13.90
C SER A 106 23.60 -25.26 -14.00
N VAL A 107 24.14 -25.76 -12.90
CA VAL A 107 25.54 -26.13 -12.86
C VAL A 107 25.67 -27.62 -12.51
N GLU A 108 26.16 -28.38 -13.48
CA GLU A 108 26.33 -29.81 -13.30
C GLU A 108 27.16 -30.08 -12.03
N GLY A 1 0.35 -17.53 -5.28
CA GLY A 1 0.27 -18.51 -4.23
C GLY A 1 0.02 -17.85 -2.86
N PRO A 2 1.02 -17.04 -2.43
CA PRO A 2 0.91 -16.34 -1.16
C PRO A 2 -0.05 -15.15 -1.27
N LEU A 3 0.06 -14.26 -0.30
CA LEU A 3 -0.80 -13.08 -0.27
C LEU A 3 -0.18 -11.99 -1.14
N GLY A 4 -1.01 -11.01 -1.46
CA GLY A 4 -0.56 -9.90 -2.29
C GLY A 4 -1.61 -8.79 -2.34
N SER A 5 -2.08 -8.41 -1.16
CA SER A 5 -3.08 -7.37 -1.06
C SER A 5 -3.36 -7.06 0.42
N LEU A 6 -2.93 -5.88 0.82
CA LEU A 6 -3.13 -5.44 2.20
C LEU A 6 -4.37 -4.54 2.28
N TYR A 7 -4.83 -4.33 3.51
CA TYR A 7 -5.99 -3.50 3.72
C TYR A 7 -5.74 -2.48 4.84
N ALA A 8 -6.06 -1.23 4.54
CA ALA A 8 -5.87 -0.15 5.50
C ALA A 8 -7.01 0.86 5.35
N ILE A 9 -7.31 1.52 6.47
CA ILE A 9 -8.37 2.51 6.48
C ILE A 9 -7.78 3.88 6.84
N VAL A 10 -8.10 4.86 6.00
CA VAL A 10 -7.61 6.21 6.22
C VAL A 10 -8.41 6.87 7.34
N LEU A 11 -7.68 7.48 8.27
CA LEU A 11 -8.32 8.16 9.39
C LEU A 11 -8.12 9.65 9.26
N TYR A 12 -7.31 10.03 8.28
CA TYR A 12 -7.03 11.44 8.04
C TYR A 12 -6.94 11.73 6.53
N ASP A 13 -7.43 12.91 6.16
CA ASP A 13 -7.41 13.31 4.76
C ASP A 13 -5.97 13.67 4.36
N PHE A 14 -5.38 12.80 3.56
CA PHE A 14 -4.02 13.01 3.10
C PHE A 14 -3.99 14.00 1.93
N LYS A 15 -2.90 14.76 1.87
CA LYS A 15 -2.73 15.75 0.82
C LYS A 15 -1.67 15.25 -0.17
N ALA A 16 -1.96 15.45 -1.44
CA ALA A 16 -1.05 15.03 -2.49
C ALA A 16 -0.07 16.16 -2.80
N GLU A 17 1.21 15.86 -2.66
CA GLU A 17 2.25 16.85 -2.92
C GLU A 17 3.26 16.30 -3.93
N LYS A 18 3.41 14.99 -3.92
CA LYS A 18 4.34 14.33 -4.82
C LYS A 18 3.94 14.64 -6.27
N ALA A 19 4.63 13.99 -7.18
CA ALA A 19 4.37 14.19 -8.60
C ALA A 19 3.31 13.18 -9.07
N ASP A 20 3.31 12.03 -8.41
CA ASP A 20 2.37 10.98 -8.74
C ASP A 20 1.58 10.59 -7.49
N GLU A 21 1.43 11.56 -6.60
CA GLU A 21 0.69 11.34 -5.36
C GLU A 21 -0.79 11.13 -5.66
N LEU A 22 -1.56 11.00 -4.58
CA LEU A 22 -2.99 10.81 -4.71
C LEU A 22 -3.68 11.23 -3.41
N THR A 23 -4.42 12.33 -3.49
CA THR A 23 -5.12 12.85 -2.34
C THR A 23 -6.26 11.90 -1.94
N THR A 24 -6.37 11.68 -0.64
CA THR A 24 -7.41 10.81 -0.12
C THR A 24 -8.31 11.57 0.85
N TYR A 25 -9.07 10.81 1.63
CA TYR A 25 -9.98 11.40 2.59
C TYR A 25 -9.77 10.79 3.98
N VAL A 26 -10.47 11.36 4.95
CA VAL A 26 -10.37 10.88 6.32
C VAL A 26 -11.48 9.87 6.58
N GLY A 27 -11.12 8.79 7.27
CA GLY A 27 -12.07 7.75 7.60
C GLY A 27 -12.54 7.02 6.33
N GLU A 28 -11.56 6.56 5.56
CA GLU A 28 -11.86 5.85 4.33
C GLU A 28 -11.23 4.45 4.35
N ASN A 29 -11.68 3.62 3.43
CA ASN A 29 -11.19 2.25 3.34
C ASN A 29 -10.44 2.07 2.01
N LEU A 30 -9.22 1.60 2.11
CA LEU A 30 -8.41 1.37 0.93
C LEU A 30 -7.45 0.20 1.18
N PHE A 31 -6.69 -0.13 0.16
CA PHE A 31 -5.74 -1.24 0.25
C PHE A 31 -4.32 -0.77 -0.06
N ILE A 32 -3.41 -1.14 0.82
CA ILE A 32 -2.00 -0.76 0.65
C ILE A 32 -1.37 -1.65 -0.42
N CYS A 33 -0.84 -1.02 -1.45
CA CYS A 33 -0.20 -1.75 -2.53
C CYS A 33 1.26 -2.00 -2.14
N ALA A 34 1.79 -1.10 -1.32
CA ALA A 34 3.16 -1.23 -0.86
C ALA A 34 3.41 -0.25 0.29
N HIS A 35 4.63 -0.28 0.80
CA HIS A 35 5.00 0.60 1.90
C HIS A 35 6.37 1.21 1.63
N HIS A 36 6.60 2.37 2.24
CA HIS A 36 7.86 3.06 2.07
C HIS A 36 8.43 3.43 3.44
N ASN A 37 9.53 2.77 3.79
CA ASN A 37 10.17 3.02 5.07
C ASN A 37 9.19 2.73 6.20
N CYS A 38 8.19 1.94 5.87
CA CYS A 38 7.18 1.57 6.85
C CYS A 38 6.56 2.87 7.40
N GLU A 39 6.73 3.93 6.64
CA GLU A 39 6.21 5.22 7.04
C GLU A 39 5.16 5.71 6.03
N TRP A 40 5.38 5.32 4.78
CA TRP A 40 4.48 5.70 3.71
C TRP A 40 3.83 4.43 3.16
N PHE A 41 2.75 4.63 2.41
CA PHE A 41 2.03 3.51 1.82
C PHE A 41 1.52 3.87 0.42
N ILE A 42 1.24 2.83 -0.35
CA ILE A 42 0.73 3.01 -1.70
C ILE A 42 -0.78 2.80 -1.72
N ALA A 43 -1.49 3.82 -2.15
CA ALA A 43 -2.94 3.76 -2.22
C ALA A 43 -3.39 3.93 -3.67
N LYS A 44 -4.68 3.70 -3.89
CA LYS A 44 -5.24 3.83 -5.23
C LYS A 44 -6.76 3.77 -5.13
N PRO A 45 -7.42 4.56 -6.01
CA PRO A 45 -8.88 4.61 -6.05
C PRO A 45 -9.46 3.35 -6.69
N ILE A 46 -10.55 2.89 -6.11
CA ILE A 46 -11.21 1.69 -6.61
C ILE A 46 -11.23 1.73 -8.15
N GLY A 47 -11.76 2.84 -8.67
CA GLY A 47 -11.84 3.01 -10.11
C GLY A 47 -10.45 3.23 -10.71
N ARG A 48 -10.36 4.28 -11.53
CA ARG A 48 -9.10 4.61 -12.18
C ARG A 48 -8.93 6.13 -12.24
N LEU A 49 -7.89 6.60 -11.56
CA LEU A 49 -7.59 8.03 -11.53
C LEU A 49 -6.19 8.27 -12.06
N GLY A 50 -5.27 7.42 -11.61
CA GLY A 50 -3.88 7.54 -12.02
C GLY A 50 -2.99 6.59 -11.21
N GLY A 51 -2.72 6.99 -9.99
CA GLY A 51 -1.88 6.21 -9.10
C GLY A 51 -0.55 5.87 -9.76
N PRO A 52 0.32 5.18 -8.98
CA PRO A 52 -0.03 4.80 -7.61
C PRO A 52 0.04 6.01 -6.69
N GLY A 53 -0.86 6.03 -5.72
CA GLY A 53 -0.92 7.11 -4.76
C GLY A 53 -0.05 6.81 -3.53
N LEU A 54 0.35 7.87 -2.85
CA LEU A 54 1.19 7.73 -1.67
C LEU A 54 0.46 8.33 -0.47
N VAL A 55 0.50 7.60 0.64
CA VAL A 55 -0.14 8.05 1.86
C VAL A 55 0.65 7.55 3.07
N PRO A 56 0.78 8.45 4.08
CA PRO A 56 1.50 8.10 5.30
C PRO A 56 0.69 7.17 6.18
N VAL A 57 1.40 6.37 6.97
CA VAL A 57 0.75 5.43 7.86
C VAL A 57 0.00 6.20 8.96
N GLY A 58 0.48 7.41 9.21
CA GLY A 58 -0.14 8.25 10.22
C GLY A 58 -1.54 8.69 9.80
N PHE A 59 -1.87 8.38 8.56
CA PHE A 59 -3.18 8.72 8.02
C PHE A 59 -3.95 7.47 7.59
N VAL A 60 -3.47 6.33 8.06
CA VAL A 60 -4.10 5.06 7.73
C VAL A 60 -3.79 4.05 8.83
N SER A 61 -4.78 3.20 9.10
CA SER A 61 -4.63 2.17 10.12
C SER A 61 -4.99 0.81 9.55
N ILE A 62 -4.31 -0.21 10.07
CA ILE A 62 -4.55 -1.58 9.62
C ILE A 62 -5.62 -2.22 10.50
N ILE A 63 -6.42 -3.09 9.88
CA ILE A 63 -7.47 -3.77 10.60
C ILE A 63 -7.84 -5.05 9.85
N ASP A 64 -8.11 -6.10 10.62
CA ASP A 64 -8.48 -7.38 10.04
C ASP A 64 -9.69 -7.19 9.12
N ILE A 65 -10.19 -8.32 8.62
CA ILE A 65 -11.33 -8.29 7.73
C ILE A 65 -12.61 -8.40 8.54
N ALA A 66 -12.47 -8.16 9.84
CA ALA A 66 -13.62 -8.24 10.75
C ALA A 66 -14.63 -7.14 10.37
N THR A 67 -15.67 -7.05 11.18
CA THR A 67 -16.72 -6.07 10.95
C THR A 67 -16.09 -4.69 10.73
N GLY A 68 -14.88 -4.52 11.24
CA GLY A 68 -14.17 -3.26 11.11
C GLY A 68 -13.53 -2.86 12.44
N TYR A 69 -12.65 -3.71 12.93
CA TYR A 69 -11.97 -3.46 14.18
C TYR A 69 -10.50 -3.86 14.09
N ALA A 70 -9.75 -3.49 15.12
CA ALA A 70 -8.33 -3.81 15.17
C ALA A 70 -8.03 -4.55 16.47
N THR A 71 -7.04 -5.44 16.40
CA THR A 71 -6.65 -6.21 17.57
C THR A 71 -5.53 -5.50 18.33
N GLY A 72 -4.66 -4.85 17.57
CA GLY A 72 -3.54 -4.13 18.16
C GLY A 72 -2.26 -4.36 17.37
N ASN A 73 -2.31 -5.34 16.48
CA ASN A 73 -1.17 -5.67 15.65
C ASN A 73 -0.64 -4.41 14.98
N ASP A 74 0.41 -4.58 14.19
CA ASP A 74 1.01 -3.46 13.50
C ASP A 74 0.92 -3.70 11.99
N VAL A 75 1.31 -2.68 11.23
CA VAL A 75 1.27 -2.77 9.78
C VAL A 75 2.55 -3.45 9.29
N ILE A 76 3.66 -3.09 9.93
CA ILE A 76 4.95 -3.67 9.56
C ILE A 76 4.85 -5.19 9.64
N GLU A 77 4.24 -5.67 10.70
CA GLU A 77 4.08 -7.10 10.90
C GLU A 77 3.17 -7.69 9.82
N ASP A 78 2.18 -6.89 9.43
CA ASP A 78 1.23 -7.32 8.41
C ASP A 78 1.87 -7.17 7.03
N ILE A 79 2.88 -6.32 6.99
CA ILE A 79 3.59 -6.08 5.73
C ILE A 79 4.38 -7.32 5.35
N LYS A 80 4.92 -7.98 6.37
CA LYS A 80 5.70 -9.19 6.14
C LYS A 80 4.76 -10.36 5.89
N SER A 81 3.57 -10.26 6.47
CA SER A 81 2.58 -11.30 6.32
C SER A 81 2.30 -11.55 4.83
N VAL A 82 2.24 -10.46 4.09
CA VAL A 82 1.99 -10.54 2.65
C VAL A 82 3.25 -10.14 1.89
N ASN A 83 4.37 -10.23 2.58
CA ASN A 83 5.66 -9.87 1.99
C ASN A 83 5.48 -8.61 1.14
N LEU A 84 4.54 -7.78 1.56
CA LEU A 84 4.27 -6.54 0.85
C LEU A 84 5.59 -5.85 0.50
N PRO A 85 5.89 -5.84 -0.83
CA PRO A 85 7.12 -5.23 -1.31
C PRO A 85 7.01 -3.70 -1.29
N THR A 86 8.11 -3.07 -0.91
CA THR A 86 8.15 -1.62 -0.85
C THR A 86 7.81 -1.02 -2.21
N VAL A 87 7.22 0.17 -2.17
CA VAL A 87 6.85 0.86 -3.39
C VAL A 87 8.02 0.83 -4.37
N GLN A 88 9.21 0.71 -3.82
CA GLN A 88 10.41 0.67 -4.64
C GLN A 88 10.65 -0.75 -5.15
N GLU A 89 10.60 -1.70 -4.22
CA GLU A 89 10.81 -3.10 -4.56
C GLU A 89 9.82 -3.53 -5.63
N TRP A 90 8.66 -2.89 -5.62
CA TRP A 90 7.62 -3.20 -6.58
C TRP A 90 7.99 -2.55 -7.92
N LYS A 91 7.89 -1.22 -7.93
CA LYS A 91 8.21 -0.47 -9.13
C LYS A 91 9.47 -1.05 -9.77
N SER A 92 10.36 -1.53 -8.92
CA SER A 92 11.61 -2.11 -9.40
C SER A 92 11.32 -3.33 -10.27
N ASN A 93 10.63 -4.29 -9.68
CA ASN A 93 10.28 -5.50 -10.40
C ASN A 93 9.64 -5.14 -11.74
N ILE A 94 8.83 -4.09 -11.69
CA ILE A 94 8.14 -3.62 -12.88
C ILE A 94 9.18 -3.30 -13.97
N ALA A 95 9.06 -4.01 -15.08
CA ALA A 95 9.97 -3.81 -16.19
C ALA A 95 9.29 -4.23 -17.50
N ARG A 96 10.02 -4.07 -18.59
CA ARG A 96 9.49 -4.42 -19.90
C ARG A 96 8.97 -5.86 -19.88
N TYR A 97 9.80 -6.75 -19.37
CA TYR A 97 9.44 -8.16 -19.30
C TYR A 97 8.63 -8.45 -18.03
N LYS A 98 7.32 -8.63 -18.22
CA LYS A 98 6.44 -8.91 -17.11
C LYS A 98 5.84 -10.30 -17.27
N ALA A 99 5.29 -10.81 -16.19
CA ALA A 99 4.68 -12.13 -16.20
C ALA A 99 3.62 -12.21 -15.10
N SER A 100 2.52 -12.87 -15.44
CA SER A 100 1.42 -13.02 -14.50
C SER A 100 0.51 -14.17 -14.94
N ASN A 101 -0.27 -14.65 -13.99
CA ASN A 101 -1.19 -15.75 -14.26
C ASN A 101 -2.14 -15.92 -13.09
N ILE A 102 -3.43 -15.91 -13.39
CA ILE A 102 -4.45 -16.07 -12.37
C ILE A 102 -5.41 -17.20 -12.77
N SER A 103 -5.57 -18.14 -11.85
CA SER A 103 -6.45 -19.27 -12.10
C SER A 103 -7.73 -19.12 -11.29
N LEU A 104 -8.82 -19.63 -11.85
CA LEU A 104 -10.11 -19.56 -11.19
C LEU A 104 -11.01 -20.69 -11.71
N GLY A 105 -11.52 -21.47 -10.77
CA GLY A 105 -12.39 -22.58 -11.12
C GLY A 105 -13.80 -22.36 -10.58
N SER A 106 -14.78 -22.91 -11.30
CA SER A 106 -16.17 -22.78 -10.91
C SER A 106 -16.93 -24.06 -11.24
N VAL A 107 -17.92 -24.36 -10.42
CA VAL A 107 -18.74 -25.55 -10.62
C VAL A 107 -20.07 -25.15 -11.25
N GLU A 108 -20.35 -25.75 -12.39
CA GLU A 108 -21.59 -25.48 -13.10
C GLU A 108 -22.78 -25.46 -12.12
N GLY A 1 -4.92 -20.67 1.63
CA GLY A 1 -4.04 -20.01 0.68
C GLY A 1 -3.48 -18.72 1.26
N PRO A 2 -2.48 -18.14 0.54
CA PRO A 2 -1.86 -16.90 0.97
C PRO A 2 -2.78 -15.71 0.72
N LEU A 3 -2.37 -14.57 1.26
CA LEU A 3 -3.15 -13.35 1.11
C LEU A 3 -2.79 -12.70 -0.23
N GLY A 4 -1.73 -11.90 -0.21
CA GLY A 4 -1.29 -11.22 -1.40
C GLY A 4 -1.98 -9.87 -1.56
N SER A 5 -2.95 -9.63 -0.68
CA SER A 5 -3.70 -8.39 -0.70
C SER A 5 -3.93 -7.89 0.73
N LEU A 6 -3.57 -6.64 0.94
CA LEU A 6 -3.73 -6.04 2.25
C LEU A 6 -4.71 -4.85 2.16
N TYR A 7 -5.23 -4.46 3.31
CA TYR A 7 -6.17 -3.36 3.35
C TYR A 7 -5.86 -2.42 4.53
N ALA A 8 -5.93 -1.12 4.24
CA ALA A 8 -5.65 -0.12 5.26
C ALA A 8 -6.83 0.84 5.34
N ILE A 9 -7.21 1.16 6.57
CA ILE A 9 -8.32 2.08 6.80
C ILE A 9 -7.77 3.48 7.10
N VAL A 10 -8.26 4.44 6.34
CA VAL A 10 -7.83 5.81 6.51
C VAL A 10 -8.61 6.45 7.67
N LEU A 11 -7.86 7.00 8.61
CA LEU A 11 -8.46 7.63 9.76
C LEU A 11 -8.62 9.13 9.49
N TYR A 12 -7.74 9.65 8.64
CA TYR A 12 -7.78 11.05 8.28
C TYR A 12 -7.79 11.24 6.77
N ASP A 13 -7.65 12.48 6.35
CA ASP A 13 -7.64 12.81 4.93
C ASP A 13 -6.24 13.27 4.53
N PHE A 14 -5.82 12.83 3.36
CA PHE A 14 -4.51 13.19 2.85
C PHE A 14 -4.62 14.08 1.60
N LYS A 15 -3.86 15.16 1.61
CA LYS A 15 -3.87 16.09 0.50
C LYS A 15 -2.66 15.82 -0.40
N ALA A 16 -2.92 15.14 -1.51
CA ALA A 16 -1.86 14.81 -2.44
C ALA A 16 -1.15 16.09 -2.87
N GLU A 17 0.14 16.15 -2.58
CA GLU A 17 0.95 17.30 -2.92
C GLU A 17 2.02 16.92 -3.94
N LYS A 18 2.54 15.72 -3.78
CA LYS A 18 3.57 15.22 -4.67
C LYS A 18 2.94 14.83 -6.00
N ALA A 19 3.74 14.91 -7.06
CA ALA A 19 3.27 14.55 -8.38
C ALA A 19 2.79 13.11 -8.39
N ASP A 20 3.39 12.31 -7.51
CA ASP A 20 3.03 10.91 -7.41
C ASP A 20 2.30 10.68 -6.09
N GLU A 21 1.62 11.72 -5.64
CA GLU A 21 0.87 11.64 -4.39
C GLU A 21 -0.62 11.44 -4.69
N LEU A 22 -1.28 10.73 -3.79
CA LEU A 22 -2.71 10.47 -3.94
C LEU A 22 -3.45 11.02 -2.73
N THR A 23 -4.63 11.56 -3.00
CA THR A 23 -5.45 12.14 -1.94
C THR A 23 -6.30 11.04 -1.29
N THR A 24 -6.67 11.29 -0.03
CA THR A 24 -7.48 10.35 0.71
C THR A 24 -8.50 11.08 1.58
N TYR A 25 -9.21 10.30 2.38
CA TYR A 25 -10.22 10.87 3.26
C TYR A 25 -10.21 10.18 4.62
N VAL A 26 -10.75 10.88 5.62
CA VAL A 26 -10.80 10.35 6.96
C VAL A 26 -11.76 9.17 7.00
N GLY A 27 -11.51 8.28 7.96
CA GLY A 27 -12.35 7.10 8.11
C GLY A 27 -12.79 6.56 6.76
N GLU A 28 -11.80 6.26 5.93
CA GLU A 28 -12.07 5.72 4.60
C GLU A 28 -11.43 4.35 4.43
N ASN A 29 -11.74 3.71 3.32
CA ASN A 29 -11.20 2.40 3.03
C ASN A 29 -10.23 2.50 1.85
N LEU A 30 -8.99 2.13 2.11
CA LEU A 30 -7.97 2.17 1.09
C LEU A 30 -7.13 0.89 1.14
N PHE A 31 -6.46 0.61 0.04
CA PHE A 31 -5.63 -0.58 -0.06
C PHE A 31 -4.18 -0.21 -0.40
N ILE A 32 -3.28 -0.68 0.45
CA ILE A 32 -1.87 -0.41 0.25
C ILE A 32 -1.32 -1.33 -0.84
N CYS A 33 -0.58 -0.74 -1.77
CA CYS A 33 0.00 -1.51 -2.86
C CYS A 33 1.46 -1.79 -2.53
N ALA A 34 2.04 -0.89 -1.74
CA ALA A 34 3.43 -1.03 -1.34
C ALA A 34 3.70 -0.11 -0.15
N HIS A 35 4.93 -0.19 0.35
CA HIS A 35 5.34 0.62 1.48
C HIS A 35 6.80 1.06 1.31
N HIS A 36 7.14 2.16 1.97
CA HIS A 36 8.49 2.68 1.90
C HIS A 36 9.00 2.98 3.31
N ASN A 37 10.04 2.26 3.68
CA ASN A 37 10.64 2.45 5.00
C ASN A 37 9.57 2.19 6.07
N CYS A 38 8.53 1.47 5.68
CA CYS A 38 7.45 1.14 6.58
C CYS A 38 6.90 2.45 7.16
N GLU A 39 7.18 3.54 6.45
CA GLU A 39 6.73 4.85 6.88
C GLU A 39 5.78 5.44 5.85
N TRP A 40 6.03 5.11 4.59
CA TRP A 40 5.21 5.60 3.49
C TRP A 40 4.47 4.41 2.89
N PHE A 41 3.39 4.72 2.19
CA PHE A 41 2.58 3.69 1.56
C PHE A 41 2.27 4.06 0.10
N ILE A 42 1.88 3.03 -0.65
CA ILE A 42 1.55 3.22 -2.06
C ILE A 42 0.04 3.07 -2.25
N ALA A 43 -0.57 4.13 -2.74
CA ALA A 43 -2.00 4.13 -2.97
C ALA A 43 -2.27 3.80 -4.45
N LYS A 44 -3.05 2.75 -4.65
CA LYS A 44 -3.39 2.31 -6.01
C LYS A 44 -4.64 3.06 -6.47
N PRO A 45 -5.75 2.86 -5.70
CA PRO A 45 -7.01 3.50 -6.03
C PRO A 45 -6.98 4.98 -5.65
N ILE A 46 -8.04 5.68 -6.04
CA ILE A 46 -8.14 7.10 -5.75
C ILE A 46 -9.51 7.60 -6.21
N GLY A 47 -9.90 8.75 -5.66
CA GLY A 47 -11.18 9.34 -6.00
C GLY A 47 -11.09 10.14 -7.31
N ARG A 48 -9.95 9.99 -7.97
CA ARG A 48 -9.71 10.69 -9.23
C ARG A 48 -8.75 9.89 -10.10
N LEU A 49 -9.19 9.64 -11.33
CA LEU A 49 -8.39 8.88 -12.27
C LEU A 49 -6.92 9.33 -12.15
N GLY A 50 -6.16 8.53 -11.40
CA GLY A 50 -4.75 8.82 -11.19
C GLY A 50 -4.03 7.62 -10.61
N GLY A 51 -3.12 7.90 -9.68
CA GLY A 51 -2.36 6.85 -9.03
C GLY A 51 -1.64 5.98 -10.07
N PRO A 52 -0.82 5.03 -9.56
CA PRO A 52 -0.65 4.89 -8.11
C PRO A 52 0.23 6.00 -7.56
N GLY A 53 -0.01 6.32 -6.29
CA GLY A 53 0.75 7.36 -5.62
C GLY A 53 1.25 6.89 -4.25
N LEU A 54 1.66 7.86 -3.45
CA LEU A 54 2.16 7.56 -2.11
C LEU A 54 1.15 8.03 -1.08
N VAL A 55 1.32 7.55 0.14
CA VAL A 55 0.43 7.91 1.23
C VAL A 55 1.17 7.75 2.56
N PRO A 56 0.97 8.74 3.47
CA PRO A 56 1.61 8.72 4.77
C PRO A 56 0.92 7.70 5.69
N VAL A 57 1.73 7.06 6.52
CA VAL A 57 1.21 6.07 7.46
C VAL A 57 0.48 6.79 8.59
N GLY A 58 0.74 8.08 8.70
CA GLY A 58 0.11 8.88 9.73
C GLY A 58 -1.33 9.23 9.36
N PHE A 59 -1.76 8.71 8.21
CA PHE A 59 -3.10 8.96 7.73
C PHE A 59 -3.76 7.65 7.27
N VAL A 60 -3.26 6.55 7.80
CA VAL A 60 -3.79 5.24 7.45
C VAL A 60 -3.48 4.25 8.57
N SER A 61 -4.38 3.29 8.74
CA SER A 61 -4.20 2.28 9.78
C SER A 61 -4.48 0.89 9.19
N ILE A 62 -3.96 -0.12 9.88
CA ILE A 62 -4.14 -1.50 9.44
C ILE A 62 -5.05 -2.22 10.43
N ILE A 63 -6.30 -2.38 10.02
CA ILE A 63 -7.29 -3.04 10.85
C ILE A 63 -8.20 -3.90 9.97
N ASP A 64 -8.73 -4.96 10.55
CA ASP A 64 -9.62 -5.85 9.83
C ASP A 64 -11.02 -5.25 9.80
N ILE A 65 -11.43 -4.84 8.61
CA ILE A 65 -12.74 -4.25 8.43
C ILE A 65 -13.81 -5.17 9.05
N ALA A 66 -13.46 -6.44 9.15
CA ALA A 66 -14.36 -7.42 9.72
C ALA A 66 -14.65 -7.06 11.18
N THR A 67 -13.59 -6.66 11.87
CA THR A 67 -13.71 -6.29 13.27
C THR A 67 -14.16 -4.83 13.39
N GLY A 68 -13.24 -3.93 13.08
CA GLY A 68 -13.53 -2.51 13.15
C GLY A 68 -12.77 -1.86 14.30
N TYR A 69 -11.81 -2.60 14.83
CA TYR A 69 -11.00 -2.10 15.94
C TYR A 69 -9.54 -2.49 15.77
N ALA A 70 -8.74 -2.16 16.78
CA ALA A 70 -7.32 -2.46 16.76
C ALA A 70 -6.99 -3.41 17.91
N THR A 71 -6.16 -4.39 17.61
CA THR A 71 -5.76 -5.36 18.60
C THR A 71 -4.47 -4.91 19.30
N GLY A 72 -3.80 -3.95 18.67
CA GLY A 72 -2.56 -3.42 19.22
C GLY A 72 -1.38 -3.73 18.29
N ASN A 73 -1.71 -4.29 17.14
CA ASN A 73 -0.69 -4.63 16.16
C ASN A 73 -0.28 -3.38 15.40
N ASP A 74 0.65 -3.57 14.45
CA ASP A 74 1.13 -2.47 13.65
C ASP A 74 0.95 -2.80 12.16
N VAL A 75 1.36 -1.86 11.33
CA VAL A 75 1.25 -2.05 9.89
C VAL A 75 2.42 -2.89 9.39
N ILE A 76 3.56 -2.71 10.06
CA ILE A 76 4.76 -3.45 9.70
C ILE A 76 4.51 -4.94 9.87
N GLU A 77 4.02 -5.30 11.05
CA GLU A 77 3.74 -6.69 11.35
C GLU A 77 2.67 -7.23 10.40
N ASP A 78 1.94 -6.31 9.80
CA ASP A 78 0.89 -6.68 8.87
C ASP A 78 1.48 -6.81 7.46
N ILE A 79 2.45 -5.95 7.19
CA ILE A 79 3.10 -5.96 5.89
C ILE A 79 3.77 -7.32 5.66
N LYS A 80 4.12 -7.96 6.77
CA LYS A 80 4.77 -9.26 6.71
C LYS A 80 3.71 -10.35 6.56
N SER A 81 2.45 -9.94 6.75
CA SER A 81 1.34 -10.86 6.64
C SER A 81 0.77 -10.83 5.23
N VAL A 82 1.30 -9.92 4.42
CA VAL A 82 0.86 -9.77 3.05
C VAL A 82 2.08 -9.74 2.13
N ASN A 83 3.23 -10.00 2.72
CA ASN A 83 4.47 -10.00 1.96
C ASN A 83 4.51 -8.78 1.04
N LEU A 84 3.80 -7.75 1.46
CA LEU A 84 3.74 -6.51 0.69
C LEU A 84 5.16 -6.00 0.44
N PRO A 85 5.56 -6.02 -0.86
CA PRO A 85 6.89 -5.57 -1.24
C PRO A 85 6.97 -4.04 -1.20
N THR A 86 8.14 -3.55 -0.82
CA THR A 86 8.36 -2.11 -0.74
C THR A 86 8.10 -1.47 -2.09
N VAL A 87 7.88 -0.15 -2.05
CA VAL A 87 7.62 0.61 -3.26
C VAL A 87 8.82 0.50 -4.20
N GLN A 88 9.98 0.22 -3.61
CA GLN A 88 11.20 0.08 -4.37
C GLN A 88 11.29 -1.31 -5.00
N GLU A 89 10.81 -2.29 -4.24
CA GLU A 89 10.82 -3.66 -4.70
C GLU A 89 9.73 -3.88 -5.75
N TRP A 90 8.70 -3.07 -5.66
CA TRP A 90 7.58 -3.16 -6.58
C TRP A 90 7.96 -2.40 -7.86
N LYS A 91 8.14 -1.10 -7.70
CA LYS A 91 8.51 -0.25 -8.82
C LYS A 91 9.59 -0.94 -9.65
N SER A 92 10.41 -1.74 -8.96
CA SER A 92 11.48 -2.45 -9.62
C SER A 92 10.90 -3.61 -10.45
N ASN A 93 10.02 -4.37 -9.81
CA ASN A 93 9.39 -5.50 -10.47
C ASN A 93 8.73 -5.03 -11.76
N ILE A 94 8.17 -3.83 -11.70
CA ILE A 94 7.50 -3.25 -12.86
C ILE A 94 8.52 -3.05 -13.97
N ALA A 95 8.27 -3.74 -15.08
CA ALA A 95 9.16 -3.64 -16.23
C ALA A 95 8.32 -3.55 -17.52
N ARG A 96 9.00 -3.14 -18.59
CA ARG A 96 8.32 -2.99 -19.86
C ARG A 96 7.77 -4.35 -20.33
N TYR A 97 8.50 -5.40 -19.99
CA TYR A 97 8.09 -6.74 -20.36
C TYR A 97 9.02 -7.78 -19.75
N LYS A 98 8.52 -9.01 -19.66
CA LYS A 98 9.30 -10.10 -19.10
C LYS A 98 9.04 -11.37 -19.91
N ALA A 99 9.78 -12.41 -19.57
CA ALA A 99 9.65 -13.68 -20.26
C ALA A 99 8.36 -14.37 -19.80
N SER A 100 8.36 -14.79 -18.54
CA SER A 100 7.21 -15.46 -17.97
C SER A 100 6.63 -14.62 -16.82
N ASN A 101 5.35 -14.83 -16.57
CA ASN A 101 4.67 -14.11 -15.52
C ASN A 101 3.24 -14.64 -15.38
N ILE A 102 2.49 -14.02 -14.48
CA ILE A 102 1.11 -14.42 -14.24
C ILE A 102 0.22 -13.18 -14.29
N SER A 103 -1.08 -13.43 -14.16
CA SER A 103 -2.05 -12.35 -14.19
C SER A 103 -3.39 -12.83 -13.64
N LEU A 104 -3.96 -12.02 -12.74
CA LEU A 104 -5.23 -12.37 -12.13
C LEU A 104 -6.33 -11.50 -12.76
N GLY A 105 -6.88 -12.01 -13.85
CA GLY A 105 -7.94 -11.30 -14.55
C GLY A 105 -9.32 -11.81 -14.10
N SER A 106 -10.11 -10.89 -13.60
CA SER A 106 -11.45 -11.21 -13.14
C SER A 106 -12.46 -10.99 -14.26
N VAL A 107 -13.51 -11.80 -14.25
CA VAL A 107 -14.55 -11.71 -15.25
C VAL A 107 -15.76 -10.99 -14.66
N GLU A 108 -16.29 -10.05 -15.43
CA GLU A 108 -17.45 -9.29 -15.00
C GLU A 108 -18.66 -10.22 -14.80
N GLY A 1 -4.32 -10.85 10.20
CA GLY A 1 -4.59 -12.28 10.24
C GLY A 1 -4.33 -12.93 8.88
N PRO A 2 -5.30 -12.72 7.95
CA PRO A 2 -5.19 -13.27 6.61
C PRO A 2 -4.18 -12.48 5.78
N LEU A 3 -3.49 -13.20 4.91
CA LEU A 3 -2.50 -12.58 4.05
C LEU A 3 -2.97 -12.66 2.59
N GLY A 4 -2.33 -11.85 1.75
CA GLY A 4 -2.68 -11.82 0.33
C GLY A 4 -3.31 -10.48 -0.04
N SER A 5 -3.84 -9.81 0.97
CA SER A 5 -4.47 -8.52 0.76
C SER A 5 -4.73 -7.83 2.10
N LEU A 6 -3.96 -6.77 2.34
CA LEU A 6 -4.08 -6.02 3.58
C LEU A 6 -4.96 -4.79 3.32
N TYR A 7 -5.88 -4.56 4.26
CA TYR A 7 -6.78 -3.43 4.16
C TYR A 7 -6.40 -2.33 5.15
N ALA A 8 -6.23 -1.13 4.61
CA ALA A 8 -5.86 0.02 5.44
C ALA A 8 -7.09 0.92 5.61
N ILE A 9 -6.99 1.79 6.61
CA ILE A 9 -8.08 2.70 6.89
C ILE A 9 -7.51 4.13 7.04
N VAL A 10 -8.10 5.04 6.28
CA VAL A 10 -7.68 6.42 6.31
C VAL A 10 -8.39 7.16 7.44
N LEU A 11 -7.59 7.72 8.34
CA LEU A 11 -8.13 8.45 9.47
C LEU A 11 -7.93 9.95 9.26
N TYR A 12 -7.15 10.26 8.23
CA TYR A 12 -6.86 11.65 7.91
C TYR A 12 -6.99 11.90 6.41
N ASP A 13 -7.46 13.10 6.08
CA ASP A 13 -7.63 13.48 4.69
C ASP A 13 -6.30 13.95 4.12
N PHE A 14 -5.68 13.10 3.32
CA PHE A 14 -4.40 13.42 2.72
C PHE A 14 -4.59 14.20 1.41
N LYS A 15 -4.00 15.38 1.36
CA LYS A 15 -4.10 16.22 0.19
C LYS A 15 -2.85 16.05 -0.67
N ALA A 16 -2.99 15.24 -1.71
CA ALA A 16 -1.88 14.96 -2.61
C ALA A 16 -1.22 16.28 -3.01
N GLU A 17 0.08 16.35 -2.78
CA GLU A 17 0.84 17.55 -3.11
C GLU A 17 1.94 17.22 -4.12
N LYS A 18 2.57 16.08 -3.91
CA LYS A 18 3.64 15.63 -4.78
C LYS A 18 3.05 15.25 -6.14
N ALA A 19 3.94 15.02 -7.10
CA ALA A 19 3.52 14.65 -8.44
C ALA A 19 3.05 13.19 -8.43
N ASP A 20 3.76 12.38 -7.65
CA ASP A 20 3.43 10.97 -7.55
C ASP A 20 2.63 10.73 -6.27
N GLU A 21 1.93 11.77 -5.84
CA GLU A 21 1.13 11.69 -4.63
C GLU A 21 -0.36 11.67 -4.98
N LEU A 22 -1.14 11.07 -4.10
CA LEU A 22 -2.58 10.99 -4.30
C LEU A 22 -3.30 11.54 -3.08
N THR A 23 -4.55 11.92 -3.28
CA THR A 23 -5.36 12.47 -2.21
C THR A 23 -6.31 11.40 -1.66
N THR A 24 -6.67 11.58 -0.40
CA THR A 24 -7.58 10.65 0.26
C THR A 24 -8.61 11.41 1.10
N TYR A 25 -9.33 10.65 1.92
CA TYR A 25 -10.34 11.23 2.78
C TYR A 25 -10.31 10.59 4.17
N VAL A 26 -10.38 11.45 5.18
CA VAL A 26 -10.35 10.98 6.56
C VAL A 26 -11.52 10.03 6.78
N GLY A 27 -11.29 9.05 7.65
CA GLY A 27 -12.31 8.06 7.96
C GLY A 27 -12.76 7.32 6.70
N GLU A 28 -11.77 6.89 5.92
CA GLU A 28 -12.06 6.16 4.69
C GLU A 28 -11.40 4.79 4.73
N ASN A 29 -11.72 3.98 3.72
CA ASN A 29 -11.16 2.64 3.62
C ASN A 29 -10.45 2.48 2.27
N LEU A 30 -9.29 1.86 2.33
CA LEU A 30 -8.50 1.63 1.13
C LEU A 30 -7.53 0.47 1.36
N PHE A 31 -6.94 0.02 0.27
CA PHE A 31 -5.98 -1.09 0.35
C PHE A 31 -4.57 -0.61 0.03
N ILE A 32 -3.60 -1.26 0.66
CA ILE A 32 -2.21 -0.92 0.45
C ILE A 32 -1.65 -1.76 -0.70
N CYS A 33 -0.94 -1.08 -1.59
CA CYS A 33 -0.33 -1.76 -2.73
C CYS A 33 1.15 -1.97 -2.44
N ALA A 34 1.69 -1.11 -1.59
CA ALA A 34 3.09 -1.20 -1.22
C ALA A 34 3.34 -0.36 0.03
N HIS A 35 4.58 -0.36 0.49
CA HIS A 35 4.96 0.39 1.66
C HIS A 35 6.31 1.06 1.43
N HIS A 36 6.47 2.23 2.06
CA HIS A 36 7.70 2.98 1.93
C HIS A 36 8.32 3.19 3.32
N ASN A 37 9.49 2.59 3.50
CA ASN A 37 10.20 2.71 4.77
C ASN A 37 9.27 2.26 5.90
N CYS A 38 8.36 1.37 5.56
CA CYS A 38 7.41 0.84 6.53
C CYS A 38 6.77 2.02 7.26
N GLU A 39 6.85 3.17 6.63
CA GLU A 39 6.29 4.39 7.20
C GLU A 39 5.31 5.04 6.23
N TRP A 40 5.32 4.53 5.01
CA TRP A 40 4.45 5.05 3.96
C TRP A 40 3.75 3.87 3.30
N PHE A 41 2.71 4.19 2.54
CA PHE A 41 1.95 3.16 1.85
C PHE A 41 1.59 3.61 0.43
N ILE A 42 1.19 2.64 -0.38
CA ILE A 42 0.82 2.92 -1.77
C ILE A 42 -0.70 2.73 -1.92
N ALA A 43 -1.35 3.83 -2.26
CA ALA A 43 -2.80 3.79 -2.45
C ALA A 43 -3.11 3.72 -3.94
N LYS A 44 -4.19 3.01 -4.25
CA LYS A 44 -4.61 2.84 -5.64
C LYS A 44 -6.03 3.39 -5.79
N PRO A 45 -6.40 3.64 -7.08
CA PRO A 45 -7.74 4.15 -7.38
C PRO A 45 -8.79 3.05 -7.25
N ILE A 46 -9.60 3.17 -6.20
CA ILE A 46 -10.65 2.20 -5.95
C ILE A 46 -12.01 2.87 -6.09
N GLY A 47 -12.04 3.92 -6.92
CA GLY A 47 -13.26 4.66 -7.14
C GLY A 47 -13.14 5.56 -8.37
N ARG A 48 -11.99 6.22 -8.47
CA ARG A 48 -11.74 7.11 -9.59
C ARG A 48 -10.31 6.92 -10.10
N LEU A 49 -10.20 6.69 -11.40
CA LEU A 49 -8.91 6.49 -12.03
C LEU A 49 -7.90 7.48 -11.42
N GLY A 50 -6.70 6.98 -11.16
CA GLY A 50 -5.65 7.80 -10.60
C GLY A 50 -4.76 6.99 -9.65
N GLY A 51 -3.54 6.75 -10.10
CA GLY A 51 -2.59 5.99 -9.30
C GLY A 51 -1.38 5.56 -10.14
N PRO A 52 -0.40 4.93 -9.45
CA PRO A 52 -0.53 4.68 -8.01
C PRO A 52 -0.30 5.96 -7.22
N GLY A 53 -0.60 5.87 -5.93
CA GLY A 53 -0.42 7.01 -5.05
C GLY A 53 0.26 6.60 -3.74
N LEU A 54 0.70 7.61 -3.00
CA LEU A 54 1.36 7.36 -1.73
C LEU A 54 0.44 7.77 -0.58
N VAL A 55 0.68 7.16 0.58
CA VAL A 55 -0.12 7.45 1.75
C VAL A 55 0.69 7.11 3.00
N PRO A 56 0.94 8.16 3.82
CA PRO A 56 1.69 7.98 5.06
C PRO A 56 0.84 7.30 6.13
N VAL A 57 1.46 6.37 6.83
CA VAL A 57 0.78 5.63 7.89
C VAL A 57 0.25 6.62 8.93
N GLY A 58 0.81 7.82 8.88
CA GLY A 58 0.41 8.86 9.82
C GLY A 58 -0.99 9.39 9.50
N PHE A 59 -1.54 8.87 8.41
CA PHE A 59 -2.87 9.26 7.99
C PHE A 59 -3.76 8.05 7.73
N VAL A 60 -3.19 6.88 7.99
CA VAL A 60 -3.92 5.64 7.81
C VAL A 60 -3.53 4.64 8.91
N SER A 61 -4.34 3.61 9.06
CA SER A 61 -4.10 2.60 10.07
C SER A 61 -4.53 1.22 9.54
N ILE A 62 -4.00 0.20 10.19
CA ILE A 62 -4.32 -1.17 9.79
C ILE A 62 -5.19 -1.81 10.88
N ILE A 63 -6.20 -2.54 10.42
CA ILE A 63 -7.12 -3.21 11.32
C ILE A 63 -7.62 -4.50 10.68
N ASP A 64 -8.24 -5.33 11.50
CA ASP A 64 -8.77 -6.59 11.03
C ASP A 64 -10.19 -6.39 10.49
N ILE A 65 -11.05 -5.87 11.36
CA ILE A 65 -12.43 -5.62 11.00
C ILE A 65 -12.55 -4.22 10.39
N ALA A 66 -13.54 -4.06 9.54
CA ALA A 66 -13.77 -2.78 8.88
C ALA A 66 -14.50 -1.84 9.85
N THR A 67 -13.90 -1.66 11.01
CA THR A 67 -14.47 -0.80 12.04
C THR A 67 -13.45 0.24 12.49
N GLY A 68 -13.86 1.04 13.46
CA GLY A 68 -13.00 2.09 13.99
C GLY A 68 -12.19 1.56 15.19
N TYR A 69 -12.08 0.24 15.25
CA TYR A 69 -11.34 -0.39 16.34
C TYR A 69 -9.99 -0.93 15.83
N ALA A 70 -9.25 -1.53 16.75
CA ALA A 70 -7.96 -2.09 16.43
C ALA A 70 -7.76 -3.41 17.18
N THR A 71 -7.00 -4.30 16.56
CA THR A 71 -6.74 -5.60 17.16
C THR A 71 -5.46 -5.55 18.00
N GLY A 72 -4.62 -4.56 17.70
CA GLY A 72 -3.38 -4.39 18.41
C GLY A 72 -2.18 -4.84 17.55
N ASN A 73 -2.51 -5.28 16.34
CA ASN A 73 -1.49 -5.74 15.42
C ASN A 73 -0.74 -4.53 14.85
N ASP A 74 0.17 -4.82 13.94
CA ASP A 74 0.96 -3.77 13.30
C ASP A 74 0.89 -3.93 11.78
N VAL A 75 1.17 -2.83 11.09
CA VAL A 75 1.15 -2.84 9.64
C VAL A 75 2.42 -3.50 9.11
N ILE A 76 3.50 -3.28 9.83
CA ILE A 76 4.78 -3.85 9.46
C ILE A 76 4.63 -5.36 9.25
N GLU A 77 3.97 -5.99 10.21
CA GLU A 77 3.75 -7.43 10.13
C GLU A 77 2.80 -7.76 8.97
N ASP A 78 1.85 -6.86 8.75
CA ASP A 78 0.89 -7.04 7.68
C ASP A 78 1.59 -6.89 6.33
N ILE A 79 2.66 -6.12 6.35
CA ILE A 79 3.42 -5.88 5.13
C ILE A 79 4.25 -7.12 4.81
N LYS A 80 4.81 -7.71 5.85
CA LYS A 80 5.63 -8.91 5.69
C LYS A 80 4.72 -10.14 5.65
N SER A 81 3.51 -9.96 6.16
CA SER A 81 2.54 -11.04 6.19
C SER A 81 2.22 -11.50 4.76
N VAL A 82 2.46 -10.60 3.82
CA VAL A 82 2.22 -10.90 2.42
C VAL A 82 3.48 -10.61 1.61
N ASN A 83 4.61 -10.62 2.31
CA ASN A 83 5.89 -10.37 1.68
C ASN A 83 5.77 -9.13 0.77
N LEU A 84 4.86 -8.25 1.15
CA LEU A 84 4.64 -7.03 0.39
C LEU A 84 5.94 -6.24 0.31
N PRO A 85 6.49 -6.16 -0.92
CA PRO A 85 7.73 -5.44 -1.15
C PRO A 85 7.50 -3.92 -1.13
N THR A 86 8.53 -3.21 -0.69
CA THR A 86 8.44 -1.76 -0.61
C THR A 86 8.11 -1.17 -1.98
N VAL A 87 7.42 -0.04 -1.95
CA VAL A 87 7.03 0.63 -3.17
C VAL A 87 8.18 0.58 -4.17
N GLN A 88 9.39 0.59 -3.63
CA GLN A 88 10.58 0.55 -4.45
C GLN A 88 10.88 -0.89 -4.88
N GLU A 89 10.87 -1.79 -3.91
CA GLU A 89 11.13 -3.19 -4.17
C GLU A 89 10.11 -3.74 -5.18
N TRP A 90 8.98 -3.06 -5.26
CA TRP A 90 7.92 -3.47 -6.17
C TRP A 90 8.24 -2.90 -7.54
N LYS A 91 8.10 -1.59 -7.66
CA LYS A 91 8.38 -0.92 -8.93
C LYS A 91 9.73 -1.38 -9.47
N SER A 92 10.57 -1.82 -8.55
CA SER A 92 11.89 -2.31 -8.92
C SER A 92 11.80 -3.71 -9.52
N ASN A 93 10.94 -4.51 -8.92
CA ASN A 93 10.74 -5.88 -9.39
C ASN A 93 9.59 -5.91 -10.40
N ILE A 94 8.39 -5.72 -9.89
CA ILE A 94 7.20 -5.72 -10.74
C ILE A 94 7.03 -7.11 -11.34
N ALA A 95 6.17 -7.89 -10.72
CA ALA A 95 5.90 -9.23 -11.19
C ALA A 95 4.40 -9.39 -11.46
N ARG A 96 3.69 -8.28 -11.32
CA ARG A 96 2.26 -8.27 -11.54
C ARG A 96 1.91 -9.13 -12.75
N TYR A 97 2.68 -8.95 -13.81
CA TYR A 97 2.45 -9.71 -15.03
C TYR A 97 3.77 -10.28 -15.57
N LYS A 98 3.66 -11.45 -16.17
CA LYS A 98 4.83 -12.12 -16.72
C LYS A 98 5.26 -11.41 -18.01
N ALA A 99 4.38 -11.46 -18.99
CA ALA A 99 4.64 -10.82 -20.27
C ALA A 99 4.68 -9.31 -20.09
N SER A 100 5.78 -8.83 -19.53
CA SER A 100 5.95 -7.41 -19.29
C SER A 100 6.99 -6.84 -20.25
N ASN A 101 8.25 -7.19 -20.00
CA ASN A 101 9.35 -6.71 -20.83
C ASN A 101 9.01 -6.99 -22.30
N ILE A 102 8.19 -8.01 -22.51
CA ILE A 102 7.78 -8.38 -23.85
C ILE A 102 6.26 -8.44 -23.92
N SER A 103 5.75 -8.47 -25.15
CA SER A 103 4.31 -8.54 -25.37
C SER A 103 3.61 -7.42 -24.58
N LEU A 104 4.29 -6.29 -24.49
CA LEU A 104 3.75 -5.14 -23.79
C LEU A 104 2.28 -4.96 -24.17
N GLY A 105 1.54 -4.33 -23.27
CA GLY A 105 0.13 -4.08 -23.50
C GLY A 105 -0.08 -3.12 -24.66
N SER A 106 -0.39 -1.87 -24.32
CA SER A 106 -0.61 -0.86 -25.33
C SER A 106 0.70 -0.50 -26.02
N VAL A 107 0.57 0.04 -27.22
CA VAL A 107 1.73 0.43 -28.00
C VAL A 107 1.52 1.83 -28.59
N GLU A 108 2.55 2.65 -28.46
CA GLU A 108 2.49 4.01 -28.97
C GLU A 108 1.95 4.01 -30.41
N GLY A 1 -7.41 -18.13 2.97
CA GLY A 1 -6.45 -18.90 3.76
C GLY A 1 -5.03 -18.35 3.57
N PRO A 2 -4.57 -18.36 2.30
CA PRO A 2 -3.24 -17.87 1.98
C PRO A 2 -3.19 -16.34 2.02
N LEU A 3 -1.97 -15.82 2.07
CA LEU A 3 -1.78 -14.38 2.10
C LEU A 3 -1.42 -13.88 0.70
N GLY A 4 -1.43 -12.56 0.56
CA GLY A 4 -1.10 -11.95 -0.71
C GLY A 4 -1.82 -10.60 -0.86
N SER A 5 -2.92 -10.47 -0.14
CA SER A 5 -3.70 -9.25 -0.19
C SER A 5 -3.83 -8.66 1.22
N LEU A 6 -4.22 -7.39 1.25
CA LEU A 6 -4.39 -6.69 2.52
C LEU A 6 -5.41 -5.56 2.35
N TYR A 7 -5.59 -4.80 3.41
CA TYR A 7 -6.52 -3.69 3.40
C TYR A 7 -6.22 -2.70 4.51
N ALA A 8 -6.34 -1.41 4.17
CA ALA A 8 -6.08 -0.35 5.13
C ALA A 8 -7.22 0.67 5.08
N ILE A 9 -7.30 1.46 6.13
CA ILE A 9 -8.33 2.49 6.22
C ILE A 9 -7.68 3.84 6.53
N VAL A 10 -7.91 4.78 5.63
CA VAL A 10 -7.36 6.11 5.79
C VAL A 10 -8.21 6.90 6.79
N LEU A 11 -7.74 6.92 8.03
CA LEU A 11 -8.45 7.63 9.09
C LEU A 11 -7.92 9.06 9.18
N TYR A 12 -7.57 9.61 8.02
CA TYR A 12 -7.06 10.97 7.95
C TYR A 12 -6.94 11.44 6.51
N ASP A 13 -7.42 12.66 6.28
CA ASP A 13 -7.38 13.24 4.96
C ASP A 13 -5.94 13.62 4.61
N PHE A 14 -5.32 12.78 3.77
CA PHE A 14 -3.95 13.02 3.37
C PHE A 14 -3.89 14.06 2.25
N LYS A 15 -2.75 14.74 2.18
CA LYS A 15 -2.55 15.75 1.16
C LYS A 15 -1.47 15.28 0.18
N ALA A 16 -1.76 15.47 -1.10
CA ALA A 16 -0.84 15.07 -2.15
C ALA A 16 0.20 16.19 -2.36
N GLU A 17 1.46 15.80 -2.22
CA GLU A 17 2.55 16.75 -2.39
C GLU A 17 3.55 16.22 -3.42
N LYS A 18 3.66 14.91 -3.48
CA LYS A 18 4.56 14.26 -4.41
C LYS A 18 4.21 14.68 -5.85
N ALA A 19 4.89 14.05 -6.79
CA ALA A 19 4.65 14.35 -8.19
C ALA A 19 3.59 13.39 -8.74
N ASP A 20 3.52 12.21 -8.13
CA ASP A 20 2.56 11.21 -8.53
C ASP A 20 1.72 10.80 -7.33
N GLU A 21 1.57 11.73 -6.40
CA GLU A 21 0.79 11.48 -5.21
C GLU A 21 -0.70 11.39 -5.54
N LEU A 22 -1.51 11.23 -4.50
CA LEU A 22 -2.95 11.13 -4.67
C LEU A 22 -3.64 11.51 -3.36
N THR A 23 -4.37 12.62 -3.42
CA THR A 23 -5.08 13.11 -2.25
C THR A 23 -6.24 12.17 -1.91
N THR A 24 -6.48 12.04 -0.62
CA THR A 24 -7.56 11.17 -0.14
C THR A 24 -8.45 11.94 0.84
N TYR A 25 -9.33 11.18 1.49
CA TYR A 25 -10.25 11.77 2.45
C TYR A 25 -10.37 10.88 3.69
N VAL A 26 -10.30 11.53 4.85
CA VAL A 26 -10.40 10.81 6.11
C VAL A 26 -11.47 9.72 5.99
N GLY A 27 -11.35 8.71 6.84
CA GLY A 27 -12.29 7.61 6.84
C GLY A 27 -12.47 7.05 5.43
N GLU A 28 -11.35 6.79 4.77
CA GLU A 28 -11.38 6.26 3.42
C GLU A 28 -10.94 4.79 3.43
N ASN A 29 -11.45 4.06 2.46
CA ASN A 29 -11.13 2.64 2.34
C ASN A 29 -10.22 2.43 1.13
N LEU A 30 -9.10 1.77 1.39
CA LEU A 30 -8.14 1.49 0.34
C LEU A 30 -7.26 0.31 0.76
N PHE A 31 -6.49 -0.18 -0.20
CA PHE A 31 -5.60 -1.31 0.05
C PHE A 31 -4.14 -0.89 -0.10
N ILE A 32 -3.30 -1.47 0.75
CA ILE A 32 -1.88 -1.17 0.73
C ILE A 32 -1.23 -1.91 -0.44
N CYS A 33 -0.99 -1.16 -1.51
CA CYS A 33 -0.38 -1.73 -2.70
C CYS A 33 1.12 -1.95 -2.40
N ALA A 34 1.64 -1.13 -1.51
CA ALA A 34 3.03 -1.22 -1.13
C ALA A 34 3.33 -0.23 0.00
N HIS A 35 4.52 -0.36 0.56
CA HIS A 35 4.93 0.52 1.65
C HIS A 35 6.30 1.11 1.33
N HIS A 36 6.51 2.33 1.84
CA HIS A 36 7.77 3.02 1.63
C HIS A 36 8.38 3.40 2.97
N ASN A 37 9.52 2.81 3.27
CA ASN A 37 10.22 3.08 4.51
C ASN A 37 9.27 2.85 5.68
N CYS A 38 8.37 1.89 5.49
CA CYS A 38 7.40 1.55 6.52
C CYS A 38 6.86 2.87 7.11
N GLU A 39 6.87 3.89 6.27
CA GLU A 39 6.38 5.19 6.70
C GLU A 39 5.24 5.66 5.79
N TRP A 40 5.34 5.29 4.52
CA TRP A 40 4.33 5.66 3.55
C TRP A 40 3.72 4.37 3.00
N PHE A 41 2.59 4.53 2.33
CA PHE A 41 1.89 3.39 1.75
C PHE A 41 1.26 3.76 0.41
N ILE A 42 1.02 2.74 -0.40
CA ILE A 42 0.42 2.95 -1.70
C ILE A 42 -1.09 2.72 -1.61
N ALA A 43 -1.83 3.82 -1.56
CA ALA A 43 -3.27 3.76 -1.46
C ALA A 43 -3.87 3.60 -2.86
N LYS A 44 -5.15 3.29 -2.89
CA LYS A 44 -5.85 3.11 -4.16
C LYS A 44 -7.25 3.72 -4.06
N PRO A 45 -7.86 3.96 -5.25
CA PRO A 45 -9.19 4.54 -5.31
C PRO A 45 -10.25 3.50 -4.93
N ILE A 46 -11.49 3.97 -4.88
CA ILE A 46 -12.61 3.09 -4.53
C ILE A 46 -13.20 2.51 -5.82
N GLY A 47 -13.44 3.39 -6.77
CA GLY A 47 -14.00 2.97 -8.05
C GLY A 47 -13.94 4.10 -9.08
N ARG A 48 -12.76 4.73 -9.15
CA ARG A 48 -12.56 5.82 -10.09
C ARG A 48 -11.19 5.70 -10.74
N LEU A 49 -11.19 5.79 -12.07
CA LEU A 49 -9.96 5.69 -12.82
C LEU A 49 -8.92 6.62 -12.23
N GLY A 50 -7.88 6.01 -11.65
CA GLY A 50 -6.81 6.78 -11.04
C GLY A 50 -6.02 5.92 -10.06
N GLY A 51 -5.13 6.57 -9.32
CA GLY A 51 -4.30 5.88 -8.34
C GLY A 51 -3.32 4.94 -9.04
N PRO A 52 -2.51 4.24 -8.20
CA PRO A 52 -2.60 4.41 -6.76
C PRO A 52 -1.97 5.72 -6.32
N GLY A 53 -2.00 5.94 -5.01
CA GLY A 53 -1.43 7.16 -4.44
C GLY A 53 -0.55 6.84 -3.23
N LEU A 54 0.13 7.88 -2.76
CA LEU A 54 1.01 7.72 -1.61
C LEU A 54 0.35 8.37 -0.39
N VAL A 55 0.31 7.60 0.70
CA VAL A 55 -0.28 8.08 1.93
C VAL A 55 0.63 7.69 3.11
N PRO A 56 0.66 8.60 4.12
CA PRO A 56 1.47 8.36 5.31
C PRO A 56 0.84 7.31 6.21
N VAL A 57 1.68 6.70 7.04
CA VAL A 57 1.23 5.67 7.95
C VAL A 57 0.50 6.33 9.13
N GLY A 58 0.79 7.61 9.32
CA GLY A 58 0.17 8.37 10.40
C GLY A 58 -1.20 8.90 9.97
N PHE A 59 -1.62 8.49 8.79
CA PHE A 59 -2.91 8.92 8.26
C PHE A 59 -3.73 7.72 7.78
N VAL A 60 -3.25 6.54 8.13
CA VAL A 60 -3.93 5.31 7.75
C VAL A 60 -3.72 4.24 8.82
N SER A 61 -4.71 3.39 8.97
CA SER A 61 -4.64 2.32 9.95
C SER A 61 -4.92 0.98 9.28
N ILE A 62 -4.27 -0.06 9.80
CA ILE A 62 -4.45 -1.39 9.27
C ILE A 62 -5.54 -2.12 10.07
N ILE A 63 -6.43 -2.77 9.34
CA ILE A 63 -7.52 -3.50 9.96
C ILE A 63 -8.00 -4.60 9.01
N ASP A 64 -7.81 -5.84 9.44
CA ASP A 64 -8.22 -6.98 8.65
C ASP A 64 -9.11 -7.90 9.50
N ILE A 65 -9.96 -7.26 10.30
CA ILE A 65 -10.86 -8.01 11.16
C ILE A 65 -12.29 -7.87 10.63
N ALA A 66 -12.37 -7.55 9.35
CA ALA A 66 -13.67 -7.39 8.70
C ALA A 66 -14.54 -6.46 9.55
N THR A 67 -13.93 -5.38 10.02
CA THR A 67 -14.65 -4.41 10.84
C THR A 67 -13.90 -3.08 10.85
N GLY A 68 -14.48 -2.12 11.58
CA GLY A 68 -13.88 -0.80 11.68
C GLY A 68 -13.20 -0.61 13.04
N TYR A 69 -12.41 -1.61 13.41
CA TYR A 69 -11.70 -1.57 14.68
C TYR A 69 -10.27 -2.11 14.52
N ALA A 70 -9.54 -2.06 15.62
CA ALA A 70 -8.17 -2.54 15.62
C ALA A 70 -7.92 -3.37 16.88
N THR A 71 -7.15 -4.43 16.70
CA THR A 71 -6.83 -5.32 17.82
C THR A 71 -5.57 -4.84 18.53
N GLY A 72 -4.63 -4.35 17.74
CA GLY A 72 -3.37 -3.86 18.29
C GLY A 72 -2.21 -4.15 17.33
N ASN A 73 -2.45 -5.08 16.43
CA ASN A 73 -1.43 -5.46 15.45
C ASN A 73 -0.83 -4.20 14.83
N ASP A 74 0.21 -4.40 14.04
CA ASP A 74 0.87 -3.30 13.38
C ASP A 74 0.91 -3.56 11.87
N VAL A 75 1.21 -2.50 11.13
CA VAL A 75 1.27 -2.60 9.68
C VAL A 75 2.57 -3.31 9.29
N ILE A 76 3.66 -2.91 9.92
CA ILE A 76 4.95 -3.49 9.65
C ILE A 76 4.84 -5.02 9.68
N GLU A 77 4.33 -5.51 10.80
CA GLU A 77 4.15 -6.94 10.98
C GLU A 77 3.21 -7.50 9.91
N ASP A 78 2.30 -6.65 9.47
CA ASP A 78 1.33 -7.03 8.45
C ASP A 78 1.99 -6.98 7.08
N ILE A 79 3.14 -6.32 7.03
CA ILE A 79 3.88 -6.19 5.79
C ILE A 79 4.74 -7.43 5.57
N LYS A 80 5.15 -8.03 6.68
CA LYS A 80 5.99 -9.22 6.63
C LYS A 80 5.08 -10.44 6.46
N SER A 81 3.82 -10.27 6.81
CA SER A 81 2.86 -11.35 6.69
C SER A 81 2.63 -11.69 5.22
N VAL A 82 2.60 -10.66 4.40
CA VAL A 82 2.39 -10.83 2.97
C VAL A 82 3.65 -10.39 2.22
N ASN A 83 4.73 -10.26 2.97
CA ASN A 83 6.00 -9.85 2.39
C ASN A 83 5.75 -8.72 1.38
N LEU A 84 4.70 -7.96 1.63
CA LEU A 84 4.34 -6.86 0.76
C LEU A 84 5.61 -6.12 0.33
N PRO A 85 5.83 -6.08 -1.01
CA PRO A 85 6.99 -5.42 -1.56
C PRO A 85 6.83 -3.89 -1.51
N THR A 86 7.90 -3.23 -1.09
CA THR A 86 7.90 -1.78 -0.98
C THR A 86 7.57 -1.16 -2.34
N VAL A 87 6.98 0.03 -2.28
CA VAL A 87 6.62 0.75 -3.50
C VAL A 87 7.84 0.81 -4.42
N GLN A 88 9.01 0.68 -3.82
CA GLN A 88 10.25 0.73 -4.58
C GLN A 88 10.60 -0.67 -5.12
N GLU A 89 10.47 -1.65 -4.24
CA GLU A 89 10.76 -3.02 -4.61
C GLU A 89 9.80 -3.50 -5.69
N TRP A 90 8.62 -2.88 -5.71
CA TRP A 90 7.60 -3.23 -6.68
C TRP A 90 7.98 -2.60 -8.01
N LYS A 91 7.98 -1.27 -8.04
CA LYS A 91 8.31 -0.54 -9.24
C LYS A 91 9.66 -1.04 -9.77
N SER A 92 10.46 -1.56 -8.86
CA SER A 92 11.77 -2.07 -9.20
C SER A 92 11.65 -3.43 -9.89
N ASN A 93 10.89 -4.31 -9.24
CA ASN A 93 10.68 -5.65 -9.78
C ASN A 93 10.20 -5.54 -11.23
N ILE A 94 9.34 -4.56 -11.46
CA ILE A 94 8.79 -4.34 -12.79
C ILE A 94 9.89 -3.76 -13.68
N ALA A 95 9.68 -3.93 -14.99
CA ALA A 95 10.65 -3.44 -15.96
C ALA A 95 11.84 -4.39 -16.03
N ARG A 96 11.69 -5.52 -15.36
CA ARG A 96 12.74 -6.52 -15.33
C ARG A 96 12.21 -7.88 -15.79
N TYR A 97 13.08 -8.88 -15.74
CA TYR A 97 12.71 -10.22 -16.15
C TYR A 97 11.26 -10.53 -15.75
N LYS A 98 11.03 -10.53 -14.44
CA LYS A 98 9.69 -10.81 -13.92
C LYS A 98 8.65 -10.15 -14.83
N ALA A 99 8.66 -8.83 -14.83
CA ALA A 99 7.72 -8.07 -15.64
C ALA A 99 7.70 -8.65 -17.06
N SER A 100 6.75 -8.16 -17.84
CA SER A 100 6.61 -8.62 -19.22
C SER A 100 8.00 -8.79 -19.85
N ASN A 101 8.17 -9.94 -20.50
CA ASN A 101 9.43 -10.24 -21.15
C ASN A 101 9.76 -9.14 -22.16
N ILE A 102 10.77 -8.36 -21.82
CA ILE A 102 11.19 -7.27 -22.69
C ILE A 102 12.63 -7.52 -23.14
N SER A 103 12.93 -7.03 -24.35
CA SER A 103 14.27 -7.18 -24.90
C SER A 103 15.32 -6.89 -23.83
N LEU A 104 16.30 -7.77 -23.75
CA LEU A 104 17.37 -7.62 -22.78
C LEU A 104 18.25 -6.44 -23.18
N GLY A 105 19.03 -5.97 -22.23
CA GLY A 105 19.92 -4.85 -22.47
C GLY A 105 20.98 -4.73 -21.36
N SER A 106 22.16 -4.29 -21.76
CA SER A 106 23.25 -4.14 -20.82
C SER A 106 23.20 -2.75 -20.19
N VAL A 107 23.25 -2.72 -18.86
CA VAL A 107 23.21 -1.48 -18.13
C VAL A 107 24.24 -1.52 -17.00
N GLU A 108 24.87 -0.39 -16.77
CA GLU A 108 25.88 -0.28 -15.73
C GLU A 108 25.26 0.30 -14.45
N GLY A 1 -7.91 -19.33 3.54
CA GLY A 1 -6.92 -19.56 2.51
C GLY A 1 -5.60 -18.85 2.85
N PRO A 2 -4.69 -18.81 1.85
CA PRO A 2 -3.40 -18.17 2.04
C PRO A 2 -3.55 -16.65 2.02
N LEU A 3 -2.58 -15.98 2.65
CA LEU A 3 -2.59 -14.53 2.72
C LEU A 3 -2.41 -13.96 1.31
N GLY A 4 -3.02 -12.81 1.09
CA GLY A 4 -2.94 -12.15 -0.20
C GLY A 4 -4.02 -11.08 -0.34
N SER A 5 -4.12 -10.25 0.68
CA SER A 5 -5.11 -9.18 0.69
C SER A 5 -4.79 -8.18 1.80
N LEU A 6 -4.27 -7.03 1.38
CA LEU A 6 -3.92 -5.99 2.33
C LEU A 6 -4.89 -4.81 2.18
N TYR A 7 -5.44 -4.38 3.31
CA TYR A 7 -6.39 -3.28 3.31
C TYR A 7 -6.13 -2.34 4.48
N ALA A 8 -5.89 -1.07 4.17
CA ALA A 8 -5.63 -0.08 5.18
C ALA A 8 -6.88 0.79 5.37
N ILE A 9 -6.81 1.67 6.35
CA ILE A 9 -7.91 2.56 6.64
C ILE A 9 -7.38 3.97 6.89
N VAL A 10 -7.97 4.93 6.18
CA VAL A 10 -7.56 6.32 6.32
C VAL A 10 -8.37 6.97 7.43
N LEU A 11 -7.64 7.50 8.41
CA LEU A 11 -8.27 8.16 9.54
C LEU A 11 -8.06 9.68 9.43
N TYR A 12 -7.42 10.07 8.34
CA TYR A 12 -7.14 11.48 8.10
C TYR A 12 -7.01 11.77 6.60
N ASP A 13 -7.70 12.80 6.17
CA ASP A 13 -7.67 13.18 4.77
C ASP A 13 -6.25 13.62 4.40
N PHE A 14 -5.57 12.74 3.67
CA PHE A 14 -4.21 13.01 3.25
C PHE A 14 -4.19 13.91 2.02
N LYS A 15 -3.26 14.84 2.02
CA LYS A 15 -3.11 15.78 0.92
C LYS A 15 -2.01 15.29 -0.02
N ALA A 16 -2.25 15.47 -1.31
CA ALA A 16 -1.28 15.06 -2.31
C ALA A 16 -0.35 16.24 -2.63
N GLU A 17 0.94 15.99 -2.46
CA GLU A 17 1.94 17.01 -2.73
C GLU A 17 2.99 16.48 -3.71
N LYS A 18 3.18 15.17 -3.67
CA LYS A 18 4.15 14.54 -4.55
C LYS A 18 3.76 14.81 -6.01
N ALA A 19 4.49 14.17 -6.91
CA ALA A 19 4.25 14.33 -8.32
C ALA A 19 3.23 13.28 -8.79
N ASP A 20 3.26 12.13 -8.12
CA ASP A 20 2.36 11.04 -8.44
C ASP A 20 1.59 10.64 -7.19
N GLU A 21 1.41 11.61 -6.30
CA GLU A 21 0.69 11.37 -5.06
C GLU A 21 -0.79 11.11 -5.36
N LEU A 22 -1.56 10.96 -4.28
CA LEU A 22 -2.97 10.71 -4.41
C LEU A 22 -3.70 11.26 -3.16
N THR A 23 -4.77 11.99 -3.43
CA THR A 23 -5.55 12.57 -2.35
C THR A 23 -6.47 11.51 -1.72
N THR A 24 -6.38 11.40 -0.41
CA THR A 24 -7.19 10.45 0.32
C THR A 24 -8.31 11.15 1.08
N TYR A 25 -9.01 10.38 1.90
CA TYR A 25 -10.11 10.93 2.69
C TYR A 25 -10.17 10.26 4.07
N VAL A 26 -10.32 11.10 5.09
CA VAL A 26 -10.40 10.61 6.45
C VAL A 26 -11.47 9.52 6.53
N GLY A 27 -11.38 8.73 7.59
CA GLY A 27 -12.33 7.65 7.81
C GLY A 27 -12.70 6.98 6.48
N GLU A 28 -11.68 6.60 5.73
CA GLU A 28 -11.88 5.95 4.45
C GLU A 28 -11.21 4.58 4.44
N ASN A 29 -11.55 3.81 3.42
CA ASN A 29 -10.99 2.47 3.28
C ASN A 29 -10.23 2.38 1.96
N LEU A 30 -8.94 2.07 2.07
CA LEU A 30 -8.10 1.94 0.90
C LEU A 30 -7.19 0.72 1.06
N PHE A 31 -6.72 0.22 -0.08
CA PHE A 31 -5.86 -0.94 -0.08
C PHE A 31 -4.40 -0.53 -0.31
N ILE A 32 -3.53 -1.02 0.56
CA ILE A 32 -2.11 -0.72 0.46
C ILE A 32 -1.49 -1.57 -0.64
N CYS A 33 -0.91 -0.88 -1.63
CA CYS A 33 -0.27 -1.57 -2.75
C CYS A 33 1.18 -1.84 -2.37
N ALA A 34 1.71 -1.00 -1.50
CA ALA A 34 3.08 -1.14 -1.05
C ALA A 34 3.34 -0.17 0.11
N HIS A 35 4.55 -0.25 0.64
CA HIS A 35 4.93 0.62 1.74
C HIS A 35 6.35 1.14 1.52
N HIS A 36 6.61 2.32 2.06
CA HIS A 36 7.93 2.93 1.92
C HIS A 36 8.49 3.25 3.31
N ASN A 37 9.58 2.57 3.64
CA ASN A 37 10.23 2.77 4.92
C ASN A 37 9.20 2.56 6.04
N CYS A 38 8.27 1.66 5.79
CA CYS A 38 7.23 1.37 6.76
C CYS A 38 6.73 2.70 7.34
N GLU A 39 6.84 3.74 6.53
CA GLU A 39 6.40 5.06 6.96
C GLU A 39 5.33 5.61 5.99
N TRP A 40 5.50 5.25 4.73
CA TRP A 40 4.57 5.70 3.71
C TRP A 40 3.88 4.47 3.12
N PHE A 41 2.80 4.71 2.41
CA PHE A 41 2.05 3.63 1.80
C PHE A 41 1.65 3.98 0.36
N ILE A 42 1.35 2.94 -0.41
CA ILE A 42 0.96 3.12 -1.80
C ILE A 42 -0.56 2.96 -1.92
N ALA A 43 -1.20 4.02 -2.38
CA ALA A 43 -2.64 4.00 -2.55
C ALA A 43 -2.98 3.79 -4.02
N LYS A 44 -4.27 3.66 -4.30
CA LYS A 44 -4.72 3.45 -5.66
C LYS A 44 -6.13 4.05 -5.82
N PRO A 45 -6.47 4.38 -7.09
CA PRO A 45 -7.76 4.95 -7.40
C PRO A 45 -8.86 3.89 -7.34
N ILE A 46 -10.10 4.36 -7.22
CA ILE A 46 -11.23 3.47 -7.15
C ILE A 46 -12.36 4.01 -8.04
N GLY A 47 -12.66 3.26 -9.09
CA GLY A 47 -13.70 3.66 -10.01
C GLY A 47 -13.12 4.42 -11.21
N ARG A 48 -11.90 4.88 -11.03
CA ARG A 48 -11.22 5.61 -12.09
C ARG A 48 -9.79 5.10 -12.25
N LEU A 49 -9.26 5.29 -13.46
CA LEU A 49 -7.91 4.85 -13.77
C LEU A 49 -6.92 5.92 -13.33
N GLY A 50 -5.93 5.49 -12.56
CA GLY A 50 -4.90 6.39 -12.06
C GLY A 50 -3.82 5.64 -11.30
N GLY A 51 -3.36 6.25 -10.22
CA GLY A 51 -2.33 5.65 -9.39
C GLY A 51 -1.12 5.25 -10.23
N PRO A 52 -0.12 4.65 -9.54
CA PRO A 52 -0.23 4.41 -8.12
C PRO A 52 -0.03 5.69 -7.33
N GLY A 53 -0.62 5.74 -6.14
CA GLY A 53 -0.52 6.89 -5.29
C GLY A 53 0.19 6.56 -3.98
N LEU A 54 0.36 7.58 -3.15
CA LEU A 54 1.02 7.39 -1.87
C LEU A 54 0.04 7.76 -0.74
N VAL A 55 0.41 7.35 0.47
CA VAL A 55 -0.41 7.63 1.63
C VAL A 55 0.41 7.45 2.90
N PRO A 56 0.36 8.47 3.78
CA PRO A 56 1.09 8.44 5.03
C PRO A 56 0.42 7.49 6.03
N VAL A 57 1.26 6.72 6.71
CA VAL A 57 0.77 5.78 7.70
C VAL A 57 0.17 6.54 8.88
N GLY A 58 0.68 7.75 9.08
CA GLY A 58 0.21 8.59 10.16
C GLY A 58 -1.22 9.06 9.91
N PHE A 59 -1.67 8.87 8.67
CA PHE A 59 -3.01 9.27 8.29
C PHE A 59 -3.87 8.04 7.97
N VAL A 60 -3.28 6.88 8.17
CA VAL A 60 -3.98 5.63 7.91
C VAL A 60 -3.63 4.61 9.00
N SER A 61 -4.30 3.47 8.93
CA SER A 61 -4.07 2.41 9.91
C SER A 61 -4.40 1.06 9.28
N ILE A 62 -3.86 0.01 9.91
CA ILE A 62 -4.09 -1.34 9.43
C ILE A 62 -5.10 -2.04 10.33
N ILE A 63 -6.34 -2.02 9.90
CA ILE A 63 -7.42 -2.64 10.65
C ILE A 63 -8.34 -3.40 9.69
N ASP A 64 -9.42 -3.91 10.25
CA ASP A 64 -10.38 -4.67 9.46
C ASP A 64 -11.77 -4.03 9.60
N ILE A 65 -12.58 -4.22 8.56
CA ILE A 65 -13.93 -3.67 8.56
C ILE A 65 -14.76 -4.37 9.63
N ALA A 66 -14.34 -5.58 9.97
CA ALA A 66 -15.04 -6.36 10.98
C ALA A 66 -14.82 -5.73 12.35
N THR A 67 -13.56 -5.59 12.71
CA THR A 67 -13.20 -4.99 13.98
C THR A 67 -13.70 -3.55 14.07
N GLY A 68 -13.06 -2.68 13.29
CA GLY A 68 -13.43 -1.29 13.27
C GLY A 68 -12.44 -0.44 14.08
N TYR A 69 -11.69 -1.13 14.93
CA TYR A 69 -10.70 -0.46 15.76
C TYR A 69 -9.36 -1.20 15.72
N ALA A 70 -8.42 -0.69 16.51
CA ALA A 70 -7.10 -1.28 16.58
C ALA A 70 -7.05 -2.28 17.74
N THR A 71 -6.76 -3.53 17.40
CA THR A 71 -6.68 -4.58 18.40
C THR A 71 -5.30 -4.58 19.06
N GLY A 72 -4.32 -4.10 18.30
CA GLY A 72 -2.95 -4.05 18.78
C GLY A 72 -1.96 -4.45 17.69
N ASN A 73 -2.48 -5.14 16.68
CA ASN A 73 -1.65 -5.58 15.57
C ASN A 73 -0.83 -4.40 15.05
N ASP A 74 0.02 -4.70 14.07
CA ASP A 74 0.86 -3.69 13.49
C ASP A 74 0.83 -3.82 11.96
N VAL A 75 1.16 -2.73 11.29
CA VAL A 75 1.16 -2.72 9.83
C VAL A 75 2.43 -3.40 9.33
N ILE A 76 3.50 -3.24 10.09
CA ILE A 76 4.78 -3.83 9.73
C ILE A 76 4.62 -5.36 9.66
N GLU A 77 3.93 -5.89 10.66
CA GLU A 77 3.70 -7.33 10.71
C GLU A 77 2.86 -7.79 9.52
N ASP A 78 1.80 -7.02 9.25
CA ASP A 78 0.92 -7.33 8.15
C ASP A 78 1.67 -7.11 6.83
N ILE A 79 2.66 -6.23 6.88
CA ILE A 79 3.45 -5.92 5.71
C ILE A 79 4.27 -7.15 5.32
N LYS A 80 4.82 -7.80 6.33
CA LYS A 80 5.64 -8.98 6.11
C LYS A 80 4.73 -10.21 5.99
N SER A 81 3.52 -10.05 6.50
CA SER A 81 2.55 -11.13 6.46
C SER A 81 2.24 -11.50 5.01
N VAL A 82 2.43 -10.53 4.13
CA VAL A 82 2.18 -10.74 2.72
C VAL A 82 3.43 -10.35 1.92
N ASN A 83 4.55 -10.33 2.61
CA ASN A 83 5.81 -9.98 1.99
C ASN A 83 5.59 -8.81 1.02
N LEU A 84 4.61 -7.98 1.37
CA LEU A 84 4.30 -6.83 0.54
C LEU A 84 5.58 -6.09 0.18
N PRO A 85 5.83 -6.00 -1.15
CA PRO A 85 7.01 -5.31 -1.64
C PRO A 85 6.88 -3.79 -1.53
N THR A 86 7.89 -3.18 -0.96
CA THR A 86 7.90 -1.74 -0.78
C THR A 86 7.70 -1.03 -2.13
N VAL A 87 7.22 0.20 -2.05
CA VAL A 87 6.99 0.99 -3.25
C VAL A 87 8.20 0.88 -4.17
N GLN A 88 9.35 0.64 -3.55
CA GLN A 88 10.59 0.51 -4.31
C GLN A 88 10.77 -0.93 -4.78
N GLU A 89 10.57 -1.86 -3.86
CA GLU A 89 10.71 -3.27 -4.18
C GLU A 89 9.70 -3.67 -5.27
N TRP A 90 8.66 -2.86 -5.40
CA TRP A 90 7.64 -3.12 -6.39
C TRP A 90 8.07 -2.46 -7.70
N LYS A 91 8.14 -1.14 -7.68
CA LYS A 91 8.53 -0.38 -8.85
C LYS A 91 9.70 -1.09 -9.54
N SER A 92 10.49 -1.79 -8.73
CA SER A 92 11.64 -2.51 -9.23
C SER A 92 11.18 -3.74 -10.00
N ASN A 93 10.59 -4.67 -9.27
CA ASN A 93 10.11 -5.90 -9.86
C ASN A 93 9.36 -5.58 -11.16
N ILE A 94 8.61 -4.49 -11.12
CA ILE A 94 7.85 -4.05 -12.28
C ILE A 94 8.68 -4.27 -13.54
N ALA A 95 9.83 -3.61 -13.58
CA ALA A 95 10.72 -3.71 -14.72
C ALA A 95 12.16 -3.44 -14.26
N ARG A 96 12.34 -2.27 -13.67
CA ARG A 96 13.66 -1.86 -13.20
C ARG A 96 14.38 -3.07 -12.57
N TYR A 97 15.70 -2.98 -12.57
CA TYR A 97 16.52 -4.04 -12.01
C TYR A 97 16.16 -5.39 -12.64
N LYS A 98 16.28 -5.44 -13.95
CA LYS A 98 15.99 -6.66 -14.69
C LYS A 98 16.78 -7.81 -14.09
N ALA A 99 16.05 -8.78 -13.56
CA ALA A 99 16.67 -9.95 -12.95
C ALA A 99 17.31 -10.80 -14.05
N SER A 100 18.44 -11.40 -13.71
CA SER A 100 19.16 -12.24 -14.65
C SER A 100 18.39 -13.56 -14.86
N ASN A 101 18.91 -14.37 -15.78
CA ASN A 101 18.29 -15.63 -16.09
C ASN A 101 19.03 -16.75 -15.35
N ILE A 102 18.62 -17.98 -15.64
CA ILE A 102 19.24 -19.14 -15.02
C ILE A 102 19.42 -18.87 -13.52
N SER A 103 18.44 -18.20 -12.95
CA SER A 103 18.48 -17.87 -11.54
C SER A 103 17.49 -18.74 -10.76
N LEU A 104 17.49 -18.56 -9.46
CA LEU A 104 16.60 -19.33 -8.60
C LEU A 104 15.18 -19.28 -9.17
N GLY A 105 14.66 -20.47 -9.46
CA GLY A 105 13.32 -20.58 -10.01
C GLY A 105 13.30 -21.49 -11.24
N SER A 106 13.15 -22.78 -10.97
CA SER A 106 13.13 -23.76 -12.04
C SER A 106 12.01 -23.42 -13.03
N VAL A 107 10.79 -23.42 -12.52
CA VAL A 107 9.63 -23.11 -13.35
C VAL A 107 9.85 -21.77 -14.04
N GLU A 108 10.02 -21.83 -15.36
CA GLU A 108 10.24 -20.63 -16.14
C GLU A 108 9.04 -20.38 -17.05
N GLY A 1 -6.21 -12.76 11.58
CA GLY A 1 -5.33 -12.05 10.66
C GLY A 1 -4.97 -12.92 9.45
N PRO A 2 -5.98 -13.06 8.53
CA PRO A 2 -5.78 -13.85 7.34
C PRO A 2 -4.92 -13.12 6.32
N LEU A 3 -3.61 -13.26 6.49
CA LEU A 3 -2.66 -12.62 5.61
C LEU A 3 -2.97 -13.02 4.16
N GLY A 4 -2.49 -12.19 3.24
CA GLY A 4 -2.71 -12.45 1.83
C GLY A 4 -3.04 -11.15 1.08
N SER A 5 -3.37 -10.12 1.86
CA SER A 5 -3.72 -8.84 1.29
C SER A 5 -3.45 -7.73 2.31
N LEU A 6 -2.88 -6.63 1.81
CA LEU A 6 -2.57 -5.50 2.66
C LEU A 6 -3.69 -4.46 2.54
N TYR A 7 -4.31 -4.17 3.68
CA TYR A 7 -5.39 -3.20 3.71
C TYR A 7 -5.05 -2.04 4.65
N ALA A 8 -5.44 -0.85 4.24
CA ALA A 8 -5.20 0.35 5.03
C ALA A 8 -6.41 1.26 4.96
N ILE A 9 -6.69 1.90 6.08
CA ILE A 9 -7.82 2.81 6.17
C ILE A 9 -7.33 4.21 6.57
N VAL A 10 -7.86 5.21 5.89
CA VAL A 10 -7.48 6.59 6.16
C VAL A 10 -8.34 7.13 7.30
N LEU A 11 -7.66 7.67 8.29
CA LEU A 11 -8.34 8.22 9.45
C LEU A 11 -8.48 9.74 9.27
N TYR A 12 -7.69 10.27 8.35
CA TYR A 12 -7.73 11.70 8.08
C TYR A 12 -7.66 11.97 6.57
N ASP A 13 -8.31 13.05 6.17
CA ASP A 13 -8.33 13.43 4.76
C ASP A 13 -6.90 13.68 4.28
N PHE A 14 -6.36 12.69 3.61
CA PHE A 14 -5.00 12.79 3.09
C PHE A 14 -4.97 13.56 1.76
N LYS A 15 -4.14 14.58 1.74
CA LYS A 15 -4.01 15.41 0.55
C LYS A 15 -2.65 15.15 -0.10
N ALA A 16 -2.68 14.89 -1.40
CA ALA A 16 -1.47 14.62 -2.15
C ALA A 16 -0.57 15.86 -2.09
N GLU A 17 0.65 15.64 -1.60
CA GLU A 17 1.61 16.72 -1.48
C GLU A 17 2.72 16.54 -2.52
N LYS A 18 3.18 15.31 -2.66
CA LYS A 18 4.23 15.00 -3.60
C LYS A 18 3.67 15.12 -5.03
N ALA A 19 4.53 14.77 -5.99
CA ALA A 19 4.14 14.84 -7.39
C ALA A 19 3.45 13.53 -7.78
N ASP A 20 3.69 12.50 -6.97
CA ASP A 20 3.11 11.20 -7.23
C ASP A 20 2.31 10.76 -5.99
N GLU A 21 1.82 11.75 -5.27
CA GLU A 21 1.04 11.47 -4.07
C GLU A 21 -0.45 11.40 -4.42
N LEU A 22 -1.19 10.70 -3.57
CA LEU A 22 -2.62 10.55 -3.77
C LEU A 22 -3.36 11.28 -2.65
N THR A 23 -4.62 11.58 -2.92
CA THR A 23 -5.45 12.28 -1.96
C THR A 23 -6.65 11.42 -1.56
N THR A 24 -6.75 11.18 -0.26
CA THR A 24 -7.85 10.37 0.26
C THR A 24 -8.76 11.21 1.14
N TYR A 25 -9.65 10.53 1.86
CA TYR A 25 -10.57 11.20 2.74
C TYR A 25 -10.65 10.49 4.10
N VAL A 26 -10.79 11.30 5.14
CA VAL A 26 -10.88 10.77 6.49
C VAL A 26 -11.73 9.50 6.49
N GLY A 27 -11.46 8.63 7.45
CA GLY A 27 -12.20 7.39 7.56
C GLY A 27 -12.53 6.82 6.17
N GLU A 28 -11.48 6.46 5.45
CA GLU A 28 -11.65 5.90 4.12
C GLU A 28 -11.02 4.50 4.05
N ASN A 29 -11.62 3.66 3.21
CA ASN A 29 -11.13 2.31 3.03
C ASN A 29 -10.31 2.23 1.75
N LEU A 30 -9.21 1.49 1.83
CA LEU A 30 -8.33 1.33 0.69
C LEU A 30 -7.34 0.19 0.98
N PHE A 31 -6.73 -0.29 -0.09
CA PHE A 31 -5.76 -1.37 0.03
C PHE A 31 -4.36 -0.91 -0.38
N ILE A 32 -3.38 -1.26 0.45
CA ILE A 32 -2.01 -0.89 0.19
C ILE A 32 -1.43 -1.81 -0.89
N CYS A 33 -0.75 -1.18 -1.84
CA CYS A 33 -0.15 -1.94 -2.93
C CYS A 33 1.33 -2.18 -2.58
N ALA A 34 1.92 -1.20 -1.91
CA ALA A 34 3.32 -1.31 -1.51
C ALA A 34 3.54 -0.44 -0.27
N HIS A 35 4.79 -0.46 0.20
CA HIS A 35 5.15 0.32 1.37
C HIS A 35 6.60 0.80 1.24
N HIS A 36 6.82 2.04 1.62
CA HIS A 36 8.15 2.62 1.55
C HIS A 36 8.66 2.91 2.97
N ASN A 37 9.74 2.23 3.33
CA ASN A 37 10.32 2.41 4.64
C ASN A 37 9.27 2.15 5.72
N CYS A 38 8.29 1.33 5.35
CA CYS A 38 7.21 1.00 6.26
C CYS A 38 6.66 2.29 6.85
N GLU A 39 6.88 3.38 6.13
CA GLU A 39 6.41 4.68 6.56
C GLU A 39 5.39 5.24 5.57
N TRP A 40 5.59 4.90 4.31
CA TRP A 40 4.70 5.35 3.25
C TRP A 40 4.03 4.12 2.64
N PHE A 41 2.90 4.37 1.98
CA PHE A 41 2.16 3.30 1.34
C PHE A 41 1.64 3.73 -0.03
N ILE A 42 1.39 2.74 -0.87
CA ILE A 42 0.89 3.00 -2.22
C ILE A 42 -0.61 2.72 -2.26
N ALA A 43 -1.38 3.80 -2.32
CA ALA A 43 -2.83 3.68 -2.38
C ALA A 43 -3.30 3.79 -3.82
N LYS A 44 -4.43 3.15 -4.10
CA LYS A 44 -4.98 3.16 -5.43
C LYS A 44 -6.51 3.16 -5.35
N PRO A 45 -7.10 4.36 -5.60
CA PRO A 45 -8.54 4.51 -5.54
C PRO A 45 -9.21 3.89 -6.78
N ILE A 46 -10.52 3.73 -6.68
CA ILE A 46 -11.28 3.15 -7.78
C ILE A 46 -10.74 3.69 -9.12
N GLY A 47 -10.93 2.90 -10.16
CA GLY A 47 -10.48 3.29 -11.48
C GLY A 47 -9.11 3.95 -11.42
N ARG A 48 -9.06 5.19 -11.90
CA ARG A 48 -7.81 5.95 -11.89
C ARG A 48 -8.10 7.44 -11.74
N LEU A 49 -7.63 7.98 -10.62
CA LEU A 49 -7.82 9.39 -10.34
C LEU A 49 -6.56 9.95 -9.68
N GLY A 50 -5.49 9.20 -9.80
CA GLY A 50 -4.21 9.61 -9.22
C GLY A 50 -3.33 8.40 -8.94
N GLY A 51 -3.90 7.45 -8.21
CA GLY A 51 -3.17 6.25 -7.87
C GLY A 51 -2.48 5.64 -9.09
N PRO A 52 -1.42 4.84 -8.81
CA PRO A 52 -0.99 4.60 -7.45
C PRO A 52 -0.27 5.83 -6.88
N GLY A 53 -0.63 6.17 -5.65
CA GLY A 53 -0.02 7.30 -4.98
C GLY A 53 0.52 6.91 -3.61
N LEU A 54 1.46 7.72 -3.12
CA LEU A 54 2.06 7.46 -1.83
C LEU A 54 1.14 7.99 -0.73
N VAL A 55 1.18 7.29 0.40
CA VAL A 55 0.35 7.67 1.54
C VAL A 55 1.09 7.35 2.84
N PRO A 56 1.23 8.41 3.69
CA PRO A 56 1.92 8.25 4.97
C PRO A 56 1.05 7.50 5.97
N VAL A 57 1.71 6.73 6.82
CA VAL A 57 1.00 5.97 7.84
C VAL A 57 0.29 6.93 8.80
N GLY A 58 0.74 8.17 8.78
CA GLY A 58 0.15 9.19 9.63
C GLY A 58 -1.23 9.61 9.12
N PHE A 59 -1.62 9.02 7.99
CA PHE A 59 -2.91 9.32 7.40
C PHE A 59 -3.69 8.04 7.11
N VAL A 60 -3.09 6.93 7.49
CA VAL A 60 -3.73 5.63 7.28
C VAL A 60 -3.30 4.67 8.39
N SER A 61 -4.16 3.70 8.64
CA SER A 61 -3.89 2.71 9.67
C SER A 61 -4.30 1.32 9.19
N ILE A 62 -3.75 0.31 9.85
CA ILE A 62 -4.06 -1.06 9.50
C ILE A 62 -4.91 -1.69 10.60
N ILE A 63 -5.52 -2.82 10.27
CA ILE A 63 -6.36 -3.53 11.21
C ILE A 63 -6.43 -5.01 10.84
N ASP A 64 -6.50 -5.85 11.86
CA ASP A 64 -6.56 -7.28 11.64
C ASP A 64 -7.97 -7.66 11.18
N ILE A 65 -8.28 -7.27 9.96
CA ILE A 65 -9.59 -7.56 9.40
C ILE A 65 -10.67 -7.34 10.46
N ALA A 66 -10.53 -6.23 11.17
CA ALA A 66 -11.48 -5.89 12.22
C ALA A 66 -12.73 -5.29 11.59
N THR A 67 -13.64 -4.86 12.46
CA THR A 67 -14.88 -4.26 12.00
C THR A 67 -14.68 -2.77 11.69
N GLY A 68 -13.42 -2.36 11.73
CA GLY A 68 -13.08 -0.98 11.45
C GLY A 68 -12.17 -0.42 12.55
N TYR A 69 -11.93 -1.24 13.55
CA TYR A 69 -11.09 -0.83 14.66
C TYR A 69 -9.72 -1.53 14.60
N ALA A 70 -8.87 -1.17 15.53
CA ALA A 70 -7.53 -1.75 15.61
C ALA A 70 -7.35 -2.45 16.95
N THR A 71 -6.58 -3.53 16.92
CA THR A 71 -6.32 -4.30 18.12
C THR A 71 -5.06 -3.79 18.81
N GLY A 72 -4.15 -3.28 18.00
CA GLY A 72 -2.89 -2.77 18.52
C GLY A 72 -1.72 -3.10 17.58
N ASN A 73 -1.97 -4.06 16.70
CA ASN A 73 -0.96 -4.49 15.75
C ASN A 73 -0.41 -3.26 15.02
N ASP A 74 0.61 -3.50 14.21
CA ASP A 74 1.23 -2.43 13.45
C ASP A 74 1.14 -2.74 11.96
N VAL A 75 1.55 -1.77 11.15
CA VAL A 75 1.53 -1.94 9.71
C VAL A 75 2.73 -2.77 9.28
N ILE A 76 3.81 -2.63 10.04
CA ILE A 76 5.03 -3.36 9.74
C ILE A 76 4.75 -4.87 9.81
N GLU A 77 4.07 -5.25 10.88
CA GLU A 77 3.73 -6.66 11.07
C GLU A 77 2.82 -7.15 9.94
N ASP A 78 1.86 -6.31 9.60
CA ASP A 78 0.92 -6.65 8.54
C ASP A 78 1.66 -6.72 7.21
N ILE A 79 2.67 -5.87 7.08
CA ILE A 79 3.46 -5.82 5.87
C ILE A 79 4.19 -7.16 5.69
N LYS A 80 4.78 -7.61 6.79
CA LYS A 80 5.52 -8.87 6.76
C LYS A 80 4.51 -10.04 6.79
N SER A 81 3.28 -9.71 7.14
CA SER A 81 2.23 -10.71 7.20
C SER A 81 1.88 -11.18 5.78
N VAL A 82 1.84 -10.23 4.87
CA VAL A 82 1.52 -10.54 3.49
C VAL A 82 2.78 -10.38 2.63
N ASN A 83 3.91 -10.31 3.31
CA ASN A 83 5.19 -10.17 2.62
C ASN A 83 5.03 -9.19 1.45
N LEU A 84 4.31 -8.11 1.72
CA LEU A 84 4.07 -7.10 0.71
C LEU A 84 5.40 -6.42 0.36
N PRO A 85 5.65 -6.30 -0.98
CA PRO A 85 6.87 -5.68 -1.46
C PRO A 85 6.81 -4.16 -1.32
N THR A 86 7.99 -3.55 -1.25
CA THR A 86 8.07 -2.11 -1.10
C THR A 86 7.81 -1.43 -2.45
N VAL A 87 7.23 -0.23 -2.36
CA VAL A 87 6.92 0.54 -3.55
C VAL A 87 8.16 0.60 -4.45
N GLN A 88 9.32 0.42 -3.83
CA GLN A 88 10.57 0.46 -4.55
C GLN A 88 10.86 -0.91 -5.17
N GLU A 89 10.59 -1.95 -4.39
CA GLU A 89 10.82 -3.31 -4.85
C GLU A 89 9.81 -3.68 -5.93
N TRP A 90 8.68 -2.97 -5.91
CA TRP A 90 7.62 -3.22 -6.88
C TRP A 90 8.03 -2.55 -8.20
N LYS A 91 8.21 -1.24 -8.12
CA LYS A 91 8.59 -0.47 -9.31
C LYS A 91 9.92 -1.01 -9.83
N SER A 92 10.62 -1.74 -8.97
CA SER A 92 11.91 -2.30 -9.35
C SER A 92 11.70 -3.54 -10.23
N ASN A 93 10.56 -4.17 -10.05
CA ASN A 93 10.22 -5.37 -10.81
C ASN A 93 9.40 -4.97 -12.02
N ILE A 94 8.70 -3.85 -11.89
CA ILE A 94 7.87 -3.35 -12.97
C ILE A 94 8.59 -3.54 -14.30
N ALA A 95 9.46 -2.60 -14.61
CA ALA A 95 10.24 -2.65 -15.84
C ALA A 95 11.72 -2.43 -15.53
N ARG A 96 12.01 -2.39 -14.24
CA ARG A 96 13.39 -2.18 -13.79
C ARG A 96 14.01 -3.51 -13.36
N TYR A 97 14.98 -3.41 -12.47
CA TYR A 97 15.66 -4.60 -11.96
C TYR A 97 14.66 -5.68 -11.57
N LYS A 98 14.41 -6.59 -12.50
CA LYS A 98 13.47 -7.67 -12.26
C LYS A 98 14.14 -8.73 -11.38
N ALA A 99 13.75 -8.73 -10.11
CA ALA A 99 14.30 -9.68 -9.16
C ALA A 99 14.04 -11.10 -9.66
N SER A 100 15.13 -11.86 -9.78
CA SER A 100 15.03 -13.24 -10.24
C SER A 100 14.09 -14.03 -9.32
N ASN A 101 12.96 -14.43 -9.90
CA ASN A 101 11.98 -15.20 -9.15
C ASN A 101 10.90 -15.71 -10.11
N ILE A 102 10.06 -16.59 -9.60
CA ILE A 102 8.99 -17.17 -10.39
C ILE A 102 8.07 -16.05 -10.89
N SER A 103 8.37 -15.58 -12.10
CA SER A 103 7.58 -14.52 -12.70
C SER A 103 7.34 -14.81 -14.18
N LEU A 104 6.10 -14.60 -14.60
CA LEU A 104 5.72 -14.83 -15.98
C LEU A 104 5.82 -13.53 -16.76
N GLY A 105 5.64 -12.43 -16.04
CA GLY A 105 5.70 -11.11 -16.66
C GLY A 105 4.31 -10.50 -16.79
N SER A 106 4.14 -9.75 -17.86
CA SER A 106 2.86 -9.11 -18.12
C SER A 106 2.78 -8.66 -19.59
N VAL A 107 1.64 -8.93 -20.20
CA VAL A 107 1.43 -8.56 -21.58
C VAL A 107 0.75 -7.20 -21.66
N GLU A 108 0.43 -6.78 -22.87
CA GLU A 108 -0.22 -5.50 -23.08
C GLU A 108 -1.52 -5.43 -22.27
N GLY A 1 -4.63 -21.09 0.82
CA GLY A 1 -4.89 -19.69 1.11
C GLY A 1 -3.61 -18.97 1.53
N PRO A 2 -2.71 -18.75 0.51
CA PRO A 2 -1.45 -18.07 0.76
C PRO A 2 -1.67 -16.57 0.94
N LEU A 3 -1.42 -16.10 2.15
CA LEU A 3 -1.57 -14.69 2.46
C LEU A 3 -0.89 -13.86 1.38
N GLY A 4 -1.66 -13.00 0.74
CA GLY A 4 -1.14 -12.14 -0.30
C GLY A 4 -2.05 -10.94 -0.54
N SER A 5 -2.41 -10.28 0.55
CA SER A 5 -3.27 -9.11 0.48
C SER A 5 -3.39 -8.46 1.86
N LEU A 6 -3.83 -7.21 1.85
CA LEU A 6 -3.99 -6.47 3.08
C LEU A 6 -5.15 -5.49 2.94
N TYR A 7 -5.29 -4.62 3.93
CA TYR A 7 -6.35 -3.62 3.91
C TYR A 7 -6.07 -2.51 4.93
N ALA A 8 -5.93 -1.30 4.42
CA ALA A 8 -5.66 -0.16 5.26
C ALA A 8 -6.92 0.70 5.37
N ILE A 9 -6.89 1.63 6.31
CA ILE A 9 -8.02 2.52 6.53
C ILE A 9 -7.51 3.94 6.75
N VAL A 10 -8.09 4.87 6.01
CA VAL A 10 -7.70 6.26 6.11
C VAL A 10 -8.43 6.90 7.30
N LEU A 11 -7.63 7.35 8.26
CA LEU A 11 -8.18 7.97 9.46
C LEU A 11 -8.17 9.49 9.28
N TYR A 12 -7.61 9.92 8.16
CA TYR A 12 -7.53 11.34 7.86
C TYR A 12 -7.47 11.58 6.35
N ASP A 13 -7.92 12.76 5.96
CA ASP A 13 -7.92 13.13 4.55
C ASP A 13 -6.54 13.67 4.16
N PHE A 14 -5.80 12.82 3.48
CA PHE A 14 -4.46 13.20 3.04
C PHE A 14 -4.51 13.95 1.71
N LYS A 15 -3.91 15.13 1.72
CA LYS A 15 -3.88 15.96 0.53
C LYS A 15 -2.53 15.80 -0.18
N ALA A 16 -2.59 15.25 -1.38
CA ALA A 16 -1.38 15.03 -2.16
C ALA A 16 -0.45 16.23 -1.99
N GLU A 17 0.84 15.93 -1.89
CA GLU A 17 1.84 16.97 -1.73
C GLU A 17 3.05 16.68 -2.62
N LYS A 18 3.48 15.44 -2.60
CA LYS A 18 4.62 15.02 -3.39
C LYS A 18 4.29 15.16 -4.88
N ALA A 19 5.17 14.64 -5.71
CA ALA A 19 4.98 14.70 -7.15
C ALA A 19 4.13 13.51 -7.60
N ASP A 20 4.32 12.40 -6.90
CA ASP A 20 3.58 11.19 -7.22
C ASP A 20 2.52 10.94 -6.14
N GLU A 21 2.36 11.93 -5.28
CA GLU A 21 1.40 11.83 -4.19
C GLU A 21 -0.02 12.02 -4.73
N LEU A 22 -0.98 11.55 -3.95
CA LEU A 22 -2.38 11.66 -4.33
C LEU A 22 -3.22 12.06 -3.11
N THR A 23 -4.40 12.59 -3.39
CA THR A 23 -5.29 13.01 -2.33
C THR A 23 -6.24 11.88 -1.95
N THR A 24 -6.70 11.91 -0.70
CA THR A 24 -7.61 10.90 -0.21
C THR A 24 -8.70 11.53 0.66
N TYR A 25 -9.38 10.68 1.42
CA TYR A 25 -10.45 11.15 2.28
C TYR A 25 -10.37 10.47 3.66
N VAL A 26 -10.59 11.28 4.69
CA VAL A 26 -10.54 10.76 6.05
C VAL A 26 -11.54 9.62 6.19
N GLY A 27 -11.36 8.86 7.25
CA GLY A 27 -12.23 7.72 7.52
C GLY A 27 -12.62 7.02 6.22
N GLU A 28 -11.60 6.53 5.53
CA GLU A 28 -11.82 5.84 4.26
C GLU A 28 -11.25 4.42 4.34
N ASN A 29 -11.62 3.61 3.35
CA ASN A 29 -11.15 2.24 3.30
C ASN A 29 -10.40 2.02 1.98
N LEU A 30 -9.14 1.61 2.12
CA LEU A 30 -8.31 1.36 0.96
C LEU A 30 -7.34 0.21 1.26
N PHE A 31 -6.77 -0.34 0.20
CA PHE A 31 -5.84 -1.44 0.34
C PHE A 31 -4.42 -1.00 -0.01
N ILE A 32 -3.47 -1.47 0.79
CA ILE A 32 -2.07 -1.14 0.57
C ILE A 32 -1.52 -1.97 -0.58
N CYS A 33 -1.05 -1.27 -1.60
CA CYS A 33 -0.50 -1.94 -2.77
C CYS A 33 1.01 -2.11 -2.55
N ALA A 34 1.56 -1.25 -1.71
CA ALA A 34 2.98 -1.31 -1.41
C ALA A 34 3.26 -0.47 -0.16
N HIS A 35 4.53 -0.45 0.23
CA HIS A 35 4.95 0.30 1.41
C HIS A 35 6.38 0.80 1.21
N HIS A 36 6.56 2.09 1.46
CA HIS A 36 7.87 2.70 1.33
C HIS A 36 8.40 3.09 2.70
N ASN A 37 9.53 2.49 3.06
CA ASN A 37 10.15 2.76 4.34
C ASN A 37 9.14 2.52 5.46
N CYS A 38 8.26 1.56 5.22
CA CYS A 38 7.23 1.23 6.19
C CYS A 38 6.67 2.53 6.76
N GLU A 39 6.70 3.57 5.93
CA GLU A 39 6.20 4.87 6.35
C GLU A 39 5.09 5.33 5.40
N TRP A 40 5.27 5.02 4.13
CA TRP A 40 4.29 5.40 3.12
C TRP A 40 3.74 4.10 2.50
N PHE A 41 2.63 4.26 1.81
CA PHE A 41 1.98 3.12 1.17
C PHE A 41 1.40 3.52 -0.19
N ILE A 42 1.00 2.50 -0.95
CA ILE A 42 0.44 2.73 -2.27
C ILE A 42 -1.08 2.55 -2.19
N ALA A 43 -1.78 3.67 -2.31
CA ALA A 43 -3.24 3.65 -2.26
C ALA A 43 -3.80 4.13 -3.60
N LYS A 44 -5.07 3.85 -3.81
CA LYS A 44 -5.73 4.25 -5.04
C LYS A 44 -7.21 3.83 -4.97
N PRO A 45 -8.00 4.66 -4.24
CA PRO A 45 -9.42 4.40 -4.10
C PRO A 45 -10.18 4.75 -5.38
N ILE A 46 -11.49 4.83 -5.24
CA ILE A 46 -12.34 5.15 -6.38
C ILE A 46 -12.53 6.67 -6.45
N GLY A 47 -11.62 7.30 -7.19
CA GLY A 47 -11.67 8.74 -7.35
C GLY A 47 -11.32 9.15 -8.79
N ARG A 48 -10.09 8.83 -9.17
CA ARG A 48 -9.61 9.16 -10.50
C ARG A 48 -9.07 7.90 -11.19
N LEU A 49 -8.76 8.04 -12.47
CA LEU A 49 -8.23 6.93 -13.25
C LEU A 49 -6.72 6.85 -13.04
N GLY A 50 -6.16 7.96 -12.58
CA GLY A 50 -4.72 8.02 -12.34
C GLY A 50 -4.29 6.98 -11.30
N GLY A 51 -3.22 7.30 -10.61
CA GLY A 51 -2.69 6.41 -9.58
C GLY A 51 -1.60 5.51 -10.15
N PRO A 52 -0.98 4.70 -9.24
CA PRO A 52 -1.36 4.73 -7.84
C PRO A 52 -0.84 5.99 -7.15
N GLY A 53 -1.15 6.09 -5.86
CA GLY A 53 -0.72 7.23 -5.08
C GLY A 53 -0.05 6.78 -3.77
N LEU A 54 0.71 7.69 -3.18
CA LEU A 54 1.39 7.40 -1.94
C LEU A 54 0.51 7.83 -0.76
N VAL A 55 0.66 7.12 0.34
CA VAL A 55 -0.11 7.41 1.54
C VAL A 55 0.72 7.04 2.77
N PRO A 56 0.93 8.07 3.65
CA PRO A 56 1.70 7.86 4.86
C PRO A 56 0.88 7.09 5.90
N VAL A 57 1.59 6.34 6.73
CA VAL A 57 0.95 5.56 7.77
C VAL A 57 0.26 6.49 8.76
N GLY A 58 0.72 7.73 8.76
CA GLY A 58 0.16 8.74 9.65
C GLY A 58 -1.21 9.20 9.17
N PHE A 59 -1.63 8.64 8.05
CA PHE A 59 -2.92 8.97 7.47
C PHE A 59 -3.72 7.72 7.14
N VAL A 60 -3.15 6.58 7.50
CA VAL A 60 -3.80 5.30 7.26
C VAL A 60 -3.36 4.29 8.31
N SER A 61 -4.25 3.36 8.62
CA SER A 61 -3.95 2.33 9.61
C SER A 61 -4.32 0.96 9.05
N ILE A 62 -3.76 -0.06 9.67
CA ILE A 62 -4.01 -1.43 9.25
C ILE A 62 -5.04 -2.06 10.20
N ILE A 63 -6.25 -2.22 9.68
CA ILE A 63 -7.32 -2.80 10.47
C ILE A 63 -8.34 -3.47 9.52
N ASP A 64 -8.93 -4.55 10.02
CA ASP A 64 -9.91 -5.28 9.23
C ASP A 64 -11.09 -4.37 8.91
N ILE A 65 -12.12 -4.96 8.32
CA ILE A 65 -13.31 -4.21 7.97
C ILE A 65 -14.41 -4.50 8.98
N ALA A 66 -14.49 -5.76 9.38
CA ALA A 66 -15.50 -6.18 10.34
C ALA A 66 -15.10 -5.67 11.73
N THR A 67 -15.87 -6.09 12.72
CA THR A 67 -15.61 -5.68 14.09
C THR A 67 -14.14 -5.85 14.44
N GLY A 68 -13.49 -6.74 13.70
CA GLY A 68 -12.07 -7.00 13.91
C GLY A 68 -11.27 -5.71 13.87
N TYR A 69 -11.14 -5.09 15.04
CA TYR A 69 -10.40 -3.85 15.14
C TYR A 69 -8.96 -4.10 15.58
N ALA A 70 -8.25 -3.02 15.88
CA ALA A 70 -6.87 -3.12 16.31
C ALA A 70 -6.71 -4.31 17.25
N THR A 71 -6.00 -5.33 16.76
CA THR A 71 -5.78 -6.52 17.54
C THR A 71 -4.57 -6.34 18.46
N GLY A 72 -3.77 -5.34 18.14
CA GLY A 72 -2.58 -5.05 18.92
C GLY A 72 -1.32 -5.05 18.04
N ASN A 73 -1.47 -5.66 16.87
CA ASN A 73 -0.36 -5.74 15.93
C ASN A 73 -0.17 -4.38 15.25
N ASP A 74 0.84 -4.31 14.41
CA ASP A 74 1.14 -3.09 13.69
C ASP A 74 1.07 -3.35 12.18
N VAL A 75 1.35 -2.31 11.42
CA VAL A 75 1.32 -2.41 9.97
C VAL A 75 2.60 -3.08 9.49
N ILE A 76 3.68 -2.79 10.19
CA ILE A 76 4.97 -3.36 9.84
C ILE A 76 4.93 -4.88 10.04
N GLU A 77 4.60 -5.28 11.25
CA GLU A 77 4.52 -6.69 11.60
C GLU A 77 3.51 -7.39 10.68
N ASP A 78 2.62 -6.60 10.11
CA ASP A 78 1.59 -7.13 9.23
C ASP A 78 2.15 -7.20 7.81
N ILE A 79 2.99 -6.21 7.48
CA ILE A 79 3.59 -6.15 6.17
C ILE A 79 4.51 -7.35 5.97
N LYS A 80 5.03 -7.85 7.08
CA LYS A 80 5.91 -8.99 7.05
C LYS A 80 5.10 -10.28 7.02
N SER A 81 3.80 -10.12 7.27
CA SER A 81 2.90 -11.26 7.26
C SER A 81 2.23 -11.40 5.90
N VAL A 82 2.44 -10.38 5.07
CA VAL A 82 1.87 -10.37 3.73
C VAL A 82 2.98 -10.14 2.71
N ASN A 83 4.21 -10.11 3.20
CA ASN A 83 5.36 -9.90 2.34
C ASN A 83 5.09 -8.69 1.44
N LEU A 84 4.30 -7.77 1.95
CA LEU A 84 3.96 -6.57 1.20
C LEU A 84 5.21 -6.02 0.52
N PRO A 85 5.17 -5.99 -0.83
CA PRO A 85 6.29 -5.49 -1.61
C PRO A 85 6.38 -3.96 -1.54
N THR A 86 7.59 -3.47 -1.34
CA THR A 86 7.82 -2.04 -1.25
C THR A 86 7.61 -1.38 -2.61
N VAL A 87 7.06 -0.18 -2.57
CA VAL A 87 6.80 0.57 -3.79
C VAL A 87 8.08 0.60 -4.64
N GLN A 88 9.21 0.59 -3.95
CA GLN A 88 10.50 0.62 -4.62
C GLN A 88 10.82 -0.75 -5.20
N GLU A 89 10.35 -1.78 -4.51
CA GLU A 89 10.59 -3.15 -4.94
C GLU A 89 9.67 -3.51 -6.11
N TRP A 90 8.50 -2.88 -6.12
CA TRP A 90 7.52 -3.11 -7.16
C TRP A 90 8.03 -2.44 -8.44
N LYS A 91 8.31 -1.16 -8.32
CA LYS A 91 8.80 -0.39 -9.45
C LYS A 91 10.13 -0.98 -9.93
N SER A 92 10.84 -1.57 -9.00
CA SER A 92 12.12 -2.19 -9.31
C SER A 92 11.92 -3.53 -9.99
N ASN A 93 10.94 -4.27 -9.49
CA ASN A 93 10.62 -5.58 -10.03
C ASN A 93 10.11 -5.41 -11.47
N ILE A 94 9.46 -4.28 -11.70
CA ILE A 94 8.92 -3.98 -13.02
C ILE A 94 10.07 -3.67 -13.98
N ALA A 95 10.65 -2.48 -13.78
CA ALA A 95 11.75 -2.04 -14.62
C ALA A 95 12.37 -0.79 -14.01
N ARG A 96 13.68 -0.81 -13.89
CA ARG A 96 14.41 0.33 -13.34
C ARG A 96 15.81 -0.11 -12.89
N TYR A 97 16.45 0.78 -12.14
CA TYR A 97 17.79 0.50 -11.65
C TYR A 97 17.76 0.12 -10.17
N LYS A 98 18.93 -0.24 -9.66
CA LYS A 98 19.05 -0.64 -8.27
C LYS A 98 20.46 -0.30 -7.77
N ALA A 99 20.59 -0.27 -6.45
CA ALA A 99 21.87 0.04 -5.83
C ALA A 99 21.85 -0.41 -4.37
N SER A 100 22.97 -0.96 -3.94
CA SER A 100 23.08 -1.44 -2.57
C SER A 100 23.42 -0.27 -1.64
N ASN A 101 23.10 -0.47 -0.36
CA ASN A 101 23.36 0.55 0.64
C ASN A 101 23.15 -0.04 2.04
N ILE A 102 23.98 0.40 2.96
CA ILE A 102 23.91 -0.09 4.33
C ILE A 102 23.49 1.07 5.25
N SER A 103 22.23 1.02 5.66
CA SER A 103 21.69 2.05 6.53
C SER A 103 21.10 1.41 7.79
N LEU A 104 21.89 0.53 8.39
CA LEU A 104 21.45 -0.16 9.60
C LEU A 104 22.67 -0.43 10.48
N GLY A 105 22.65 0.14 11.67
CA GLY A 105 23.74 -0.05 12.62
C GLY A 105 23.21 -0.50 13.98
N SER A 106 24.06 -0.38 14.98
CA SER A 106 23.70 -0.77 16.33
C SER A 106 22.58 0.11 16.86
N VAL A 107 21.43 -0.51 17.08
CA VAL A 107 20.27 0.21 17.58
C VAL A 107 20.00 -0.22 19.03
N GLU A 108 20.83 0.30 19.92
CA GLU A 108 20.68 -0.02 21.34
C GLU A 108 19.23 0.17 21.78
N GLY A 1 -9.58 -16.92 0.45
CA GLY A 1 -8.18 -17.28 0.64
C GLY A 1 -7.66 -16.79 1.99
N PRO A 2 -6.40 -17.18 2.30
CA PRO A 2 -5.78 -16.78 3.56
C PRO A 2 -5.33 -15.31 3.50
N LEU A 3 -4.09 -15.11 3.07
CA LEU A 3 -3.54 -13.77 2.96
C LEU A 3 -3.19 -13.49 1.51
N GLY A 4 -2.57 -12.34 1.29
CA GLY A 4 -2.17 -11.94 -0.05
C GLY A 4 -2.70 -10.54 -0.38
N SER A 5 -3.53 -10.04 0.52
CA SER A 5 -4.11 -8.72 0.33
C SER A 5 -3.96 -7.89 1.62
N LEU A 6 -4.09 -6.58 1.47
CA LEU A 6 -3.98 -5.69 2.61
C LEU A 6 -5.05 -4.61 2.51
N TYR A 7 -5.75 -4.40 3.62
CA TYR A 7 -6.81 -3.41 3.66
C TYR A 7 -6.53 -2.37 4.75
N ALA A 8 -6.47 -1.11 4.33
CA ALA A 8 -6.22 -0.02 5.26
C ALA A 8 -7.42 0.92 5.27
N ILE A 9 -7.39 1.84 6.22
CA ILE A 9 -8.47 2.81 6.35
C ILE A 9 -7.89 4.18 6.73
N VAL A 10 -8.25 5.18 5.94
CA VAL A 10 -7.77 6.53 6.18
C VAL A 10 -8.45 7.09 7.43
N LEU A 11 -7.65 7.70 8.29
CA LEU A 11 -8.17 8.28 9.52
C LEU A 11 -8.00 9.80 9.46
N TYR A 12 -7.45 10.27 8.35
CA TYR A 12 -7.22 11.69 8.15
C TYR A 12 -7.43 12.08 6.70
N ASP A 13 -7.91 13.30 6.51
CA ASP A 13 -8.16 13.81 5.17
C ASP A 13 -6.83 14.25 4.55
N PHE A 14 -6.25 13.33 3.79
CA PHE A 14 -4.97 13.60 3.14
C PHE A 14 -5.20 14.24 1.77
N LYS A 15 -4.38 15.25 1.48
CA LYS A 15 -4.48 15.94 0.20
C LYS A 15 -3.15 15.81 -0.55
N ALA A 16 -3.16 14.93 -1.55
CA ALA A 16 -1.97 14.70 -2.34
C ALA A 16 -1.27 16.03 -2.62
N GLU A 17 0.05 15.99 -2.55
CA GLU A 17 0.85 17.19 -2.78
C GLU A 17 1.86 16.95 -3.90
N LYS A 18 2.45 15.76 -3.86
CA LYS A 18 3.44 15.39 -4.87
C LYS A 18 2.73 15.03 -6.17
N ALA A 19 3.49 14.47 -7.10
CA ALA A 19 2.95 14.08 -8.38
C ALA A 19 2.37 12.67 -8.27
N ASP A 20 3.13 11.80 -7.64
CA ASP A 20 2.71 10.41 -7.46
C ASP A 20 2.04 10.26 -6.10
N GLU A 21 1.47 11.38 -5.63
CA GLU A 21 0.80 11.38 -4.34
C GLU A 21 -0.71 11.20 -4.54
N LEU A 22 -1.30 10.42 -3.63
CA LEU A 22 -2.73 10.17 -3.70
C LEU A 22 -3.45 11.03 -2.65
N THR A 23 -4.74 11.21 -2.86
CA THR A 23 -5.54 12.01 -1.95
C THR A 23 -6.73 11.18 -1.43
N THR A 24 -7.16 11.51 -0.22
CA THR A 24 -8.27 10.82 0.40
C THR A 24 -8.91 11.70 1.47
N TYR A 25 -9.91 11.12 2.14
CA TYR A 25 -10.60 11.84 3.19
C TYR A 25 -10.51 11.08 4.52
N VAL A 26 -10.67 11.84 5.60
CA VAL A 26 -10.60 11.25 6.93
C VAL A 26 -11.69 10.18 7.07
N GLY A 27 -11.27 9.03 7.56
CA GLY A 27 -12.18 7.91 7.75
C GLY A 27 -12.59 7.31 6.40
N GLU A 28 -11.59 6.84 5.67
CA GLU A 28 -11.83 6.24 4.37
C GLU A 28 -11.28 4.81 4.34
N ASN A 29 -11.70 4.08 3.32
CA ASN A 29 -11.27 2.70 3.17
C ASN A 29 -10.44 2.57 1.88
N LEU A 30 -9.20 2.17 2.05
CA LEU A 30 -8.30 2.00 0.92
C LEU A 30 -7.25 0.94 1.26
N PHE A 31 -6.67 0.37 0.21
CA PHE A 31 -5.66 -0.66 0.37
C PHE A 31 -4.26 -0.11 0.05
N ILE A 32 -3.26 -0.92 0.36
CA ILE A 32 -1.88 -0.54 0.11
C ILE A 32 -1.34 -1.36 -1.06
N CYS A 33 -0.45 -0.72 -1.82
CA CYS A 33 0.15 -1.38 -2.96
C CYS A 33 1.60 -1.73 -2.60
N ALA A 34 2.11 -1.05 -1.59
CA ALA A 34 3.47 -1.28 -1.13
C ALA A 34 3.78 -0.36 0.04
N HIS A 35 5.00 -0.48 0.54
CA HIS A 35 5.42 0.34 1.67
C HIS A 35 6.86 0.83 1.42
N HIS A 36 7.16 1.97 2.02
CA HIS A 36 8.49 2.56 1.88
C HIS A 36 9.05 2.90 3.26
N ASN A 37 10.10 2.19 3.63
CA ASN A 37 10.73 2.40 4.92
C ASN A 37 9.70 2.20 6.04
N CYS A 38 8.65 1.48 5.69
CA CYS A 38 7.59 1.20 6.65
C CYS A 38 7.07 2.54 7.20
N GLU A 39 7.36 3.60 6.44
CA GLU A 39 6.94 4.93 6.84
C GLU A 39 5.94 5.49 5.82
N TRP A 40 6.12 5.08 4.58
CA TRP A 40 5.25 5.52 3.50
C TRP A 40 4.48 4.31 2.96
N PHE A 41 3.37 4.59 2.31
CA PHE A 41 2.55 3.53 1.74
C PHE A 41 2.13 3.87 0.31
N ILE A 42 1.73 2.84 -0.42
CA ILE A 42 1.30 3.01 -1.79
C ILE A 42 -0.23 2.91 -1.87
N ALA A 43 -0.88 4.03 -1.62
CA ALA A 43 -2.34 4.06 -1.66
C ALA A 43 -2.81 3.85 -3.09
N LYS A 44 -4.07 3.46 -3.21
CA LYS A 44 -4.66 3.21 -4.52
C LYS A 44 -6.16 2.99 -4.36
N PRO A 45 -6.91 3.32 -5.44
CA PRO A 45 -8.36 3.15 -5.44
C PRO A 45 -8.75 1.68 -5.58
N ILE A 46 -10.00 1.47 -5.91
CA ILE A 46 -10.51 0.12 -6.08
C ILE A 46 -10.81 -0.13 -7.56
N GLY A 47 -10.98 0.96 -8.29
CA GLY A 47 -11.27 0.88 -9.70
C GLY A 47 -11.12 2.25 -10.38
N ARG A 48 -10.00 2.90 -10.08
CA ARG A 48 -9.72 4.22 -10.64
C ARG A 48 -8.26 4.31 -11.05
N LEU A 49 -7.98 5.26 -11.94
CA LEU A 49 -6.63 5.46 -12.43
C LEU A 49 -5.93 6.50 -11.55
N GLY A 50 -6.51 6.72 -10.37
CA GLY A 50 -5.95 7.68 -9.44
C GLY A 50 -4.63 7.18 -8.86
N GLY A 51 -4.66 5.94 -8.35
CA GLY A 51 -3.48 5.34 -7.78
C GLY A 51 -2.66 4.60 -8.83
N PRO A 52 -1.54 3.99 -8.37
CA PRO A 52 -1.18 4.06 -6.96
C PRO A 52 -0.62 5.44 -6.61
N GLY A 53 -0.42 5.64 -5.31
CA GLY A 53 0.12 6.91 -4.83
C GLY A 53 0.77 6.74 -3.45
N LEU A 54 1.68 7.65 -3.16
CA LEU A 54 2.39 7.62 -1.89
C LEU A 54 1.53 8.30 -0.81
N VAL A 55 1.45 7.63 0.33
CA VAL A 55 0.67 8.16 1.44
C VAL A 55 1.38 7.83 2.76
N PRO A 56 1.15 8.71 3.77
CA PRO A 56 1.75 8.51 5.08
C PRO A 56 1.06 7.39 5.85
N VAL A 57 1.77 6.87 6.82
CA VAL A 57 1.24 5.78 7.64
C VAL A 57 0.40 6.38 8.77
N GLY A 58 0.66 7.64 9.06
CA GLY A 58 -0.07 8.33 10.11
C GLY A 58 -1.42 8.85 9.61
N PHE A 59 -1.79 8.37 8.41
CA PHE A 59 -3.05 8.77 7.82
C PHE A 59 -3.84 7.55 7.35
N VAL A 60 -3.28 6.38 7.62
CA VAL A 60 -3.92 5.13 7.23
C VAL A 60 -3.79 4.11 8.37
N SER A 61 -4.82 3.29 8.51
CA SER A 61 -4.83 2.28 9.55
C SER A 61 -5.26 0.93 8.96
N ILE A 62 -4.48 -0.08 9.30
CA ILE A 62 -4.76 -1.43 8.81
C ILE A 62 -5.81 -2.08 9.73
N ILE A 63 -6.59 -2.97 9.13
CA ILE A 63 -7.63 -3.66 9.87
C ILE A 63 -7.94 -5.00 9.19
N ASP A 64 -7.66 -6.08 9.91
CA ASP A 64 -7.90 -7.41 9.37
C ASP A 64 -9.31 -7.46 8.78
N ILE A 65 -9.59 -8.59 8.12
CA ILE A 65 -10.89 -8.79 7.51
C ILE A 65 -11.94 -8.99 8.60
N ALA A 66 -12.80 -7.98 8.75
CA ALA A 66 -13.85 -8.03 9.75
C ALA A 66 -14.93 -7.01 9.39
N THR A 67 -16.04 -7.09 10.11
CA THR A 67 -17.16 -6.18 9.88
C THR A 67 -16.69 -4.73 9.99
N GLY A 68 -15.63 -4.54 10.76
CA GLY A 68 -15.07 -3.21 10.95
C GLY A 68 -14.59 -3.02 12.40
N TYR A 69 -13.61 -3.84 12.77
CA TYR A 69 -13.07 -3.78 14.11
C TYR A 69 -11.53 -3.78 14.07
N ALA A 70 -10.94 -3.51 15.22
CA ALA A 70 -9.49 -3.49 15.33
C ALA A 70 -9.03 -4.58 16.30
N THR A 71 -8.08 -5.38 15.84
CA THR A 71 -7.54 -6.46 16.65
C THR A 71 -6.38 -5.95 17.50
N GLY A 72 -5.62 -5.03 16.93
CA GLY A 72 -4.48 -4.46 17.64
C GLY A 72 -3.18 -4.83 16.93
N ASN A 73 -3.30 -5.18 15.66
CA ASN A 73 -2.14 -5.55 14.87
C ASN A 73 -1.47 -4.29 14.31
N ASP A 74 -0.30 -4.49 13.72
CA ASP A 74 0.44 -3.38 13.15
C ASP A 74 0.47 -3.52 11.63
N VAL A 75 0.88 -2.44 10.98
CA VAL A 75 0.96 -2.44 9.52
C VAL A 75 2.23 -3.15 9.08
N ILE A 76 3.32 -2.84 9.77
CA ILE A 76 4.60 -3.45 9.46
C ILE A 76 4.44 -4.97 9.41
N GLU A 77 3.90 -5.50 10.49
CA GLU A 77 3.68 -6.94 10.59
C GLU A 77 2.71 -7.41 9.50
N ASP A 78 1.78 -6.53 9.16
CA ASP A 78 0.80 -6.84 8.15
C ASP A 78 1.46 -6.78 6.77
N ILE A 79 2.53 -6.00 6.69
CA ILE A 79 3.25 -5.86 5.45
C ILE A 79 4.03 -7.14 5.16
N LYS A 80 4.51 -7.76 6.23
CA LYS A 80 5.26 -8.99 6.11
C LYS A 80 4.29 -10.16 5.88
N SER A 81 3.10 -10.00 6.42
CA SER A 81 2.08 -11.04 6.29
C SER A 81 1.88 -11.37 4.81
N VAL A 82 1.88 -10.33 4.00
CA VAL A 82 1.70 -10.51 2.57
C VAL A 82 3.03 -10.27 1.85
N ASN A 83 4.11 -10.37 2.61
CA ASN A 83 5.44 -10.18 2.07
C ASN A 83 5.42 -8.97 1.13
N LEU A 84 4.52 -8.04 1.42
CA LEU A 84 4.39 -6.84 0.60
C LEU A 84 5.77 -6.25 0.36
N PRO A 85 6.18 -6.25 -0.94
CA PRO A 85 7.47 -5.71 -1.32
C PRO A 85 7.46 -4.18 -1.29
N THR A 86 8.61 -3.62 -0.93
CA THR A 86 8.75 -2.17 -0.86
C THR A 86 8.39 -1.54 -2.21
N VAL A 87 7.86 -0.32 -2.12
CA VAL A 87 7.48 0.41 -3.32
C VAL A 87 8.61 0.36 -4.34
N GLN A 88 9.82 0.26 -3.82
CA GLN A 88 11.01 0.21 -4.67
C GLN A 88 11.20 -1.21 -5.22
N GLU A 89 11.06 -2.19 -4.33
CA GLU A 89 11.21 -3.58 -4.72
C GLU A 89 10.21 -3.93 -5.82
N TRP A 90 9.08 -3.25 -5.78
CA TRP A 90 8.03 -3.48 -6.76
C TRP A 90 8.44 -2.80 -8.07
N LYS A 91 8.58 -1.48 -7.99
CA LYS A 91 8.96 -0.70 -9.15
C LYS A 91 10.22 -1.31 -9.77
N SER A 92 10.99 -1.99 -8.93
CA SER A 92 12.21 -2.62 -9.38
C SER A 92 11.90 -3.90 -10.15
N ASN A 93 10.86 -4.59 -9.68
CA ASN A 93 10.44 -5.83 -10.31
C ASN A 93 9.72 -5.51 -11.62
N ILE A 94 9.03 -4.37 -11.62
CA ILE A 94 8.29 -3.94 -12.79
C ILE A 94 9.16 -4.14 -14.04
N ALA A 95 8.75 -5.10 -14.85
CA ALA A 95 9.48 -5.40 -16.08
C ALA A 95 8.50 -5.93 -17.12
N ARG A 96 9.05 -6.30 -18.27
CA ARG A 96 8.25 -6.83 -19.36
C ARG A 96 9.12 -7.60 -20.34
N TYR A 97 8.46 -8.36 -21.20
CA TYR A 97 9.17 -9.15 -22.21
C TYR A 97 10.50 -8.48 -22.59
N LYS A 98 11.56 -8.94 -21.95
CA LYS A 98 12.88 -8.40 -22.22
C LYS A 98 13.88 -9.55 -22.36
N ALA A 99 14.43 -9.68 -23.56
CA ALA A 99 15.38 -10.73 -23.85
C ALA A 99 16.47 -10.72 -22.77
N SER A 100 16.47 -11.78 -21.97
CA SER A 100 17.45 -11.92 -20.90
C SER A 100 17.68 -13.40 -20.59
N ASN A 101 18.78 -13.65 -19.89
CA ASN A 101 19.13 -15.02 -19.53
C ASN A 101 19.46 -15.06 -18.02
N ILE A 102 18.60 -15.73 -17.28
CA ILE A 102 18.79 -15.86 -15.85
C ILE A 102 19.50 -17.18 -15.55
N SER A 103 19.16 -18.19 -16.34
CA SER A 103 19.76 -19.50 -16.16
C SER A 103 20.92 -19.69 -17.15
N LEU A 104 22.12 -19.44 -16.65
CA LEU A 104 23.31 -19.57 -17.48
C LEU A 104 24.10 -20.80 -17.03
N GLY A 105 24.32 -21.70 -17.97
CA GLY A 105 25.06 -22.92 -17.69
C GLY A 105 24.33 -23.77 -16.64
N SER A 106 24.41 -25.07 -16.83
CA SER A 106 23.77 -26.01 -15.91
C SER A 106 24.57 -27.31 -15.85
N VAL A 107 24.93 -27.69 -14.63
CA VAL A 107 25.69 -28.91 -14.42
C VAL A 107 25.85 -29.15 -12.92
N GLU A 108 26.30 -30.36 -12.59
CA GLU A 108 26.50 -30.73 -11.20
C GLU A 108 27.80 -30.13 -10.68
#